data_2ED2
#
_entry.id   2ED2
#
_entity_poly.entity_id   1
_entity_poly.type   'polypeptide(L)'
_entity_poly.pdbx_seq_one_letter_code
;GSSGSSGLRKMVDQLFCKKFAEALGSTEAKAVPYQKFEAHPNDLYVEGLPENIPFRSPSWYGIPRLEKIIQVGNRIKFVI
KRPELLTHSTTEVSGPSSG
;
_entity_poly.pdbx_strand_id   A
#
# COMPACT_ATOMS: atom_id res chain seq x y z
N GLY A 1 -11.23 3.44 -4.87
CA GLY A 1 -10.54 2.95 -6.06
C GLY A 1 -11.34 3.28 -7.32
N SER A 2 -10.76 4.14 -8.14
CA SER A 2 -11.40 4.54 -9.38
C SER A 2 -10.57 4.08 -10.57
N SER A 3 -11.24 3.89 -11.69
CA SER A 3 -10.58 3.46 -12.91
C SER A 3 -9.75 4.60 -13.49
N GLY A 4 -8.50 4.28 -13.78
CA GLY A 4 -7.59 5.27 -14.34
C GLY A 4 -6.18 5.09 -13.78
N SER A 5 -5.85 5.96 -12.84
CA SER A 5 -4.53 5.91 -12.21
C SER A 5 -3.44 5.83 -13.28
N SER A 6 -2.88 6.99 -13.60
CA SER A 6 -1.84 7.07 -14.60
C SER A 6 -0.48 7.28 -13.93
N GLY A 7 0.46 6.42 -14.29
CA GLY A 7 1.80 6.50 -13.72
C GLY A 7 2.05 5.36 -12.75
N LEU A 8 3.03 4.53 -13.09
CA LEU A 8 3.38 3.40 -12.25
C LEU A 8 3.29 3.81 -10.78
N ARG A 9 4.17 4.72 -10.40
CA ARG A 9 4.21 5.21 -9.03
C ARG A 9 2.78 5.32 -8.47
N LYS A 10 1.97 6.09 -9.18
CA LYS A 10 0.58 6.29 -8.77
C LYS A 10 -0.11 4.93 -8.66
N MET A 11 -0.16 4.23 -9.78
CA MET A 11 -0.79 2.92 -9.81
C MET A 11 -0.33 2.05 -8.63
N VAL A 12 0.98 1.88 -8.55
CA VAL A 12 1.56 1.08 -7.48
C VAL A 12 1.03 1.58 -6.13
N ASP A 13 1.17 2.88 -5.93
CA ASP A 13 0.70 3.49 -4.70
C ASP A 13 -0.71 3.00 -4.38
N GLN A 14 -1.58 3.13 -5.38
CA GLN A 14 -2.96 2.70 -5.23
C GLN A 14 -3.03 1.19 -4.99
N LEU A 15 -2.32 0.45 -5.84
CA LEU A 15 -2.30 -0.99 -5.73
C LEU A 15 -2.19 -1.39 -4.26
N PHE A 16 -1.09 -0.98 -3.65
CA PHE A 16 -0.84 -1.29 -2.25
C PHE A 16 -1.98 -0.75 -1.37
N CYS A 17 -2.25 0.53 -1.53
CA CYS A 17 -3.30 1.17 -0.76
C CYS A 17 -4.51 0.23 -0.72
N LYS A 18 -4.91 -0.23 -1.90
CA LYS A 18 -6.04 -1.13 -2.00
C LYS A 18 -5.75 -2.40 -1.22
N LYS A 19 -4.80 -3.18 -1.73
CA LYS A 19 -4.42 -4.42 -1.08
C LYS A 19 -4.38 -4.21 0.44
N PHE A 20 -3.57 -3.26 0.85
CA PHE A 20 -3.44 -2.95 2.27
C PHE A 20 -4.81 -2.84 2.94
N ALA A 21 -5.73 -2.21 2.23
CA ALA A 21 -7.08 -2.03 2.75
C ALA A 21 -7.75 -3.40 2.89
N GLU A 22 -7.69 -4.16 1.81
CA GLU A 22 -8.28 -5.48 1.80
C GLU A 22 -8.05 -6.18 3.14
N ALA A 23 -6.76 -6.35 3.47
CA ALA A 23 -6.39 -7.00 4.71
C ALA A 23 -7.07 -6.27 5.88
N LEU A 24 -7.08 -4.95 5.80
CA LEU A 24 -7.69 -4.14 6.84
C LEU A 24 -9.20 -4.35 6.82
N GLY A 25 -9.69 -4.84 5.68
CA GLY A 25 -11.11 -5.09 5.52
C GLY A 25 -11.88 -3.77 5.37
N SER A 26 -11.44 -2.98 4.39
CA SER A 26 -12.08 -1.70 4.14
C SER A 26 -12.53 -1.64 2.67
N THR A 27 -13.49 -0.74 2.42
CA THR A 27 -14.01 -0.57 1.08
C THR A 27 -13.22 0.50 0.33
N GLU A 28 -12.96 1.59 1.02
CA GLU A 28 -12.20 2.69 0.43
C GLU A 28 -10.70 2.43 0.54
N ALA A 29 -9.94 3.22 -0.19
CA ALA A 29 -8.49 3.09 -0.19
C ALA A 29 -7.92 3.87 1.00
N LYS A 30 -6.71 3.47 1.40
CA LYS A 30 -6.04 4.12 2.51
C LYS A 30 -4.55 4.24 2.20
N ALA A 31 -3.86 4.98 3.05
CA ALA A 31 -2.43 5.18 2.88
C ALA A 31 -1.68 4.11 3.66
N VAL A 32 -0.80 3.42 2.95
CA VAL A 32 0.00 2.37 3.56
C VAL A 32 1.07 2.99 4.46
N PRO A 33 0.93 2.74 5.79
CA PRO A 33 1.89 3.27 6.75
C PRO A 33 3.21 2.50 6.70
N TYR A 34 3.98 2.77 5.66
CA TYR A 34 5.26 2.11 5.49
C TYR A 34 6.05 2.12 6.80
N GLN A 35 5.74 3.08 7.65
CA GLN A 35 6.41 3.21 8.92
C GLN A 35 6.05 2.04 9.84
N LYS A 36 4.76 1.88 10.06
CA LYS A 36 4.27 0.80 10.91
C LYS A 36 4.87 -0.52 10.44
N PHE A 37 4.96 -0.66 9.12
CA PHE A 37 5.52 -1.88 8.54
C PHE A 37 7.03 -1.94 8.75
N GLU A 38 7.62 -0.77 8.93
CA GLU A 38 9.06 -0.68 9.15
C GLU A 38 9.39 -0.94 10.62
N ALA A 39 8.60 -0.33 11.49
CA ALA A 39 8.80 -0.50 12.92
C ALA A 39 8.22 -1.84 13.37
N HIS A 40 7.46 -2.45 12.47
CA HIS A 40 6.84 -3.73 12.75
C HIS A 40 6.72 -4.54 11.46
N PRO A 41 7.91 -4.89 10.89
CA PRO A 41 7.94 -5.67 9.66
C PRO A 41 7.59 -7.13 9.92
N ASN A 42 7.78 -7.54 11.17
CA ASN A 42 7.49 -8.91 11.56
C ASN A 42 5.98 -9.07 11.77
N ASP A 43 5.35 -7.95 12.11
CA ASP A 43 3.91 -7.95 12.34
C ASP A 43 3.20 -7.43 11.10
N LEU A 44 3.55 -6.21 10.72
CA LEU A 44 2.95 -5.59 9.55
C LEU A 44 3.90 -5.74 8.35
N TYR A 45 3.42 -6.45 7.35
CA TYR A 45 4.20 -6.68 6.15
C TYR A 45 3.31 -7.03 4.96
N VAL A 46 3.95 -7.41 3.87
CA VAL A 46 3.22 -7.77 2.66
C VAL A 46 3.72 -9.14 2.17
N GLU A 47 2.85 -9.81 1.43
CA GLU A 47 3.17 -11.12 0.89
C GLU A 47 2.89 -11.18 -0.60
N GLY A 48 3.45 -12.19 -1.26
CA GLY A 48 3.27 -12.35 -2.68
C GLY A 48 4.01 -11.26 -3.46
N LEU A 49 5.10 -10.79 -2.88
CA LEU A 49 5.90 -9.76 -3.51
C LEU A 49 6.88 -10.41 -4.48
N PRO A 50 7.45 -9.56 -5.38
CA PRO A 50 8.41 -10.03 -6.36
C PRO A 50 9.77 -10.31 -5.71
N GLU A 51 10.46 -11.29 -6.26
CA GLU A 51 11.76 -11.67 -5.75
C GLU A 51 12.78 -10.55 -6.00
N ASN A 52 13.69 -10.40 -5.06
CA ASN A 52 14.72 -9.38 -5.17
C ASN A 52 14.06 -7.99 -5.16
N ILE A 53 12.92 -7.92 -4.50
CA ILE A 53 12.17 -6.67 -4.41
C ILE A 53 11.53 -6.56 -3.04
N PRO A 54 12.03 -5.57 -2.24
CA PRO A 54 11.52 -5.34 -0.90
C PRO A 54 10.15 -4.66 -0.95
N PHE A 55 9.71 -4.21 0.21
CA PHE A 55 8.43 -3.53 0.31
C PHE A 55 8.61 -2.08 0.78
N ARG A 56 8.68 -1.19 -0.19
CA ARG A 56 8.84 0.22 0.10
C ARG A 56 7.88 1.07 -0.73
N SER A 57 7.97 2.37 -0.57
CA SER A 57 7.12 3.29 -1.30
C SER A 57 7.36 3.14 -2.81
N PRO A 58 6.35 3.60 -3.59
CA PRO A 58 6.44 3.51 -5.04
C PRO A 58 7.39 4.57 -5.59
N SER A 59 7.58 5.62 -4.81
CA SER A 59 8.47 6.70 -5.20
C SER A 59 9.92 6.23 -5.16
N TRP A 60 10.10 5.01 -4.66
CA TRP A 60 11.43 4.44 -4.55
C TRP A 60 11.59 3.40 -5.67
N TYR A 61 10.67 2.45 -5.68
CA TYR A 61 10.69 1.41 -6.69
C TYR A 61 11.11 1.97 -8.06
N GLY A 62 11.91 1.18 -8.76
CA GLY A 62 12.40 1.58 -10.07
C GLY A 62 11.25 1.64 -11.07
N ILE A 63 11.58 2.11 -12.27
CA ILE A 63 10.59 2.21 -13.34
C ILE A 63 10.07 0.82 -13.68
N PRO A 64 11.04 -0.12 -13.89
CA PRO A 64 10.69 -1.49 -14.24
C PRO A 64 10.16 -2.24 -13.01
N ARG A 65 10.71 -1.87 -11.85
CA ARG A 65 10.31 -2.50 -10.61
C ARG A 65 8.79 -2.36 -10.40
N LEU A 66 8.33 -1.12 -10.49
CA LEU A 66 6.91 -0.84 -10.32
C LEU A 66 6.09 -1.87 -11.10
N GLU A 67 6.19 -1.77 -12.41
CA GLU A 67 5.46 -2.67 -13.29
C GLU A 67 5.53 -4.11 -12.74
N LYS A 68 6.76 -4.60 -12.63
CA LYS A 68 6.98 -5.94 -12.13
C LYS A 68 6.02 -6.22 -10.98
N ILE A 69 5.98 -5.28 -10.03
CA ILE A 69 5.11 -5.41 -8.88
C ILE A 69 3.65 -5.44 -9.35
N ILE A 70 3.33 -4.51 -10.23
CA ILE A 70 1.97 -4.44 -10.76
C ILE A 70 1.59 -5.78 -11.37
N GLN A 71 2.55 -6.38 -12.07
CA GLN A 71 2.32 -7.66 -12.71
C GLN A 71 1.92 -8.71 -11.67
N VAL A 72 2.57 -8.63 -10.52
CA VAL A 72 2.30 -9.56 -9.44
C VAL A 72 1.37 -8.89 -8.42
N GLY A 73 0.86 -7.73 -8.80
CA GLY A 73 -0.04 -6.99 -7.93
C GLY A 73 -1.37 -7.70 -7.78
N ASN A 74 -1.53 -8.78 -8.54
CA ASN A 74 -2.75 -9.57 -8.49
C ASN A 74 -2.56 -10.74 -7.53
N ARG A 75 -1.31 -10.94 -7.14
CA ARG A 75 -0.97 -12.02 -6.23
C ARG A 75 -0.50 -11.46 -4.89
N ILE A 76 -0.29 -10.15 -4.87
CA ILE A 76 0.16 -9.48 -3.66
C ILE A 76 -0.81 -9.78 -2.51
N LYS A 77 -0.29 -9.70 -1.31
CA LYS A 77 -1.10 -9.96 -0.13
C LYS A 77 -0.60 -9.10 1.02
N PHE A 78 -1.54 -8.71 1.88
CA PHE A 78 -1.22 -7.88 3.03
C PHE A 78 -1.68 -8.54 4.33
N VAL A 79 -0.71 -8.76 5.21
CA VAL A 79 -1.00 -9.39 6.49
C VAL A 79 -1.01 -8.31 7.58
N ILE A 80 -2.07 -8.32 8.38
CA ILE A 80 -2.19 -7.36 9.46
C ILE A 80 -2.11 -8.09 10.80
N LYS A 81 -0.91 -8.52 11.13
CA LYS A 81 -0.68 -9.23 12.38
C LYS A 81 -1.20 -8.39 13.54
N ARG A 82 -0.96 -7.09 13.44
CA ARG A 82 -1.40 -6.16 14.48
C ARG A 82 -1.89 -4.85 13.85
N PRO A 83 -3.22 -4.80 13.61
CA PRO A 83 -3.84 -3.62 13.02
C PRO A 83 -3.93 -2.48 14.04
N GLU A 84 -3.98 -2.86 15.31
CA GLU A 84 -4.08 -1.89 16.38
C GLU A 84 -2.97 -0.84 16.24
N LEU A 85 -1.82 -1.30 15.79
CA LEU A 85 -0.68 -0.41 15.62
C LEU A 85 -1.13 0.82 14.81
N LEU A 86 -2.00 0.57 13.85
CA LEU A 86 -2.52 1.64 13.01
C LEU A 86 -3.44 2.53 13.84
N THR A 87 -4.12 1.92 14.79
CA THR A 87 -5.04 2.64 15.66
C THR A 87 -6.06 3.39 14.81
N HIS A 88 -7.07 2.66 14.36
CA HIS A 88 -8.12 3.26 13.54
C HIS A 88 -7.51 3.87 12.28
N SER A 89 -8.39 4.43 11.46
CA SER A 89 -7.94 5.05 10.22
C SER A 89 -8.50 6.48 10.13
N THR A 90 -9.82 6.56 10.10
CA THR A 90 -10.49 7.85 10.00
C THR A 90 -9.92 8.81 11.04
N THR A 91 -9.90 10.09 10.68
CA THR A 91 -9.39 11.11 11.57
C THR A 91 -9.75 12.51 11.04
N GLU A 92 -11.05 12.70 10.83
CA GLU A 92 -11.55 13.97 10.33
C GLU A 92 -10.78 14.38 9.07
N VAL A 93 -11.16 13.76 7.97
CA VAL A 93 -10.51 14.06 6.69
C VAL A 93 -11.40 13.56 5.55
N SER A 94 -11.58 14.43 4.57
CA SER A 94 -12.41 14.09 3.41
C SER A 94 -11.79 14.68 2.14
N GLY A 95 -10.98 13.85 1.49
CA GLY A 95 -10.32 14.27 0.27
C GLY A 95 -8.81 14.04 0.35
N PRO A 96 -8.15 14.16 -0.84
CA PRO A 96 -6.71 13.96 -0.90
C PRO A 96 -5.97 15.16 -0.32
N SER A 97 -5.50 14.99 0.92
CA SER A 97 -4.78 16.04 1.60
C SER A 97 -3.28 15.90 1.34
N SER A 98 -2.68 17.01 0.92
CA SER A 98 -1.25 17.02 0.65
C SER A 98 -0.98 16.31 -0.68
N GLY A 99 -1.37 15.05 -0.74
CA GLY A 99 -1.18 14.26 -1.94
C GLY A 99 -1.23 12.76 -1.63
N GLY A 1 -8.67 8.85 0.23
CA GLY A 1 -9.31 8.99 -1.06
C GLY A 1 -8.27 8.99 -2.19
N SER A 2 -8.44 9.94 -3.11
CA SER A 2 -7.54 10.05 -4.24
C SER A 2 -7.56 8.77 -5.07
N SER A 3 -8.45 8.75 -6.04
CA SER A 3 -8.57 7.60 -6.91
C SER A 3 -8.06 7.94 -8.31
N GLY A 4 -7.91 6.89 -9.12
CA GLY A 4 -7.42 7.06 -10.47
C GLY A 4 -6.41 5.97 -10.84
N SER A 5 -6.20 5.81 -12.14
CA SER A 5 -5.26 4.82 -12.62
C SER A 5 -4.39 5.41 -13.72
N SER A 6 -3.11 5.58 -13.39
CA SER A 6 -2.15 6.14 -14.34
C SER A 6 -0.84 6.44 -13.63
N GLY A 7 0.25 6.00 -14.26
CA GLY A 7 1.57 6.21 -13.70
C GLY A 7 1.93 5.11 -12.70
N LEU A 8 2.94 4.33 -13.05
CA LEU A 8 3.39 3.25 -12.20
C LEU A 8 3.32 3.69 -10.74
N ARG A 9 4.17 4.64 -10.41
CA ARG A 9 4.22 5.17 -9.05
C ARG A 9 2.81 5.27 -8.47
N LYS A 10 1.98 6.07 -9.14
CA LYS A 10 0.62 6.26 -8.69
C LYS A 10 -0.07 4.90 -8.58
N MET A 11 -0.08 4.18 -9.70
CA MET A 11 -0.70 2.86 -9.74
C MET A 11 -0.23 2.01 -8.55
N VAL A 12 1.07 1.74 -8.53
CA VAL A 12 1.65 0.94 -7.47
C VAL A 12 1.12 1.43 -6.12
N ASP A 13 1.16 2.74 -5.94
CA ASP A 13 0.68 3.34 -4.71
C ASP A 13 -0.73 2.83 -4.40
N GLN A 14 -1.65 3.15 -5.28
CA GLN A 14 -3.03 2.72 -5.11
C GLN A 14 -3.09 1.22 -4.87
N LEU A 15 -2.38 0.48 -5.70
CA LEU A 15 -2.34 -0.97 -5.58
C LEU A 15 -2.21 -1.35 -4.11
N PHE A 16 -1.11 -0.94 -3.52
CA PHE A 16 -0.85 -1.22 -2.12
C PHE A 16 -1.97 -0.68 -1.23
N CYS A 17 -2.40 0.53 -1.55
CA CYS A 17 -3.47 1.17 -0.78
C CYS A 17 -4.65 0.21 -0.73
N LYS A 18 -5.05 -0.27 -1.90
CA LYS A 18 -6.16 -1.18 -2.00
C LYS A 18 -5.85 -2.46 -1.21
N LYS A 19 -4.90 -3.22 -1.73
CA LYS A 19 -4.50 -4.46 -1.08
C LYS A 19 -4.42 -4.24 0.43
N PHE A 20 -3.75 -3.16 0.80
CA PHE A 20 -3.59 -2.83 2.21
C PHE A 20 -4.96 -2.75 2.91
N ALA A 21 -5.87 -2.04 2.26
CA ALA A 21 -7.21 -1.87 2.80
C ALA A 21 -7.88 -3.24 2.90
N GLU A 22 -7.77 -4.00 1.83
CA GLU A 22 -8.36 -5.33 1.79
C GLU A 22 -8.12 -6.06 3.10
N ALA A 23 -6.85 -6.20 3.44
CA ALA A 23 -6.47 -6.88 4.67
C ALA A 23 -7.15 -6.19 5.86
N LEU A 24 -7.20 -4.86 5.78
CA LEU A 24 -7.81 -4.08 6.84
C LEU A 24 -9.33 -4.29 6.81
N GLY A 25 -9.80 -4.78 5.67
CA GLY A 25 -11.22 -5.03 5.51
C GLY A 25 -11.98 -3.73 5.22
N SER A 26 -11.47 -2.98 4.24
CA SER A 26 -12.08 -1.73 3.86
C SER A 26 -12.41 -1.73 2.37
N THR A 27 -13.24 -0.78 1.97
CA THR A 27 -13.64 -0.66 0.58
C THR A 27 -12.74 0.35 -0.14
N GLU A 28 -12.70 1.56 0.40
CA GLU A 28 -11.89 2.62 -0.17
C GLU A 28 -10.41 2.36 0.09
N ALA A 29 -9.58 3.13 -0.60
CA ALA A 29 -8.14 2.99 -0.46
C ALA A 29 -7.71 3.66 0.85
N LYS A 30 -6.59 3.17 1.38
CA LYS A 30 -6.06 3.71 2.62
C LYS A 30 -4.58 4.04 2.44
N ALA A 31 -4.05 4.82 3.36
CA ALA A 31 -2.66 5.21 3.31
C ALA A 31 -1.81 4.15 4.02
N VAL A 32 -1.03 3.43 3.22
CA VAL A 32 -0.17 2.38 3.75
C VAL A 32 0.89 3.01 4.65
N PRO A 33 0.78 2.70 5.97
CA PRO A 33 1.72 3.24 6.94
C PRO A 33 3.07 2.51 6.85
N TYR A 34 3.78 2.79 5.77
CA TYR A 34 5.08 2.17 5.56
C TYR A 34 5.90 2.16 6.85
N GLN A 35 5.61 3.11 7.72
CA GLN A 35 6.30 3.21 8.98
C GLN A 35 5.96 2.01 9.88
N LYS A 36 4.67 1.87 10.16
CA LYS A 36 4.21 0.78 11.00
C LYS A 36 4.80 -0.54 10.49
N PHE A 37 4.97 -0.60 9.17
CA PHE A 37 5.53 -1.80 8.55
C PHE A 37 7.04 -1.83 8.69
N GLU A 38 7.62 -0.64 8.82
CA GLU A 38 9.07 -0.52 8.96
C GLU A 38 9.48 -0.80 10.41
N ALA A 39 8.65 -0.34 11.33
CA ALA A 39 8.92 -0.53 12.74
C ALA A 39 8.37 -1.89 13.18
N HIS A 40 7.58 -2.48 12.30
CA HIS A 40 6.98 -3.78 12.58
C HIS A 40 6.80 -4.55 11.28
N PRO A 41 7.95 -4.88 10.63
CA PRO A 41 7.93 -5.62 9.38
C PRO A 41 7.61 -7.10 9.62
N ASN A 42 7.85 -7.53 10.85
CA ASN A 42 7.59 -8.91 11.22
C ASN A 42 6.10 -9.09 11.48
N ASP A 43 5.44 -7.97 11.76
CA ASP A 43 4.01 -8.00 12.03
C ASP A 43 3.26 -7.45 10.82
N LEU A 44 3.61 -6.21 10.47
CA LEU A 44 2.97 -5.55 9.34
C LEU A 44 3.89 -5.65 8.12
N TYR A 45 3.41 -6.35 7.11
CA TYR A 45 4.18 -6.52 5.89
C TYR A 45 3.28 -6.96 4.73
N VAL A 46 3.92 -7.33 3.62
CA VAL A 46 3.19 -7.77 2.45
C VAL A 46 3.73 -9.14 2.02
N GLU A 47 2.88 -9.86 1.29
CA GLU A 47 3.24 -11.18 0.81
C GLU A 47 2.99 -11.28 -0.69
N GLY A 48 3.58 -12.31 -1.29
CA GLY A 48 3.42 -12.53 -2.72
C GLY A 48 4.15 -11.45 -3.53
N LEU A 49 5.22 -10.94 -2.94
CA LEU A 49 6.01 -9.91 -3.58
C LEU A 49 7.03 -10.57 -4.52
N PRO A 50 7.59 -9.72 -5.43
CA PRO A 50 8.57 -10.20 -6.39
C PRO A 50 9.92 -10.44 -5.71
N GLU A 51 10.67 -11.40 -6.26
CA GLU A 51 11.97 -11.73 -5.73
C GLU A 51 12.96 -10.58 -5.98
N ASN A 52 13.78 -10.31 -4.98
CA ASN A 52 14.76 -9.26 -5.08
C ASN A 52 14.06 -7.90 -5.07
N ILE A 53 12.92 -7.88 -4.41
CA ILE A 53 12.13 -6.66 -4.31
C ILE A 53 11.45 -6.60 -2.95
N PRO A 54 11.92 -5.64 -2.10
CA PRO A 54 11.37 -5.48 -0.78
C PRO A 54 10.00 -4.78 -0.84
N PHE A 55 9.57 -4.28 0.31
CA PHE A 55 8.29 -3.59 0.40
C PHE A 55 8.48 -2.14 0.86
N ARG A 56 8.51 -1.25 -0.11
CA ARG A 56 8.68 0.16 0.17
C ARG A 56 7.71 1.00 -0.68
N SER A 57 7.85 2.31 -0.56
CA SER A 57 7.00 3.22 -1.31
C SER A 57 7.28 3.08 -2.81
N PRO A 58 6.29 3.55 -3.61
CA PRO A 58 6.41 3.48 -5.06
C PRO A 58 7.38 4.55 -5.58
N SER A 59 7.54 5.58 -4.77
CA SER A 59 8.42 6.68 -5.13
C SER A 59 9.89 6.21 -5.09
N TRP A 60 10.06 4.99 -4.60
CA TRP A 60 11.39 4.42 -4.48
C TRP A 60 11.57 3.40 -5.62
N TYR A 61 10.64 2.45 -5.66
CA TYR A 61 10.69 1.42 -6.68
C TYR A 61 11.08 2.00 -8.04
N GLY A 62 11.93 1.26 -8.74
CA GLY A 62 12.39 1.69 -10.05
C GLY A 62 11.24 1.71 -11.07
N ILE A 63 11.57 2.17 -12.26
CA ILE A 63 10.57 2.25 -13.33
C ILE A 63 10.09 0.85 -13.67
N PRO A 64 11.08 -0.07 -13.87
CA PRO A 64 10.77 -1.45 -14.20
C PRO A 64 10.26 -2.21 -12.98
N ARG A 65 10.79 -1.83 -11.82
CA ARG A 65 10.39 -2.47 -10.57
C ARG A 65 8.88 -2.36 -10.38
N LEU A 66 8.39 -1.13 -10.47
CA LEU A 66 6.97 -0.88 -10.30
C LEU A 66 6.17 -1.92 -11.10
N GLU A 67 6.23 -1.78 -12.42
CA GLU A 67 5.53 -2.70 -13.30
C GLU A 67 5.61 -4.12 -12.76
N LYS A 68 6.85 -4.60 -12.61
CA LYS A 68 7.08 -5.94 -12.12
C LYS A 68 6.11 -6.23 -10.97
N ILE A 69 6.09 -5.32 -10.01
CA ILE A 69 5.22 -5.46 -8.86
C ILE A 69 3.76 -5.52 -9.33
N ILE A 70 3.42 -4.60 -10.22
CA ILE A 70 2.07 -4.54 -10.75
C ILE A 70 1.71 -5.90 -11.38
N GLN A 71 2.69 -6.48 -12.05
CA GLN A 71 2.49 -7.77 -12.69
C GLN A 71 2.11 -8.82 -11.65
N VAL A 72 2.63 -8.63 -10.45
CA VAL A 72 2.36 -9.56 -9.36
C VAL A 72 1.44 -8.88 -8.34
N GLY A 73 0.91 -7.73 -8.74
CA GLY A 73 0.02 -6.97 -7.88
C GLY A 73 -1.34 -7.67 -7.76
N ASN A 74 -1.48 -8.76 -8.50
CA ASN A 74 -2.72 -9.52 -8.49
C ASN A 74 -2.60 -10.68 -7.50
N ARG A 75 -1.37 -10.90 -7.05
CA ARG A 75 -1.10 -11.97 -6.11
C ARG A 75 -0.67 -11.39 -4.77
N ILE A 76 -0.23 -10.14 -4.80
CA ILE A 76 0.21 -9.47 -3.59
C ILE A 76 -0.77 -9.77 -2.46
N LYS A 77 -0.27 -9.67 -1.24
CA LYS A 77 -1.09 -9.93 -0.06
C LYS A 77 -0.61 -9.03 1.08
N PHE A 78 -1.56 -8.60 1.89
CA PHE A 78 -1.26 -7.75 3.03
C PHE A 78 -1.70 -8.41 4.34
N VAL A 79 -0.71 -8.76 5.14
CA VAL A 79 -0.98 -9.39 6.42
C VAL A 79 -0.94 -8.34 7.53
N ILE A 80 -2.03 -8.27 8.29
CA ILE A 80 -2.12 -7.31 9.37
C ILE A 80 -1.96 -8.05 10.70
N LYS A 81 -0.74 -8.47 10.97
CA LYS A 81 -0.43 -9.18 12.20
C LYS A 81 -0.94 -8.38 13.39
N ARG A 82 -0.65 -7.08 13.37
CA ARG A 82 -1.07 -6.19 14.43
C ARG A 82 -1.63 -4.89 13.86
N PRO A 83 -2.97 -4.89 13.63
CA PRO A 83 -3.63 -3.71 13.09
C PRO A 83 -3.76 -2.61 14.14
N GLU A 84 -3.90 -3.04 15.38
CA GLU A 84 -4.04 -2.10 16.48
C GLU A 84 -3.03 -0.97 16.34
N LEU A 85 -1.78 -1.34 16.10
CA LEU A 85 -0.72 -0.36 15.93
C LEU A 85 -1.20 0.76 15.02
N LEU A 86 -1.86 0.36 13.93
CA LEU A 86 -2.37 1.32 12.98
C LEU A 86 -3.36 2.26 13.68
N THR A 87 -4.16 1.66 14.54
CA THR A 87 -5.16 2.42 15.29
C THR A 87 -6.11 3.13 14.32
N HIS A 88 -7.19 2.44 13.97
CA HIS A 88 -8.17 3.00 13.06
C HIS A 88 -8.66 4.34 13.60
N SER A 89 -8.60 5.34 12.74
CA SER A 89 -9.04 6.68 13.11
C SER A 89 -9.20 7.54 11.86
N THR A 90 -10.26 7.26 11.11
CA THR A 90 -10.54 8.01 9.89
C THR A 90 -12.05 8.08 9.65
N THR A 91 -12.51 9.29 9.36
CA THR A 91 -13.92 9.50 9.10
C THR A 91 -14.14 9.97 7.66
N GLU A 92 -13.21 10.80 7.20
CA GLU A 92 -13.27 11.33 5.85
C GLU A 92 -14.34 12.43 5.76
N VAL A 93 -14.19 13.28 4.75
CA VAL A 93 -15.12 14.37 4.55
C VAL A 93 -15.39 14.53 3.05
N SER A 94 -16.30 13.71 2.55
CA SER A 94 -16.66 13.76 1.15
C SER A 94 -18.03 13.11 0.94
N GLY A 95 -18.72 13.59 -0.09
CA GLY A 95 -20.04 13.08 -0.41
C GLY A 95 -20.10 12.57 -1.85
N PRO A 96 -20.13 11.22 -1.98
CA PRO A 96 -20.18 10.59 -3.29
C PRO A 96 -21.58 10.72 -3.90
N SER A 97 -22.57 10.27 -3.13
CA SER A 97 -23.95 10.33 -3.58
C SER A 97 -24.24 11.69 -4.19
N SER A 98 -25.34 11.75 -4.93
CA SER A 98 -25.75 12.99 -5.58
C SER A 98 -27.26 13.14 -5.52
N GLY A 99 -27.70 14.37 -5.27
CA GLY A 99 -29.12 14.65 -5.19
C GLY A 99 -29.39 16.16 -5.24
N GLY A 1 -4.19 14.73 -5.20
CA GLY A 1 -5.03 15.66 -5.94
C GLY A 1 -4.86 15.49 -7.45
N SER A 2 -5.88 15.88 -8.18
CA SER A 2 -5.86 15.77 -9.63
C SER A 2 -5.82 14.29 -10.03
N SER A 3 -6.73 13.94 -10.93
CA SER A 3 -6.80 12.57 -11.41
C SER A 3 -5.48 12.17 -12.05
N GLY A 4 -5.13 10.90 -11.86
CA GLY A 4 -3.89 10.38 -12.42
C GLY A 4 -4.16 9.53 -13.67
N SER A 5 -4.89 8.45 -13.46
CA SER A 5 -5.22 7.55 -14.55
C SER A 5 -4.04 6.63 -14.85
N SER A 6 -2.91 7.25 -15.18
CA SER A 6 -1.71 6.49 -15.49
C SER A 6 -0.56 6.94 -14.59
N GLY A 7 0.48 6.14 -14.57
CA GLY A 7 1.64 6.43 -13.74
C GLY A 7 1.91 5.32 -12.74
N LEU A 8 2.90 4.48 -13.08
CA LEU A 8 3.26 3.38 -12.22
C LEU A 8 3.16 3.81 -10.75
N ARG A 9 4.02 4.77 -10.40
CA ARG A 9 4.04 5.29 -9.04
C ARG A 9 2.61 5.38 -8.48
N LYS A 10 1.80 6.16 -9.17
CA LYS A 10 0.41 6.34 -8.75
C LYS A 10 -0.25 4.97 -8.61
N MET A 11 -0.25 4.22 -9.72
CA MET A 11 -0.84 2.90 -9.73
C MET A 11 -0.37 2.08 -8.53
N VAL A 12 0.93 1.86 -8.47
CA VAL A 12 1.52 1.09 -7.39
C VAL A 12 0.98 1.60 -6.05
N ASP A 13 1.02 2.92 -5.90
CA ASP A 13 0.54 3.54 -4.68
C ASP A 13 -0.88 3.05 -4.38
N GLN A 14 -1.69 3.03 -5.42
CA GLN A 14 -3.07 2.59 -5.29
C GLN A 14 -3.11 1.08 -5.02
N LEU A 15 -2.36 0.34 -5.82
CA LEU A 15 -2.30 -1.10 -5.69
C LEU A 15 -2.19 -1.46 -4.21
N PHE A 16 -1.09 -1.02 -3.61
CA PHE A 16 -0.85 -1.30 -2.20
C PHE A 16 -1.99 -0.76 -1.34
N CYS A 17 -2.42 0.44 -1.67
CA CYS A 17 -3.50 1.08 -0.92
C CYS A 17 -4.68 0.11 -0.88
N LYS A 18 -5.05 -0.38 -2.05
CA LYS A 18 -6.16 -1.32 -2.16
C LYS A 18 -5.85 -2.57 -1.35
N LYS A 19 -4.88 -3.34 -1.84
CA LYS A 19 -4.48 -4.56 -1.18
C LYS A 19 -4.43 -4.32 0.34
N PHE A 20 -3.65 -3.32 0.71
CA PHE A 20 -3.50 -2.97 2.12
C PHE A 20 -4.87 -2.83 2.80
N ALA A 21 -5.77 -2.19 2.08
CA ALA A 21 -7.11 -1.98 2.60
C ALA A 21 -7.81 -3.33 2.77
N GLU A 22 -7.67 -4.16 1.74
CA GLU A 22 -8.27 -5.49 1.76
C GLU A 22 -8.00 -6.17 3.09
N ALA A 23 -6.73 -6.26 3.44
CA ALA A 23 -6.32 -6.88 4.69
C ALA A 23 -6.94 -6.12 5.87
N LEU A 24 -7.12 -4.82 5.65
CA LEU A 24 -7.70 -3.97 6.68
C LEU A 24 -9.22 -4.12 6.67
N GLY A 25 -9.72 -4.75 5.61
CA GLY A 25 -11.15 -4.96 5.46
C GLY A 25 -11.89 -3.63 5.39
N SER A 26 -11.46 -2.80 4.44
CA SER A 26 -12.09 -1.49 4.26
C SER A 26 -12.55 -1.34 2.82
N THR A 27 -13.47 -0.40 2.62
CA THR A 27 -14.01 -0.14 1.30
C THR A 27 -13.18 0.92 0.59
N GLU A 28 -12.89 1.99 1.32
CA GLU A 28 -12.10 3.08 0.78
C GLU A 28 -10.61 2.79 0.92
N ALA A 29 -9.83 3.39 0.03
CA ALA A 29 -8.39 3.21 0.05
C ALA A 29 -7.79 4.04 1.19
N LYS A 30 -6.61 3.63 1.63
CA LYS A 30 -5.91 4.32 2.70
C LYS A 30 -4.42 4.38 2.38
N ALA A 31 -3.70 5.13 3.21
CA ALA A 31 -2.27 5.28 3.03
C ALA A 31 -1.55 4.18 3.81
N VAL A 32 -0.74 3.43 3.08
CA VAL A 32 0.02 2.35 3.70
C VAL A 32 1.11 2.93 4.60
N PRO A 33 0.95 2.69 5.92
CA PRO A 33 1.91 3.19 6.90
C PRO A 33 3.20 2.36 6.87
N TYR A 34 4.01 2.64 5.86
CA TYR A 34 5.27 1.93 5.71
C TYR A 34 6.07 1.95 7.01
N GLN A 35 5.73 2.91 7.86
CA GLN A 35 6.41 3.05 9.14
C GLN A 35 6.08 1.86 10.04
N LYS A 36 4.79 1.69 10.28
CA LYS A 36 4.32 0.59 11.13
C LYS A 36 4.87 -0.73 10.59
N PHE A 37 4.95 -0.81 9.28
CA PHE A 37 5.45 -2.01 8.62
C PHE A 37 6.96 -2.12 8.78
N GLU A 38 7.59 -0.97 9.01
CA GLU A 38 9.03 -0.92 9.17
C GLU A 38 9.41 -1.25 10.62
N ALA A 39 8.67 -0.66 11.54
CA ALA A 39 8.92 -0.88 12.96
C ALA A 39 8.33 -2.22 13.37
N HIS A 40 7.52 -2.78 12.48
CA HIS A 40 6.90 -4.07 12.73
C HIS A 40 6.75 -4.85 11.43
N PRO A 41 7.92 -5.21 10.84
CA PRO A 41 7.94 -5.95 9.58
C PRO A 41 7.56 -7.41 9.82
N ASN A 42 7.68 -7.84 11.06
CA ASN A 42 7.36 -9.20 11.43
C ASN A 42 5.84 -9.35 11.53
N ASP A 43 5.21 -8.31 12.06
CA ASP A 43 3.77 -8.31 12.21
C ASP A 43 3.11 -7.67 10.98
N LEU A 44 3.51 -6.44 10.71
CA LEU A 44 2.98 -5.71 9.57
C LEU A 44 3.94 -5.85 8.39
N TYR A 45 3.42 -6.41 7.31
CA TYR A 45 4.22 -6.60 6.11
C TYR A 45 3.34 -6.98 4.92
N VAL A 46 4.00 -7.37 3.84
CA VAL A 46 3.30 -7.76 2.64
C VAL A 46 3.81 -9.12 2.16
N GLU A 47 2.94 -9.83 1.46
CA GLU A 47 3.29 -11.15 0.95
C GLU A 47 3.03 -11.22 -0.56
N GLY A 48 3.59 -12.26 -1.17
CA GLY A 48 3.42 -12.45 -2.60
C GLY A 48 4.16 -11.37 -3.39
N LEU A 49 5.25 -10.89 -2.80
CA LEU A 49 6.04 -9.86 -3.44
C LEU A 49 7.05 -10.51 -4.38
N PRO A 50 7.63 -9.66 -5.28
CA PRO A 50 8.60 -10.14 -6.24
C PRO A 50 9.95 -10.40 -5.57
N GLU A 51 10.74 -11.26 -6.20
CA GLU A 51 12.05 -11.60 -5.68
C GLU A 51 13.04 -10.47 -5.94
N ASN A 52 13.87 -10.20 -4.95
CA ASN A 52 14.86 -9.15 -5.05
C ASN A 52 14.17 -7.79 -5.06
N ILE A 53 13.02 -7.74 -4.38
CA ILE A 53 12.25 -6.52 -4.30
C ILE A 53 11.58 -6.44 -2.92
N PRO A 54 12.05 -5.45 -2.11
CA PRO A 54 11.51 -5.25 -0.78
C PRO A 54 10.13 -4.60 -0.84
N PHE A 55 9.70 -4.08 0.31
CA PHE A 55 8.41 -3.43 0.40
C PHE A 55 8.56 -1.98 0.86
N ARG A 56 8.59 -1.08 -0.11
CA ARG A 56 8.73 0.33 0.19
C ARG A 56 7.75 1.15 -0.67
N SER A 57 7.81 2.47 -0.48
CA SER A 57 6.94 3.36 -1.22
C SER A 57 7.20 3.23 -2.72
N PRO A 58 6.20 3.66 -3.53
CA PRO A 58 6.31 3.59 -4.96
C PRO A 58 7.25 4.68 -5.50
N SER A 59 7.40 5.73 -4.70
CA SER A 59 8.26 6.83 -5.08
C SER A 59 9.73 6.39 -5.06
N TRP A 60 9.93 5.18 -4.56
CA TRP A 60 11.28 4.63 -4.47
C TRP A 60 11.44 3.61 -5.61
N TYR A 61 10.55 2.63 -5.62
CA TYR A 61 10.59 1.61 -6.65
C TYR A 61 10.98 2.19 -8.00
N GLY A 62 11.82 1.46 -8.71
CA GLY A 62 12.28 1.90 -10.02
C GLY A 62 11.12 1.91 -11.02
N ILE A 63 11.45 2.29 -12.25
CA ILE A 63 10.46 2.35 -13.30
C ILE A 63 9.97 0.93 -13.63
N PRO A 64 10.98 0.02 -13.82
CA PRO A 64 10.65 -1.36 -14.14
C PRO A 64 10.17 -2.12 -12.89
N ARG A 65 10.69 -1.70 -11.75
CA ARG A 65 10.32 -2.32 -10.49
C ARG A 65 8.80 -2.21 -10.28
N LEU A 66 8.31 -1.00 -10.39
CA LEU A 66 6.88 -0.75 -10.22
C LEU A 66 6.09 -1.80 -10.99
N GLU A 67 6.22 -1.75 -12.31
CA GLU A 67 5.52 -2.68 -13.17
C GLU A 67 5.64 -4.10 -12.61
N LYS A 68 6.87 -4.54 -12.45
CA LYS A 68 7.14 -5.87 -11.92
C LYS A 68 6.14 -6.18 -10.81
N ILE A 69 6.05 -5.26 -9.86
CA ILE A 69 5.15 -5.43 -8.74
C ILE A 69 3.71 -5.51 -9.26
N ILE A 70 3.38 -4.58 -10.14
CA ILE A 70 2.05 -4.54 -10.72
C ILE A 70 1.74 -5.88 -11.37
N GLN A 71 2.75 -6.43 -12.03
CA GLN A 71 2.60 -7.72 -12.70
C GLN A 71 2.16 -8.79 -11.71
N VAL A 72 2.76 -8.72 -10.52
CA VAL A 72 2.44 -9.69 -9.47
C VAL A 72 1.59 -9.00 -8.40
N GLY A 73 0.99 -7.89 -8.80
CA GLY A 73 0.14 -7.13 -7.89
C GLY A 73 -1.24 -7.76 -7.77
N ASN A 74 -1.39 -8.92 -8.41
CA ASN A 74 -2.65 -9.63 -8.38
C ASN A 74 -2.56 -10.78 -7.37
N ARG A 75 -1.33 -11.10 -6.98
CA ARG A 75 -1.10 -12.16 -6.03
C ARG A 75 -0.65 -11.58 -4.68
N ILE A 76 -0.29 -10.30 -4.71
CA ILE A 76 0.15 -9.62 -3.51
C ILE A 76 -0.81 -9.93 -2.37
N LYS A 77 -0.28 -9.82 -1.16
CA LYS A 77 -1.08 -10.08 0.03
C LYS A 77 -0.60 -9.19 1.17
N PHE A 78 -1.55 -8.80 2.01
CA PHE A 78 -1.24 -7.95 3.15
C PHE A 78 -1.65 -8.60 4.47
N VAL A 79 -0.66 -8.82 5.31
CA VAL A 79 -0.91 -9.45 6.60
C VAL A 79 -0.92 -8.37 7.69
N ILE A 80 -2.04 -8.29 8.39
CA ILE A 80 -2.19 -7.32 9.46
C ILE A 80 -2.12 -8.03 10.81
N LYS A 81 -0.91 -8.42 11.18
CA LYS A 81 -0.70 -9.11 12.44
C LYS A 81 -1.04 -8.17 13.60
N ARG A 82 -1.00 -6.88 13.31
CA ARG A 82 -1.30 -5.87 14.31
C ARG A 82 -1.75 -4.57 13.63
N PRO A 83 -3.08 -4.46 13.40
CA PRO A 83 -3.64 -3.28 12.77
C PRO A 83 -3.67 -2.10 13.75
N GLU A 84 -3.85 -2.43 15.01
CA GLU A 84 -3.91 -1.41 16.05
C GLU A 84 -2.76 -0.42 15.88
N LEU A 85 -1.58 -0.97 15.61
CA LEU A 85 -0.40 -0.16 15.42
C LEU A 85 -0.73 1.01 14.48
N LEU A 86 -1.66 0.74 13.58
CA LEU A 86 -2.08 1.77 12.62
C LEU A 86 -3.05 2.74 13.30
N THR A 87 -3.98 2.16 14.07
CA THR A 87 -4.96 2.96 14.77
C THR A 87 -4.29 4.16 15.45
N HIS A 88 -4.98 5.28 15.41
CA HIS A 88 -4.48 6.50 16.01
C HIS A 88 -3.56 7.22 15.03
N SER A 89 -2.61 6.46 14.48
CA SER A 89 -1.68 7.01 13.52
C SER A 89 -2.15 6.71 12.10
N THR A 90 -2.68 7.75 11.46
CA THR A 90 -3.17 7.61 10.09
C THR A 90 -2.72 8.81 9.24
N THR A 91 -2.52 8.54 7.97
CA THR A 91 -2.09 9.58 7.05
C THR A 91 -3.02 9.62 5.82
N GLU A 92 -3.14 10.81 5.25
CA GLU A 92 -3.98 10.99 4.08
C GLU A 92 -3.24 11.80 3.01
N VAL A 93 -3.87 11.92 1.86
CA VAL A 93 -3.28 12.67 0.76
C VAL A 93 -3.84 14.10 0.76
N SER A 94 -5.15 14.19 0.67
CA SER A 94 -5.83 15.48 0.66
C SER A 94 -7.34 15.30 0.60
N GLY A 95 -7.78 14.65 -0.46
CA GLY A 95 -9.20 14.40 -0.66
C GLY A 95 -9.52 14.14 -2.13
N PRO A 96 -10.73 13.56 -2.36
CA PRO A 96 -11.17 13.26 -3.71
C PRO A 96 -11.61 14.54 -4.43
N SER A 97 -10.71 15.50 -4.48
CA SER A 97 -11.00 16.77 -5.13
C SER A 97 -12.42 17.22 -4.79
N SER A 98 -12.56 17.75 -3.58
CA SER A 98 -13.85 18.23 -3.12
C SER A 98 -13.70 19.56 -2.38
N GLY A 99 -14.21 20.61 -2.98
CA GLY A 99 -14.14 21.93 -2.39
C GLY A 99 -15.48 22.34 -1.79
N GLY A 1 -12.27 10.36 -1.94
CA GLY A 1 -10.94 10.18 -2.50
C GLY A 1 -10.98 10.23 -4.03
N SER A 2 -11.13 9.06 -4.63
CA SER A 2 -11.19 8.96 -6.08
C SER A 2 -9.88 9.45 -6.69
N SER A 3 -9.50 8.83 -7.78
CA SER A 3 -8.26 9.19 -8.47
C SER A 3 -8.17 8.46 -9.81
N GLY A 4 -7.31 8.98 -10.67
CA GLY A 4 -7.12 8.39 -11.98
C GLY A 4 -6.06 7.29 -11.94
N SER A 5 -5.53 6.97 -13.12
CA SER A 5 -4.51 5.94 -13.22
C SER A 5 -3.56 6.27 -14.38
N SER A 6 -2.50 6.98 -14.04
CA SER A 6 -1.50 7.36 -15.03
C SER A 6 -0.14 7.54 -14.37
N GLY A 7 0.65 6.47 -14.42
CA GLY A 7 1.98 6.50 -13.82
C GLY A 7 2.16 5.35 -12.83
N LEU A 8 3.12 4.49 -13.15
CA LEU A 8 3.40 3.34 -12.30
C LEU A 8 3.24 3.75 -10.83
N ARG A 9 4.11 4.66 -10.42
CA ARG A 9 4.10 5.14 -9.05
C ARG A 9 2.64 5.25 -8.54
N LYS A 10 1.87 6.05 -9.25
CA LYS A 10 0.47 6.24 -8.89
C LYS A 10 -0.21 4.88 -8.75
N MET A 11 -0.23 4.14 -9.85
CA MET A 11 -0.85 2.83 -9.87
C MET A 11 -0.38 1.99 -8.67
N VAL A 12 0.93 1.83 -8.58
CA VAL A 12 1.51 1.06 -7.49
C VAL A 12 0.97 1.59 -6.15
N ASP A 13 1.11 2.90 -5.97
CA ASP A 13 0.65 3.53 -4.75
C ASP A 13 -0.78 3.08 -4.45
N GLN A 14 -1.61 3.10 -5.49
CA GLN A 14 -3.00 2.71 -5.36
C GLN A 14 -3.09 1.20 -5.10
N LEU A 15 -2.33 0.44 -5.88
CA LEU A 15 -2.33 -1.00 -5.74
C LEU A 15 -2.23 -1.37 -4.25
N PHE A 16 -1.14 -0.96 -3.64
CA PHE A 16 -0.92 -1.23 -2.23
C PHE A 16 -2.05 -0.66 -1.38
N CYS A 17 -2.31 0.62 -1.57
CA CYS A 17 -3.37 1.30 -0.83
C CYS A 17 -4.59 0.38 -0.81
N LYS A 18 -4.84 -0.24 -1.95
CA LYS A 18 -5.98 -1.14 -2.08
C LYS A 18 -5.71 -2.42 -1.27
N LYS A 19 -4.78 -3.20 -1.78
CA LYS A 19 -4.41 -4.45 -1.12
C LYS A 19 -4.36 -4.23 0.39
N PHE A 20 -3.96 -3.02 0.77
CA PHE A 20 -3.87 -2.67 2.18
C PHE A 20 -5.25 -2.66 2.83
N ALA A 21 -6.16 -1.92 2.22
CA ALA A 21 -7.51 -1.82 2.73
C ALA A 21 -8.11 -3.22 2.86
N GLU A 22 -7.85 -4.04 1.85
CA GLU A 22 -8.35 -5.40 1.83
C GLU A 22 -8.07 -6.08 3.17
N ALA A 23 -6.79 -6.20 3.47
CA ALA A 23 -6.37 -6.84 4.71
C ALA A 23 -6.99 -6.09 5.90
N LEU A 24 -7.11 -4.78 5.73
CA LEU A 24 -7.68 -3.94 6.78
C LEU A 24 -9.21 -4.04 6.71
N GLY A 25 -9.69 -4.85 5.78
CA GLY A 25 -11.12 -5.04 5.60
C GLY A 25 -11.82 -3.70 5.43
N SER A 26 -11.42 -2.98 4.40
CA SER A 26 -12.01 -1.69 4.11
C SER A 26 -12.47 -1.63 2.64
N THR A 27 -13.37 -0.70 2.37
CA THR A 27 -13.90 -0.54 1.03
C THR A 27 -13.07 0.50 0.26
N GLU A 28 -12.87 1.64 0.90
CA GLU A 28 -12.09 2.71 0.28
C GLU A 28 -10.60 2.44 0.44
N ALA A 29 -9.81 3.20 -0.32
CA ALA A 29 -8.37 3.06 -0.26
C ALA A 29 -7.84 3.70 1.02
N LYS A 30 -6.67 3.25 1.43
CA LYS A 30 -6.04 3.78 2.63
C LYS A 30 -4.56 4.04 2.36
N ALA A 31 -3.93 4.73 3.30
CA ALA A 31 -2.51 5.05 3.18
C ALA A 31 -1.69 4.00 3.92
N VAL A 32 -0.81 3.34 3.18
CA VAL A 32 0.04 2.32 3.76
C VAL A 32 1.09 2.98 4.66
N PRO A 33 0.97 2.69 5.98
CA PRO A 33 1.90 3.25 6.95
C PRO A 33 3.25 2.53 6.88
N TYR A 34 3.98 2.82 5.82
CA TYR A 34 5.28 2.22 5.63
C TYR A 34 6.09 2.21 6.93
N GLN A 35 5.76 3.15 7.80
CA GLN A 35 6.43 3.26 9.08
C GLN A 35 6.07 2.08 9.97
N LYS A 36 4.76 1.85 10.09
CA LYS A 36 4.27 0.76 10.91
C LYS A 36 4.91 -0.55 10.44
N PHE A 37 5.10 -0.64 9.14
CA PHE A 37 5.70 -1.84 8.56
C PHE A 37 7.21 -1.86 8.80
N GLU A 38 7.78 -0.68 8.95
CA GLU A 38 9.20 -0.57 9.20
C GLU A 38 9.52 -0.86 10.67
N ALA A 39 8.65 -0.35 11.54
CA ALA A 39 8.82 -0.56 12.97
C ALA A 39 8.26 -1.92 13.35
N HIS A 40 7.48 -2.49 12.45
CA HIS A 40 6.87 -3.78 12.69
C HIS A 40 6.77 -4.56 11.37
N PRO A 41 7.97 -4.89 10.81
CA PRO A 41 8.03 -5.62 9.56
C PRO A 41 7.67 -7.10 9.77
N ASN A 42 7.86 -7.54 11.00
CA ASN A 42 7.56 -8.93 11.35
C ASN A 42 6.06 -9.07 11.62
N ASP A 43 5.44 -7.94 11.92
CA ASP A 43 4.01 -7.93 12.20
C ASP A 43 3.25 -7.43 10.97
N LEU A 44 3.59 -6.21 10.56
CA LEU A 44 2.96 -5.61 9.40
C LEU A 44 3.89 -5.72 8.20
N TYR A 45 3.42 -6.44 7.19
CA TYR A 45 4.20 -6.63 5.98
C TYR A 45 3.30 -7.04 4.82
N VAL A 46 3.94 -7.41 3.71
CA VAL A 46 3.23 -7.83 2.53
C VAL A 46 3.77 -9.18 2.05
N GLU A 47 2.92 -9.92 1.36
CA GLU A 47 3.30 -11.22 0.85
C GLU A 47 3.03 -11.30 -0.66
N GLY A 48 3.59 -12.33 -1.28
CA GLY A 48 3.41 -12.53 -2.70
C GLY A 48 4.15 -11.45 -3.50
N LEU A 49 5.23 -10.96 -2.92
CA LEU A 49 6.03 -9.94 -3.56
C LEU A 49 7.04 -10.59 -4.50
N PRO A 50 7.60 -9.76 -5.41
CA PRO A 50 8.59 -10.24 -6.36
C PRO A 50 9.94 -10.49 -5.69
N GLU A 51 10.70 -11.39 -6.28
CA GLU A 51 12.02 -11.73 -5.75
C GLU A 51 12.99 -10.57 -5.97
N ASN A 52 13.87 -10.40 -4.99
CA ASN A 52 14.86 -9.33 -5.07
C ASN A 52 14.15 -7.98 -5.05
N ILE A 53 13.00 -7.96 -4.40
CA ILE A 53 12.21 -6.75 -4.31
C ILE A 53 11.50 -6.71 -2.95
N PRO A 54 11.99 -5.80 -2.07
CA PRO A 54 11.42 -5.65 -0.75
C PRO A 54 10.07 -4.92 -0.81
N PHE A 55 9.65 -4.42 0.34
CA PHE A 55 8.39 -3.71 0.43
C PHE A 55 8.61 -2.26 0.88
N ARG A 56 8.73 -1.38 -0.11
CA ARG A 56 8.94 0.03 0.17
C ARG A 56 7.93 0.88 -0.59
N SER A 57 8.13 2.18 -0.54
CA SER A 57 7.25 3.12 -1.22
C SER A 57 7.45 3.02 -2.73
N PRO A 58 6.40 3.45 -3.48
CA PRO A 58 6.45 3.42 -4.93
C PRO A 58 7.35 4.53 -5.48
N SER A 59 7.73 5.43 -4.58
CA SER A 59 8.58 6.55 -4.96
C SER A 59 10.04 6.09 -4.98
N TRP A 60 10.26 4.88 -4.50
CA TRP A 60 11.61 4.32 -4.46
C TRP A 60 11.74 3.32 -5.61
N TYR A 61 10.77 2.42 -5.68
CA TYR A 61 10.77 1.41 -6.73
C TYR A 61 11.13 2.01 -8.08
N GLY A 62 11.96 1.29 -8.81
CA GLY A 62 12.39 1.74 -10.12
C GLY A 62 11.22 1.78 -11.10
N ILE A 63 11.52 2.18 -12.33
CA ILE A 63 10.51 2.25 -13.37
C ILE A 63 10.01 0.85 -13.69
N PRO A 64 10.98 -0.07 -13.92
CA PRO A 64 10.64 -1.45 -14.23
C PRO A 64 10.17 -2.20 -12.99
N ARG A 65 10.73 -1.83 -11.85
CA ARG A 65 10.38 -2.45 -10.60
C ARG A 65 8.87 -2.34 -10.35
N LEU A 66 8.38 -1.11 -10.47
CA LEU A 66 6.96 -0.85 -10.27
C LEU A 66 6.14 -1.90 -11.04
N GLU A 67 6.24 -1.83 -12.35
CA GLU A 67 5.52 -2.75 -13.21
C GLU A 67 5.63 -4.18 -12.66
N LYS A 68 6.87 -4.62 -12.51
CA LYS A 68 7.13 -5.96 -12.00
C LYS A 68 6.14 -6.27 -10.87
N ILE A 69 6.12 -5.38 -9.88
CA ILE A 69 5.24 -5.55 -8.75
C ILE A 69 3.79 -5.56 -9.23
N ILE A 70 3.48 -4.64 -10.12
CA ILE A 70 2.14 -4.54 -10.66
C ILE A 70 1.76 -5.87 -11.30
N GLN A 71 2.73 -6.48 -11.97
CA GLN A 71 2.51 -7.76 -12.63
C GLN A 71 2.12 -8.82 -11.61
N VAL A 72 2.69 -8.70 -10.42
CA VAL A 72 2.41 -9.63 -9.35
C VAL A 72 1.49 -8.97 -8.32
N GLY A 73 0.95 -7.81 -8.70
CA GLY A 73 0.06 -7.07 -7.84
C GLY A 73 -1.30 -7.78 -7.72
N ASN A 74 -1.43 -8.85 -8.47
CA ASN A 74 -2.67 -9.62 -8.46
C ASN A 74 -2.53 -10.78 -7.48
N ARG A 75 -1.31 -10.99 -7.02
CA ARG A 75 -1.04 -12.07 -6.08
C ARG A 75 -0.60 -11.49 -4.73
N ILE A 76 -0.23 -10.22 -4.76
CA ILE A 76 0.21 -9.54 -3.56
C ILE A 76 -0.76 -9.83 -2.42
N LYS A 77 -0.26 -9.75 -1.20
CA LYS A 77 -1.07 -10.00 -0.02
C LYS A 77 -0.59 -9.11 1.13
N PHE A 78 -1.54 -8.72 1.97
CA PHE A 78 -1.22 -7.87 3.11
C PHE A 78 -1.64 -8.54 4.42
N VAL A 79 -0.65 -8.86 5.23
CA VAL A 79 -0.90 -9.50 6.51
C VAL A 79 -0.89 -8.44 7.61
N ILE A 80 -1.98 -8.40 8.36
CA ILE A 80 -2.11 -7.45 9.45
C ILE A 80 -1.99 -8.19 10.78
N LYS A 81 -0.77 -8.59 11.10
CA LYS A 81 -0.51 -9.30 12.34
C LYS A 81 -0.99 -8.45 13.52
N ARG A 82 -0.68 -7.16 13.44
CA ARG A 82 -1.07 -6.24 14.49
C ARG A 82 -1.65 -4.96 13.89
N PRO A 83 -2.99 -4.97 13.68
CA PRO A 83 -3.67 -3.82 13.11
C PRO A 83 -3.81 -2.70 14.14
N GLU A 84 -3.89 -3.10 15.40
CA GLU A 84 -4.03 -2.14 16.48
C GLU A 84 -2.99 -1.02 16.33
N LEU A 85 -1.77 -1.44 16.04
CA LEU A 85 -0.68 -0.49 15.86
C LEU A 85 -1.17 0.68 15.01
N LEU A 86 -2.02 0.36 14.05
CA LEU A 86 -2.57 1.37 13.16
C LEU A 86 -3.54 2.26 13.93
N THR A 87 -4.36 1.62 14.76
CA THR A 87 -5.33 2.34 15.56
C THR A 87 -6.34 3.05 14.65
N HIS A 88 -7.47 2.40 14.44
CA HIS A 88 -8.52 2.95 13.61
C HIS A 88 -8.93 4.32 14.15
N SER A 89 -9.39 5.17 13.23
CA SER A 89 -9.81 6.50 13.60
C SER A 89 -11.05 6.90 12.80
N THR A 90 -12.12 7.19 13.51
CA THR A 90 -13.37 7.58 12.88
C THR A 90 -13.26 9.01 12.32
N THR A 91 -13.82 9.19 11.13
CA THR A 91 -13.79 10.49 10.48
C THR A 91 -15.15 10.81 9.88
N GLU A 92 -15.62 12.03 10.15
CA GLU A 92 -16.90 12.47 9.63
C GLU A 92 -16.78 12.88 8.16
N VAL A 93 -17.59 12.24 7.33
CA VAL A 93 -17.58 12.53 5.91
C VAL A 93 -18.81 13.38 5.56
N SER A 94 -18.58 14.39 4.74
CA SER A 94 -19.66 15.27 4.32
C SER A 94 -19.27 15.98 3.01
N GLY A 95 -20.27 16.15 2.16
CA GLY A 95 -20.05 16.81 0.88
C GLY A 95 -20.71 16.03 -0.26
N PRO A 96 -20.85 16.71 -1.42
CA PRO A 96 -21.46 16.10 -2.59
C PRO A 96 -20.50 15.10 -3.24
N SER A 97 -21.09 14.10 -3.90
CA SER A 97 -20.30 13.09 -4.57
C SER A 97 -20.80 12.89 -6.00
N SER A 98 -20.21 13.66 -6.90
CA SER A 98 -20.58 13.59 -8.31
C SER A 98 -19.63 12.65 -9.06
N GLY A 99 -20.23 11.73 -9.80
CA GLY A 99 -19.46 10.76 -10.56
C GLY A 99 -19.49 9.39 -9.90
N GLY A 1 -10.48 6.47 -8.63
CA GLY A 1 -11.40 5.53 -9.26
C GLY A 1 -10.81 4.95 -10.54
N SER A 2 -11.58 5.05 -11.61
CA SER A 2 -11.15 4.55 -12.90
C SER A 2 -10.49 5.67 -13.71
N SER A 3 -9.48 5.29 -14.47
CA SER A 3 -8.76 6.24 -15.29
C SER A 3 -8.10 5.52 -16.48
N GLY A 4 -7.37 4.48 -16.16
CA GLY A 4 -6.68 3.71 -17.18
C GLY A 4 -5.33 4.32 -17.54
N SER A 5 -4.29 3.74 -16.98
CA SER A 5 -2.94 4.23 -17.22
C SER A 5 -2.80 5.66 -16.71
N SER A 6 -1.71 5.90 -15.99
CA SER A 6 -1.45 7.22 -15.44
C SER A 6 0.03 7.35 -15.07
N GLY A 7 0.44 6.52 -14.12
CA GLY A 7 1.82 6.53 -13.67
C GLY A 7 2.09 5.39 -12.68
N LEU A 8 3.05 4.54 -13.05
CA LEU A 8 3.39 3.41 -12.21
C LEU A 8 3.33 3.83 -10.74
N ARG A 9 4.20 4.76 -10.38
CA ARG A 9 4.25 5.26 -9.01
C ARG A 9 2.84 5.37 -8.44
N LYS A 10 2.03 6.18 -9.11
CA LYS A 10 0.65 6.39 -8.68
C LYS A 10 -0.04 5.03 -8.54
N MET A 11 -0.04 4.29 -9.64
CA MET A 11 -0.68 2.98 -9.66
C MET A 11 -0.21 2.14 -8.48
N VAL A 12 1.08 1.82 -8.49
CA VAL A 12 1.66 1.02 -7.42
C VAL A 12 1.15 1.52 -6.07
N ASP A 13 1.18 2.84 -5.93
CA ASP A 13 0.72 3.47 -4.69
C ASP A 13 -0.70 2.99 -4.39
N GLN A 14 -1.56 3.10 -5.39
CA GLN A 14 -2.94 2.69 -5.24
C GLN A 14 -3.03 1.17 -4.99
N LEU A 15 -2.26 0.44 -5.78
CA LEU A 15 -2.23 -1.01 -5.67
C LEU A 15 -2.18 -1.40 -4.19
N PHE A 16 -1.09 -1.02 -3.55
CA PHE A 16 -0.90 -1.33 -2.15
C PHE A 16 -2.05 -0.75 -1.31
N CYS A 17 -2.43 0.48 -1.63
CA CYS A 17 -3.50 1.15 -0.92
C CYS A 17 -4.70 0.18 -0.85
N LYS A 18 -5.07 -0.33 -2.01
CA LYS A 18 -6.19 -1.25 -2.09
C LYS A 18 -5.87 -2.50 -1.27
N LYS A 19 -4.90 -3.26 -1.75
CA LYS A 19 -4.49 -4.48 -1.07
C LYS A 19 -4.49 -4.24 0.44
N PHE A 20 -3.71 -3.24 0.85
CA PHE A 20 -3.61 -2.90 2.25
C PHE A 20 -5.00 -2.78 2.89
N ALA A 21 -5.91 -2.16 2.15
CA ALA A 21 -7.26 -1.97 2.63
C ALA A 21 -7.95 -3.33 2.76
N GLU A 22 -7.73 -4.17 1.76
CA GLU A 22 -8.31 -5.50 1.76
C GLU A 22 -8.07 -6.19 3.10
N ALA A 23 -6.79 -6.34 3.44
CA ALA A 23 -6.41 -6.98 4.68
C ALA A 23 -7.09 -6.25 5.84
N LEU A 24 -7.16 -4.94 5.72
CA LEU A 24 -7.78 -4.11 6.75
C LEU A 24 -9.29 -4.33 6.74
N GLY A 25 -9.77 -4.82 5.59
CA GLY A 25 -11.19 -5.07 5.42
C GLY A 25 -11.96 -3.77 5.28
N SER A 26 -11.51 -2.95 4.34
CA SER A 26 -12.15 -1.67 4.09
C SER A 26 -12.59 -1.59 2.63
N THR A 27 -13.51 -0.65 2.37
CA THR A 27 -14.02 -0.46 1.03
C THR A 27 -13.18 0.57 0.27
N GLU A 28 -12.94 1.69 0.94
CA GLU A 28 -12.15 2.77 0.35
C GLU A 28 -10.66 2.47 0.51
N ALA A 29 -9.87 3.25 -0.21
CA ALA A 29 -8.42 3.10 -0.17
C ALA A 29 -7.87 3.89 1.02
N LYS A 30 -6.77 3.38 1.57
CA LYS A 30 -6.13 4.03 2.70
C LYS A 30 -4.64 4.21 2.41
N ALA A 31 -4.00 4.99 3.26
CA ALA A 31 -2.57 5.25 3.10
C ALA A 31 -1.78 4.16 3.83
N VAL A 32 -0.98 3.45 3.06
CA VAL A 32 -0.16 2.38 3.61
C VAL A 32 0.89 2.98 4.53
N PRO A 33 0.76 2.65 5.85
CA PRO A 33 1.69 3.15 6.85
C PRO A 33 3.03 2.41 6.76
N TYR A 34 3.75 2.68 5.69
CA TYR A 34 5.04 2.05 5.48
C TYR A 34 5.88 2.10 6.75
N GLN A 35 5.58 3.07 7.60
CA GLN A 35 6.30 3.24 8.85
C GLN A 35 5.99 2.08 9.79
N LYS A 36 4.70 1.85 10.00
CA LYS A 36 4.26 0.78 10.88
C LYS A 36 4.88 -0.54 10.41
N PHE A 37 4.93 -0.70 9.09
CA PHE A 37 5.49 -1.91 8.50
C PHE A 37 7.00 -1.95 8.67
N GLU A 38 7.59 -0.77 8.79
CA GLU A 38 9.03 -0.67 8.96
C GLU A 38 9.41 -0.91 10.42
N ALA A 39 8.64 -0.30 11.31
CA ALA A 39 8.89 -0.45 12.73
C ALA A 39 8.34 -1.79 13.21
N HIS A 40 7.51 -2.40 12.36
CA HIS A 40 6.91 -3.68 12.68
C HIS A 40 6.78 -4.51 11.40
N PRO A 41 7.95 -4.88 10.83
CA PRO A 41 7.98 -5.68 9.61
C PRO A 41 7.61 -7.13 9.90
N ASN A 42 7.84 -7.53 11.15
CA ASN A 42 7.54 -8.89 11.56
C ASN A 42 6.03 -9.03 11.79
N ASP A 43 5.41 -7.92 12.15
CA ASP A 43 3.98 -7.91 12.39
C ASP A 43 3.26 -7.42 11.14
N LEU A 44 3.58 -6.20 10.74
CA LEU A 44 2.97 -5.61 9.56
C LEU A 44 3.91 -5.78 8.37
N TYR A 45 3.43 -6.48 7.36
CA TYR A 45 4.22 -6.72 6.16
C TYR A 45 3.32 -7.05 4.97
N VAL A 46 3.96 -7.43 3.88
CA VAL A 46 3.23 -7.78 2.66
C VAL A 46 3.73 -9.14 2.15
N GLU A 47 2.84 -9.83 1.44
CA GLU A 47 3.17 -11.12 0.89
C GLU A 47 2.88 -11.16 -0.60
N GLY A 48 3.38 -12.20 -1.25
CA GLY A 48 3.18 -12.37 -2.68
C GLY A 48 3.94 -11.30 -3.47
N LEU A 49 5.04 -10.85 -2.89
CA LEU A 49 5.86 -9.83 -3.52
C LEU A 49 6.86 -10.51 -4.47
N PRO A 50 7.45 -9.67 -5.37
CA PRO A 50 8.42 -10.18 -6.33
C PRO A 50 9.77 -10.45 -5.65
N GLU A 51 10.49 -11.39 -6.21
CA GLU A 51 11.79 -11.76 -5.68
C GLU A 51 12.81 -10.66 -5.97
N ASN A 52 13.69 -10.44 -4.99
CA ASN A 52 14.72 -9.43 -5.14
C ASN A 52 14.07 -8.04 -5.14
N ILE A 53 12.94 -7.95 -4.46
CA ILE A 53 12.20 -6.70 -4.37
C ILE A 53 11.56 -6.58 -2.99
N PRO A 54 12.07 -5.60 -2.19
CA PRO A 54 11.55 -5.37 -0.86
C PRO A 54 10.20 -4.68 -0.91
N PHE A 55 9.72 -4.28 0.27
CA PHE A 55 8.44 -3.61 0.37
C PHE A 55 8.62 -2.16 0.85
N ARG A 56 8.70 -1.26 -0.12
CA ARG A 56 8.86 0.15 0.17
C ARG A 56 7.87 0.99 -0.64
N SER A 57 8.01 2.30 -0.51
CA SER A 57 7.13 3.22 -1.22
C SER A 57 7.37 3.10 -2.73
N PRO A 58 6.36 3.58 -3.50
CA PRO A 58 6.45 3.53 -4.96
C PRO A 58 7.40 4.59 -5.48
N SER A 59 7.63 5.61 -4.65
CA SER A 59 8.53 6.69 -5.03
C SER A 59 9.98 6.20 -5.03
N TRP A 60 10.14 4.96 -4.58
CA TRP A 60 11.47 4.35 -4.52
C TRP A 60 11.59 3.36 -5.67
N TYR A 61 10.67 2.41 -5.69
CA TYR A 61 10.66 1.39 -6.73
C TYR A 61 11.05 1.99 -8.08
N GLY A 62 11.90 1.27 -8.80
CA GLY A 62 12.34 1.71 -10.11
C GLY A 62 11.18 1.76 -11.10
N ILE A 63 11.51 2.15 -12.33
CA ILE A 63 10.51 2.24 -13.38
C ILE A 63 9.99 0.84 -13.71
N PRO A 64 10.97 -0.09 -13.91
CA PRO A 64 10.62 -1.47 -14.23
C PRO A 64 10.13 -2.22 -12.99
N ARG A 65 10.68 -1.84 -11.85
CA ARG A 65 10.30 -2.46 -10.60
C ARG A 65 8.78 -2.32 -10.37
N LEU A 66 8.31 -1.09 -10.47
CA LEU A 66 6.90 -0.81 -10.28
C LEU A 66 6.08 -1.85 -11.05
N GLU A 67 6.22 -1.80 -12.38
CA GLU A 67 5.50 -2.72 -13.23
C GLU A 67 5.59 -4.14 -12.68
N LYS A 68 6.83 -4.62 -12.55
CA LYS A 68 7.05 -5.96 -12.04
C LYS A 68 6.09 -6.24 -10.89
N ILE A 69 6.04 -5.30 -9.96
CA ILE A 69 5.16 -5.43 -8.80
C ILE A 69 3.70 -5.48 -9.29
N ILE A 70 3.37 -4.55 -10.17
CA ILE A 70 2.03 -4.48 -10.71
C ILE A 70 1.65 -5.83 -11.32
N GLN A 71 2.63 -6.42 -11.99
CA GLN A 71 2.41 -7.71 -12.63
C GLN A 71 1.98 -8.75 -11.59
N VAL A 72 2.60 -8.67 -10.43
CA VAL A 72 2.29 -9.60 -9.35
C VAL A 72 1.38 -8.90 -8.34
N GLY A 73 0.88 -7.74 -8.73
CA GLY A 73 -0.01 -6.97 -7.88
C GLY A 73 -1.35 -7.67 -7.71
N ASN A 74 -1.52 -8.73 -8.48
CA ASN A 74 -2.76 -9.50 -8.44
C ASN A 74 -2.58 -10.68 -7.48
N ARG A 75 -1.34 -10.91 -7.09
CA ARG A 75 -1.02 -12.01 -6.19
C ARG A 75 -0.55 -11.46 -4.84
N ILE A 76 -0.30 -10.15 -4.82
CA ILE A 76 0.15 -9.49 -3.61
C ILE A 76 -0.83 -9.80 -2.48
N LYS A 77 -0.31 -9.72 -1.25
CA LYS A 77 -1.14 -9.98 -0.08
C LYS A 77 -0.65 -9.12 1.08
N PHE A 78 -1.60 -8.72 1.92
CA PHE A 78 -1.29 -7.89 3.07
C PHE A 78 -1.72 -8.56 4.37
N VAL A 79 -0.75 -8.80 5.24
CA VAL A 79 -1.03 -9.43 6.51
C VAL A 79 -1.00 -8.38 7.62
N ILE A 80 -2.10 -8.29 8.34
CA ILE A 80 -2.22 -7.32 9.43
C ILE A 80 -2.11 -8.06 10.76
N LYS A 81 -0.89 -8.49 11.07
CA LYS A 81 -0.64 -9.21 12.31
C LYS A 81 -1.12 -8.35 13.49
N ARG A 82 -0.81 -7.07 13.42
CA ARG A 82 -1.20 -6.14 14.46
C ARG A 82 -1.71 -4.83 13.85
N PRO A 83 -3.05 -4.78 13.63
CA PRO A 83 -3.67 -3.59 13.06
C PRO A 83 -3.76 -2.46 14.08
N GLU A 84 -3.82 -2.86 15.35
CA GLU A 84 -3.91 -1.90 16.43
C GLU A 84 -2.84 -0.83 16.28
N LEU A 85 -1.66 -1.27 15.88
CA LEU A 85 -0.54 -0.36 15.69
C LEU A 85 -0.99 0.83 14.85
N LEU A 86 -1.90 0.55 13.93
CA LEU A 86 -2.43 1.59 13.05
C LEU A 86 -3.39 2.48 13.85
N THR A 87 -4.09 1.85 14.78
CA THR A 87 -5.04 2.57 15.61
C THR A 87 -6.20 3.10 14.76
N HIS A 88 -5.93 4.18 14.05
CA HIS A 88 -6.93 4.78 13.20
C HIS A 88 -6.27 5.38 11.95
N SER A 89 -7.09 5.97 11.10
CA SER A 89 -6.60 6.58 9.88
C SER A 89 -7.48 7.75 9.47
N THR A 90 -6.94 8.60 8.62
CA THR A 90 -7.68 9.76 8.14
C THR A 90 -7.88 9.69 6.63
N THR A 91 -9.14 9.64 6.23
CA THR A 91 -9.47 9.56 4.82
C THR A 91 -10.34 10.76 4.41
N GLU A 92 -9.81 11.55 3.50
CA GLU A 92 -10.53 12.72 3.02
C GLU A 92 -11.84 12.30 2.36
N VAL A 93 -12.69 13.29 2.12
CA VAL A 93 -13.97 13.05 1.48
C VAL A 93 -14.25 14.13 0.45
N SER A 94 -13.27 14.35 -0.42
CA SER A 94 -13.39 15.36 -1.46
C SER A 94 -14.56 15.02 -2.38
N GLY A 95 -15.20 16.06 -2.88
CA GLY A 95 -16.33 15.88 -3.77
C GLY A 95 -16.88 17.23 -4.25
N PRO A 96 -17.09 17.33 -5.59
CA PRO A 96 -17.60 18.56 -6.17
C PRO A 96 -19.10 18.71 -5.90
N SER A 97 -19.40 19.11 -4.67
CA SER A 97 -20.78 19.29 -4.25
C SER A 97 -20.83 19.93 -2.86
N SER A 98 -21.55 21.04 -2.77
CA SER A 98 -21.69 21.75 -1.52
C SER A 98 -20.33 22.28 -1.08
N GLY A 99 -20.17 23.59 -1.24
CA GLY A 99 -18.92 24.25 -0.86
C GLY A 99 -18.60 23.99 0.61
N GLY A 1 -12.74 5.54 -2.17
CA GLY A 1 -12.41 5.14 -3.52
C GLY A 1 -11.47 6.15 -4.18
N SER A 2 -11.37 6.04 -5.50
CA SER A 2 -10.52 6.93 -6.26
C SER A 2 -10.82 6.82 -7.75
N SER A 3 -10.72 5.59 -8.25
CA SER A 3 -10.99 5.34 -9.65
C SER A 3 -10.06 6.18 -10.52
N GLY A 4 -8.84 5.71 -10.67
CA GLY A 4 -7.85 6.40 -11.47
C GLY A 4 -6.61 5.53 -11.70
N SER A 5 -5.84 5.90 -12.72
CA SER A 5 -4.64 5.16 -13.05
C SER A 5 -3.84 5.93 -14.11
N SER A 6 -2.64 6.35 -13.72
CA SER A 6 -1.77 7.08 -14.62
C SER A 6 -0.42 7.31 -13.96
N GLY A 7 0.49 6.38 -14.21
CA GLY A 7 1.83 6.47 -13.64
C GLY A 7 2.09 5.32 -12.66
N LEU A 8 3.08 4.51 -13.00
CA LEU A 8 3.43 3.37 -12.16
C LEU A 8 3.32 3.78 -10.69
N ARG A 9 4.18 4.69 -10.29
CA ARG A 9 4.20 5.17 -8.93
C ARG A 9 2.77 5.30 -8.40
N LYS A 10 1.99 6.14 -9.07
CA LYS A 10 0.61 6.37 -8.68
C LYS A 10 -0.11 5.02 -8.57
N MET A 11 -0.03 4.26 -9.66
CA MET A 11 -0.68 2.96 -9.71
C MET A 11 -0.23 2.10 -8.53
N VAL A 12 1.06 1.83 -8.47
CA VAL A 12 1.63 1.03 -7.41
C VAL A 12 1.10 1.53 -6.06
N ASP A 13 1.13 2.85 -5.90
CA ASP A 13 0.66 3.46 -4.68
C ASP A 13 -0.78 3.01 -4.39
N GLN A 14 -1.59 3.04 -5.45
CA GLN A 14 -2.98 2.64 -5.32
C GLN A 14 -3.08 1.13 -5.10
N LEU A 15 -2.30 0.39 -5.89
CA LEU A 15 -2.30 -1.06 -5.79
C LEU A 15 -2.20 -1.46 -4.32
N PHE A 16 -1.07 -1.10 -3.71
CA PHE A 16 -0.84 -1.42 -2.31
C PHE A 16 -2.00 -0.93 -1.44
N CYS A 17 -2.38 0.32 -1.68
CA CYS A 17 -3.47 0.92 -0.93
C CYS A 17 -4.63 -0.08 -0.87
N LYS A 18 -5.20 -0.35 -2.03
CA LYS A 18 -6.31 -1.28 -2.13
C LYS A 18 -5.98 -2.54 -1.31
N LYS A 19 -5.02 -3.30 -1.83
CA LYS A 19 -4.61 -4.53 -1.17
C LYS A 19 -4.57 -4.30 0.35
N PHE A 20 -3.73 -3.36 0.75
CA PHE A 20 -3.60 -3.03 2.17
C PHE A 20 -4.98 -2.86 2.82
N ALA A 21 -5.85 -2.17 2.11
CA ALA A 21 -7.19 -1.92 2.61
C ALA A 21 -7.91 -3.26 2.79
N GLU A 22 -7.76 -4.12 1.79
CA GLU A 22 -8.39 -5.42 1.83
C GLU A 22 -8.14 -6.10 3.18
N ALA A 23 -6.87 -6.21 3.51
CA ALA A 23 -6.48 -6.84 4.76
C ALA A 23 -7.09 -6.06 5.93
N LEU A 24 -7.13 -4.75 5.76
CA LEU A 24 -7.69 -3.88 6.79
C LEU A 24 -9.22 -4.01 6.78
N GLY A 25 -9.72 -4.61 5.71
CA GLY A 25 -11.15 -4.80 5.56
C GLY A 25 -11.88 -3.46 5.49
N SER A 26 -11.49 -2.66 4.50
CA SER A 26 -12.09 -1.35 4.32
C SER A 26 -12.63 -1.22 2.88
N THR A 27 -13.63 -0.37 2.74
CA THR A 27 -14.25 -0.15 1.44
C THR A 27 -13.41 0.83 0.62
N GLU A 28 -13.03 1.91 1.28
CA GLU A 28 -12.22 2.93 0.62
C GLU A 28 -10.73 2.63 0.77
N ALA A 29 -9.94 3.28 -0.06
CA ALA A 29 -8.50 3.08 -0.03
C ALA A 29 -7.91 3.89 1.13
N LYS A 30 -6.76 3.42 1.60
CA LYS A 30 -6.07 4.08 2.71
C LYS A 30 -4.59 4.22 2.38
N ALA A 31 -3.91 5.01 3.20
CA ALA A 31 -2.49 5.23 3.00
C ALA A 31 -1.70 4.16 3.77
N VAL A 32 -0.94 3.38 3.03
CA VAL A 32 -0.14 2.32 3.63
C VAL A 32 0.92 2.95 4.53
N PRO A 33 0.76 2.70 5.86
CA PRO A 33 1.70 3.23 6.84
C PRO A 33 3.02 2.45 6.80
N TYR A 34 3.79 2.69 5.75
CA TYR A 34 5.07 2.02 5.59
C TYR A 34 5.88 2.07 6.88
N GLN A 35 5.56 3.07 7.70
CA GLN A 35 6.26 3.24 8.96
C GLN A 35 5.95 2.07 9.90
N LYS A 36 4.66 1.85 10.11
CA LYS A 36 4.23 0.77 10.98
C LYS A 36 4.84 -0.56 10.49
N PHE A 37 5.01 -0.64 9.18
CA PHE A 37 5.58 -1.83 8.58
C PHE A 37 7.10 -1.86 8.74
N GLU A 38 7.67 -0.67 8.89
CA GLU A 38 9.11 -0.54 9.06
C GLU A 38 9.50 -0.84 10.51
N ALA A 39 8.69 -0.32 11.43
CA ALA A 39 8.93 -0.51 12.84
C ALA A 39 8.42 -1.89 13.26
N HIS A 40 7.56 -2.45 12.42
CA HIS A 40 6.98 -3.76 12.69
C HIS A 40 6.80 -4.52 11.37
N PRO A 41 7.96 -4.83 10.72
CA PRO A 41 7.95 -5.55 9.47
C PRO A 41 7.64 -7.03 9.69
N ASN A 42 7.85 -7.47 10.91
CA ASN A 42 7.60 -8.86 11.28
C ASN A 42 6.12 -9.05 11.55
N ASP A 43 5.46 -7.95 11.89
CA ASP A 43 4.04 -7.97 12.18
C ASP A 43 3.27 -7.43 10.98
N LEU A 44 3.64 -6.24 10.56
CA LEU A 44 2.99 -5.59 9.43
C LEU A 44 3.91 -5.69 8.20
N TYR A 45 3.43 -6.40 7.20
CA TYR A 45 4.19 -6.58 5.98
C TYR A 45 3.28 -6.99 4.81
N VAL A 46 3.91 -7.36 3.71
CA VAL A 46 3.17 -7.77 2.53
C VAL A 46 3.66 -9.15 2.08
N GLU A 47 2.79 -9.85 1.37
CA GLU A 47 3.12 -11.17 0.86
C GLU A 47 2.85 -11.26 -0.64
N GLY A 48 3.41 -12.30 -1.24
CA GLY A 48 3.25 -12.51 -2.68
C GLY A 48 3.99 -11.44 -3.47
N LEU A 49 5.07 -10.96 -2.89
CA LEU A 49 5.89 -9.95 -3.54
C LEU A 49 6.91 -10.62 -4.46
N PRO A 50 7.49 -9.80 -5.37
CA PRO A 50 8.47 -10.31 -6.31
C PRO A 50 9.81 -10.55 -5.63
N GLU A 51 10.56 -11.50 -6.17
CA GLU A 51 11.87 -11.84 -5.63
C GLU A 51 12.87 -10.72 -5.91
N ASN A 52 13.71 -10.46 -4.92
CA ASN A 52 14.72 -9.43 -5.05
C ASN A 52 14.05 -8.05 -5.07
N ILE A 53 12.90 -7.98 -4.39
CA ILE A 53 12.15 -6.75 -4.32
C ILE A 53 11.49 -6.63 -2.94
N PRO A 54 12.01 -5.65 -2.14
CA PRO A 54 11.48 -5.43 -0.81
C PRO A 54 10.13 -4.73 -0.86
N PHE A 55 9.66 -4.31 0.31
CA PHE A 55 8.39 -3.62 0.41
C PHE A 55 8.57 -2.18 0.90
N ARG A 56 8.68 -1.27 -0.05
CA ARG A 56 8.85 0.13 0.26
C ARG A 56 7.88 0.99 -0.53
N SER A 57 8.04 2.30 -0.40
CA SER A 57 7.18 3.24 -1.10
C SER A 57 7.39 3.11 -2.61
N PRO A 58 6.37 3.57 -3.38
CA PRO A 58 6.43 3.51 -4.83
C PRO A 58 7.36 4.60 -5.38
N SER A 59 7.75 5.51 -4.49
CA SER A 59 8.63 6.59 -4.88
C SER A 59 10.09 6.11 -4.88
N TRP A 60 10.27 4.88 -4.41
CA TRP A 60 11.60 4.29 -4.37
C TRP A 60 11.72 3.28 -5.51
N TYR A 61 10.74 2.39 -5.57
CA TYR A 61 10.72 1.37 -6.60
C TYR A 61 11.13 1.96 -7.96
N GLY A 62 11.96 1.20 -8.67
CA GLY A 62 12.43 1.64 -9.98
C GLY A 62 11.29 1.69 -10.99
N ILE A 63 11.62 2.13 -12.19
CA ILE A 63 10.63 2.24 -13.25
C ILE A 63 10.14 0.83 -13.62
N PRO A 64 11.12 -0.09 -13.82
CA PRO A 64 10.80 -1.46 -14.17
C PRO A 64 10.28 -2.23 -12.95
N ARG A 65 10.78 -1.84 -11.78
CA ARG A 65 10.37 -2.48 -10.55
C ARG A 65 8.86 -2.36 -10.35
N LEU A 66 8.39 -1.12 -10.42
CA LEU A 66 6.97 -0.86 -10.24
C LEU A 66 6.16 -1.88 -11.05
N GLU A 67 6.23 -1.75 -12.36
CA GLU A 67 5.52 -2.65 -13.26
C GLU A 67 5.58 -4.08 -12.71
N LYS A 68 6.80 -4.58 -12.56
CA LYS A 68 7.01 -5.92 -12.06
C LYS A 68 6.01 -6.20 -10.94
N ILE A 69 5.99 -5.29 -9.97
CA ILE A 69 5.09 -5.42 -8.84
C ILE A 69 3.64 -5.46 -9.34
N ILE A 70 3.34 -4.53 -10.22
CA ILE A 70 2.00 -4.44 -10.79
C ILE A 70 1.64 -5.77 -11.44
N GLN A 71 2.61 -6.33 -12.14
CA GLN A 71 2.41 -7.60 -12.82
C GLN A 71 1.97 -8.68 -11.82
N VAL A 72 2.61 -8.64 -10.64
CA VAL A 72 2.29 -9.60 -9.61
C VAL A 72 1.45 -8.91 -8.52
N GLY A 73 0.87 -7.78 -8.90
CA GLY A 73 0.04 -7.02 -7.98
C GLY A 73 -1.36 -7.61 -7.88
N ASN A 74 -1.53 -8.76 -8.53
CA ASN A 74 -2.81 -9.44 -8.53
C ASN A 74 -2.77 -10.58 -7.51
N ARG A 75 -1.57 -10.91 -7.09
CA ARG A 75 -1.39 -11.99 -6.11
C ARG A 75 -0.92 -11.41 -4.77
N ILE A 76 -0.47 -10.16 -4.82
CA ILE A 76 0.00 -9.48 -3.62
C ILE A 76 -0.97 -9.76 -2.47
N LYS A 77 -0.45 -9.67 -1.26
CA LYS A 77 -1.25 -9.91 -0.08
C LYS A 77 -0.74 -9.03 1.07
N PHE A 78 -1.67 -8.64 1.93
CA PHE A 78 -1.32 -7.80 3.06
C PHE A 78 -1.75 -8.45 4.38
N VAL A 79 -0.77 -8.76 5.20
CA VAL A 79 -1.03 -9.38 6.49
C VAL A 79 -0.97 -8.33 7.58
N ILE A 80 -2.05 -8.26 8.36
CA ILE A 80 -2.14 -7.30 9.44
C ILE A 80 -2.01 -8.03 10.78
N LYS A 81 -0.80 -8.47 11.07
CA LYS A 81 -0.53 -9.18 12.30
C LYS A 81 -1.03 -8.36 13.48
N ARG A 82 -0.69 -7.07 13.45
CA ARG A 82 -1.10 -6.17 14.51
C ARG A 82 -1.61 -4.85 13.91
N PRO A 83 -2.96 -4.82 13.68
CA PRO A 83 -3.59 -3.63 13.11
C PRO A 83 -3.70 -2.53 14.15
N GLU A 84 -3.81 -2.94 15.41
CA GLU A 84 -3.92 -1.99 16.51
C GLU A 84 -2.88 -0.88 16.36
N LEU A 85 -1.65 -1.30 16.07
CA LEU A 85 -0.57 -0.36 15.91
C LEU A 85 -1.03 0.80 15.01
N LEU A 86 -1.86 0.44 14.04
CA LEU A 86 -2.38 1.43 13.10
C LEU A 86 -3.33 2.38 13.85
N THR A 87 -4.14 1.80 14.72
CA THR A 87 -5.09 2.57 15.50
C THR A 87 -6.07 3.28 14.57
N HIS A 88 -7.29 2.77 14.53
CA HIS A 88 -8.33 3.34 13.69
C HIS A 88 -8.26 4.86 13.76
N SER A 89 -7.71 5.46 12.70
CA SER A 89 -7.58 6.90 12.64
C SER A 89 -7.22 7.32 11.22
N THR A 90 -8.24 7.56 10.42
CA THR A 90 -8.04 7.96 9.04
C THR A 90 -9.05 9.05 8.65
N THR A 91 -8.51 10.17 8.19
CA THR A 91 -9.36 11.29 7.78
C THR A 91 -9.30 11.46 6.26
N GLU A 92 -10.34 12.11 5.74
CA GLU A 92 -10.43 12.35 4.31
C GLU A 92 -11.25 13.60 4.03
N VAL A 93 -10.98 14.21 2.89
CA VAL A 93 -11.69 15.42 2.49
C VAL A 93 -11.30 15.79 1.06
N SER A 94 -11.36 14.78 0.20
CA SER A 94 -11.03 14.99 -1.20
C SER A 94 -12.26 14.81 -2.07
N GLY A 95 -12.21 15.39 -3.26
CA GLY A 95 -13.32 15.30 -4.19
C GLY A 95 -13.14 16.26 -5.37
N PRO A 96 -12.53 15.74 -6.46
CA PRO A 96 -12.29 16.55 -7.64
C PRO A 96 -13.59 16.77 -8.42
N SER A 97 -13.50 17.64 -9.42
CA SER A 97 -14.65 17.94 -10.25
C SER A 97 -14.25 18.91 -11.37
N SER A 98 -14.67 18.58 -12.57
CA SER A 98 -14.38 19.42 -13.73
C SER A 98 -15.44 20.49 -13.89
N GLY A 99 -16.67 20.03 -14.10
CA GLY A 99 -17.79 20.94 -14.28
C GLY A 99 -18.18 21.60 -12.96
N GLY A 1 -14.19 -0.04 -8.58
CA GLY A 1 -13.22 -0.59 -7.65
C GLY A 1 -11.88 0.14 -7.77
N SER A 2 -10.90 -0.59 -8.28
CA SER A 2 -9.56 -0.03 -8.45
C SER A 2 -9.27 0.16 -9.94
N SER A 3 -9.25 1.43 -10.34
CA SER A 3 -8.98 1.77 -11.74
C SER A 3 -7.89 2.84 -11.81
N GLY A 4 -7.02 2.69 -12.78
CA GLY A 4 -5.93 3.64 -12.99
C GLY A 4 -5.80 4.03 -14.46
N SER A 5 -4.86 4.92 -14.72
CA SER A 5 -4.62 5.37 -16.07
C SER A 5 -3.20 5.92 -16.20
N SER A 6 -2.27 5.01 -16.42
CA SER A 6 -0.86 5.38 -16.56
C SER A 6 -0.37 6.04 -15.28
N GLY A 7 0.87 5.73 -14.94
CA GLY A 7 1.47 6.28 -13.73
C GLY A 7 1.82 5.17 -12.73
N LEU A 8 2.83 4.39 -13.09
CA LEU A 8 3.27 3.30 -12.24
C LEU A 8 3.19 3.74 -10.77
N ARG A 9 4.05 4.69 -10.44
CA ARG A 9 4.10 5.21 -9.08
C ARG A 9 2.69 5.30 -8.50
N LYS A 10 1.83 6.02 -9.21
CA LYS A 10 0.46 6.20 -8.78
C LYS A 10 -0.21 4.84 -8.63
N MET A 11 -0.26 4.11 -9.73
CA MET A 11 -0.86 2.79 -9.74
C MET A 11 -0.36 1.95 -8.55
N VAL A 12 0.96 1.78 -8.51
CA VAL A 12 1.58 1.00 -7.45
C VAL A 12 1.05 1.50 -6.10
N ASP A 13 1.14 2.81 -5.90
CA ASP A 13 0.67 3.41 -4.66
C ASP A 13 -0.74 2.90 -4.35
N GLN A 14 -1.63 3.09 -5.31
CA GLN A 14 -3.00 2.65 -5.15
C GLN A 14 -3.07 1.14 -4.93
N LEU A 15 -2.28 0.42 -5.72
CA LEU A 15 -2.22 -1.03 -5.62
C LEU A 15 -2.12 -1.42 -4.15
N PHE A 16 -1.00 -1.06 -3.55
CA PHE A 16 -0.76 -1.37 -2.15
C PHE A 16 -1.90 -0.87 -1.27
N CYS A 17 -2.33 0.36 -1.56
CA CYS A 17 -3.40 0.97 -0.80
C CYS A 17 -4.59 0.01 -0.80
N LYS A 18 -5.11 -0.25 -1.99
CA LYS A 18 -6.24 -1.15 -2.14
C LYS A 18 -5.97 -2.43 -1.35
N LYS A 19 -5.04 -3.23 -1.86
CA LYS A 19 -4.68 -4.48 -1.21
C LYS A 19 -4.62 -4.26 0.30
N PHE A 20 -3.77 -3.33 0.71
CA PHE A 20 -3.62 -3.02 2.12
C PHE A 20 -4.98 -2.85 2.80
N ALA A 21 -5.87 -2.15 2.10
CA ALA A 21 -7.20 -1.89 2.62
C ALA A 21 -7.92 -3.23 2.80
N GLU A 22 -7.76 -4.10 1.82
CA GLU A 22 -8.40 -5.41 1.86
C GLU A 22 -8.07 -6.11 3.17
N ALA A 23 -6.78 -6.16 3.49
CA ALA A 23 -6.34 -6.80 4.72
C ALA A 23 -6.87 -6.02 5.92
N LEU A 24 -7.13 -4.74 5.69
CA LEU A 24 -7.65 -3.88 6.74
C LEU A 24 -9.17 -3.98 6.77
N GLY A 25 -9.71 -4.62 5.74
CA GLY A 25 -11.15 -4.80 5.64
C GLY A 25 -11.86 -3.43 5.58
N SER A 26 -11.44 -2.63 4.62
CA SER A 26 -12.03 -1.31 4.44
C SER A 26 -12.61 -1.18 3.04
N THR A 27 -13.59 -0.29 2.92
CA THR A 27 -14.24 -0.05 1.64
C THR A 27 -13.41 0.90 0.78
N GLU A 28 -13.01 2.00 1.39
CA GLU A 28 -12.22 3.00 0.71
C GLU A 28 -10.73 2.67 0.82
N ALA A 29 -9.93 3.35 0.00
CA ALA A 29 -8.50 3.13 0.01
C ALA A 29 -7.86 3.93 1.14
N LYS A 30 -6.68 3.51 1.54
CA LYS A 30 -5.95 4.17 2.62
C LYS A 30 -4.46 4.19 2.29
N ALA A 31 -3.74 4.99 3.05
CA ALA A 31 -2.30 5.12 2.85
C ALA A 31 -1.59 4.05 3.67
N VAL A 32 -0.65 3.38 3.02
CA VAL A 32 0.12 2.33 3.67
C VAL A 32 1.22 2.96 4.53
N PRO A 33 1.07 2.76 5.87
CA PRO A 33 2.04 3.31 6.80
C PRO A 33 3.34 2.50 6.79
N TYR A 34 4.17 2.79 5.79
CA TYR A 34 5.43 2.10 5.65
C TYR A 34 6.18 2.06 6.98
N GLN A 35 5.85 3.00 7.85
CA GLN A 35 6.48 3.07 9.15
C GLN A 35 6.07 1.88 10.01
N LYS A 36 4.78 1.76 10.25
CA LYS A 36 4.26 0.68 11.05
C LYS A 36 4.86 -0.64 10.57
N PHE A 37 5.01 -0.73 9.26
CA PHE A 37 5.58 -1.93 8.66
C PHE A 37 7.09 -2.01 8.89
N GLU A 38 7.70 -0.84 8.97
CA GLU A 38 9.14 -0.76 9.20
C GLU A 38 9.46 -1.06 10.66
N ALA A 39 8.62 -0.52 11.54
CA ALA A 39 8.81 -0.73 12.97
C ALA A 39 8.25 -2.08 13.37
N HIS A 40 7.43 -2.63 12.47
CA HIS A 40 6.81 -3.93 12.72
C HIS A 40 6.69 -4.69 11.40
N PRO A 41 7.86 -5.02 10.80
CA PRO A 41 7.90 -5.74 9.55
C PRO A 41 7.56 -7.22 9.76
N ASN A 42 7.66 -7.64 11.01
CA ASN A 42 7.37 -9.02 11.36
C ASN A 42 5.87 -9.22 11.45
N ASP A 43 5.19 -8.23 12.01
CA ASP A 43 3.75 -8.28 12.15
C ASP A 43 3.10 -7.64 10.93
N LEU A 44 3.48 -6.39 10.67
CA LEU A 44 2.94 -5.67 9.53
C LEU A 44 3.91 -5.79 8.35
N TYR A 45 3.40 -6.37 7.28
CA TYR A 45 4.20 -6.56 6.08
C TYR A 45 3.34 -6.98 4.89
N VAL A 46 3.99 -7.25 3.78
CA VAL A 46 3.29 -7.66 2.57
C VAL A 46 3.84 -9.01 2.10
N GLU A 47 2.99 -9.74 1.39
CA GLU A 47 3.38 -11.04 0.87
C GLU A 47 3.10 -11.12 -0.63
N GLY A 48 3.64 -12.16 -1.24
CA GLY A 48 3.47 -12.36 -2.67
C GLY A 48 4.20 -11.28 -3.48
N LEU A 49 5.29 -10.80 -2.89
CA LEU A 49 6.09 -9.77 -3.53
C LEU A 49 7.08 -10.44 -4.49
N PRO A 50 7.66 -9.60 -5.39
CA PRO A 50 8.63 -10.09 -6.36
C PRO A 50 9.98 -10.35 -5.70
N GLU A 51 10.75 -11.22 -6.34
CA GLU A 51 12.06 -11.57 -5.83
C GLU A 51 13.05 -10.42 -6.07
N ASN A 52 13.88 -10.18 -5.08
CA ASN A 52 14.87 -9.12 -5.16
C ASN A 52 14.16 -7.76 -5.14
N ILE A 53 13.01 -7.74 -4.47
CA ILE A 53 12.23 -6.52 -4.37
C ILE A 53 11.54 -6.48 -3.00
N PRO A 54 12.04 -5.55 -2.13
CA PRO A 54 11.48 -5.39 -0.80
C PRO A 54 10.13 -4.68 -0.85
N PHE A 55 9.67 -4.26 0.32
CA PHE A 55 8.41 -3.56 0.43
C PHE A 55 8.62 -2.10 0.81
N ARG A 56 8.75 -1.26 -0.20
CA ARG A 56 8.95 0.16 0.02
C ARG A 56 7.89 0.97 -0.74
N SER A 57 8.06 2.28 -0.70
CA SER A 57 7.14 3.18 -1.37
C SER A 57 7.34 3.10 -2.89
N PRO A 58 6.32 3.59 -3.63
CA PRO A 58 6.37 3.57 -5.08
C PRO A 58 7.31 4.65 -5.61
N SER A 59 7.49 5.69 -4.79
CA SER A 59 8.35 6.79 -5.16
C SER A 59 9.81 6.35 -5.13
N TRP A 60 10.01 5.12 -4.67
CA TRP A 60 11.35 4.56 -4.58
C TRP A 60 11.53 3.56 -5.73
N TYR A 61 10.64 2.57 -5.75
CA TYR A 61 10.68 1.56 -6.79
C TYR A 61 11.04 2.17 -8.14
N GLY A 62 11.90 1.45 -8.86
CA GLY A 62 12.32 1.91 -10.17
C GLY A 62 11.16 1.91 -11.17
N ILE A 63 11.47 2.33 -12.38
CA ILE A 63 10.46 2.39 -13.43
C ILE A 63 9.99 0.97 -13.75
N PRO A 64 10.98 0.06 -13.96
CA PRO A 64 10.67 -1.32 -14.28
C PRO A 64 10.20 -2.08 -13.03
N ARG A 65 10.76 -1.70 -11.90
CA ARG A 65 10.41 -2.33 -10.64
C ARG A 65 8.89 -2.24 -10.41
N LEU A 66 8.38 -1.02 -10.53
CA LEU A 66 6.96 -0.79 -10.34
C LEU A 66 6.16 -1.85 -11.11
N GLU A 67 6.23 -1.74 -12.43
CA GLU A 67 5.52 -2.68 -13.29
C GLU A 67 5.62 -4.09 -12.72
N LYS A 68 6.84 -4.56 -12.58
CA LYS A 68 7.10 -5.90 -12.05
C LYS A 68 6.12 -6.16 -10.91
N ILE A 69 6.09 -5.24 -9.96
CA ILE A 69 5.21 -5.37 -8.81
C ILE A 69 3.76 -5.44 -9.29
N ILE A 70 3.42 -4.52 -10.17
CA ILE A 70 2.07 -4.47 -10.72
C ILE A 70 1.72 -5.83 -11.32
N GLN A 71 2.69 -6.40 -12.02
CA GLN A 71 2.50 -7.69 -12.65
C GLN A 71 2.11 -8.74 -11.61
N VAL A 72 2.74 -8.64 -10.45
CA VAL A 72 2.47 -9.56 -9.36
C VAL A 72 1.56 -8.89 -8.33
N GLY A 73 1.01 -7.76 -8.73
CA GLY A 73 0.12 -7.01 -7.86
C GLY A 73 -1.23 -7.71 -7.71
N ASN A 74 -1.37 -8.82 -8.42
CA ASN A 74 -2.59 -9.60 -8.38
C ASN A 74 -2.42 -10.77 -7.40
N ARG A 75 -1.18 -10.98 -6.99
CA ARG A 75 -0.86 -12.05 -6.07
C ARG A 75 -0.42 -11.48 -4.73
N ILE A 76 -0.14 -10.19 -4.72
CA ILE A 76 0.29 -9.51 -3.52
C ILE A 76 -0.68 -9.84 -2.37
N LYS A 77 -0.18 -9.73 -1.16
CA LYS A 77 -0.99 -10.02 0.01
C LYS A 77 -0.54 -9.11 1.16
N PHE A 78 -1.50 -8.75 1.99
CA PHE A 78 -1.22 -7.89 3.14
C PHE A 78 -1.62 -8.58 4.45
N VAL A 79 -0.63 -8.82 5.28
CA VAL A 79 -0.86 -9.46 6.57
C VAL A 79 -0.88 -8.40 7.66
N ILE A 80 -2.02 -8.31 8.33
CA ILE A 80 -2.18 -7.34 9.41
C ILE A 80 -2.12 -8.07 10.76
N LYS A 81 -0.91 -8.48 11.11
CA LYS A 81 -0.70 -9.18 12.37
C LYS A 81 -1.09 -8.27 13.53
N ARG A 82 -0.85 -6.98 13.33
CA ARG A 82 -1.16 -6.00 14.35
C ARG A 82 -1.69 -4.71 13.71
N PRO A 83 -3.03 -4.67 13.52
CA PRO A 83 -3.66 -3.50 12.91
C PRO A 83 -3.74 -2.35 13.90
N GLU A 84 -3.97 -2.70 15.16
CA GLU A 84 -4.07 -1.69 16.21
C GLU A 84 -2.94 -0.66 16.06
N LEU A 85 -1.76 -1.16 15.75
CA LEU A 85 -0.60 -0.30 15.59
C LEU A 85 -0.99 0.91 14.74
N LEU A 86 -1.75 0.64 13.69
CA LEU A 86 -2.20 1.69 12.79
C LEU A 86 -3.11 2.65 13.56
N THR A 87 -3.98 2.08 14.37
CA THR A 87 -4.91 2.86 15.17
C THR A 87 -5.84 3.67 14.26
N HIS A 88 -7.14 3.51 14.50
CA HIS A 88 -8.14 4.21 13.71
C HIS A 88 -8.07 5.71 14.01
N SER A 89 -8.95 6.45 13.36
CA SER A 89 -9.00 7.89 13.55
C SER A 89 -7.58 8.47 13.55
N THR A 90 -7.07 8.67 12.34
CA THR A 90 -5.73 9.22 12.18
C THR A 90 -5.80 10.73 11.91
N THR A 91 -4.77 11.43 12.37
CA THR A 91 -4.70 12.86 12.18
C THR A 91 -3.86 13.19 10.94
N GLU A 92 -4.39 14.11 10.13
CA GLU A 92 -3.70 14.52 8.92
C GLU A 92 -3.41 16.02 8.97
N VAL A 93 -4.48 16.79 9.08
CA VAL A 93 -4.36 18.24 9.12
C VAL A 93 -3.73 18.74 7.82
N SER A 94 -4.55 19.38 7.01
CA SER A 94 -4.09 19.90 5.73
C SER A 94 -4.21 21.43 5.73
N GLY A 95 -3.11 22.09 6.06
CA GLY A 95 -3.08 23.54 6.09
C GLY A 95 -1.92 24.09 5.25
N PRO A 96 -2.25 24.48 3.99
CA PRO A 96 -1.26 25.02 3.09
C PRO A 96 -0.89 26.45 3.47
N SER A 97 -0.33 26.59 4.66
CA SER A 97 0.08 27.88 5.16
C SER A 97 1.59 28.04 5.04
N SER A 98 2.01 29.27 4.74
CA SER A 98 3.42 29.56 4.60
C SER A 98 3.62 31.05 4.30
N GLY A 99 4.37 31.70 5.18
CA GLY A 99 4.64 33.12 5.02
C GLY A 99 6.10 33.36 4.66
N GLY A 1 -3.37 19.72 -5.50
CA GLY A 1 -3.77 19.22 -6.80
C GLY A 1 -2.95 18.00 -7.21
N SER A 2 -3.56 17.16 -8.03
CA SER A 2 -2.90 15.97 -8.51
C SER A 2 -3.58 15.45 -9.78
N SER A 3 -2.75 15.01 -10.72
CA SER A 3 -3.26 14.50 -11.98
C SER A 3 -2.79 13.05 -12.19
N GLY A 4 -3.76 12.18 -12.46
CA GLY A 4 -3.46 10.79 -12.68
C GLY A 4 -3.61 10.41 -14.16
N SER A 5 -2.48 10.14 -14.78
CA SER A 5 -2.46 9.78 -16.19
C SER A 5 -1.37 8.74 -16.44
N SER A 6 -1.73 7.48 -16.25
CA SER A 6 -0.79 6.39 -16.46
C SER A 6 0.53 6.70 -15.76
N GLY A 7 0.61 6.33 -14.50
CA GLY A 7 1.81 6.57 -13.71
C GLY A 7 2.06 5.41 -12.74
N LEU A 8 3.00 4.56 -13.10
CA LEU A 8 3.35 3.42 -12.27
C LEU A 8 3.29 3.83 -10.80
N ARG A 9 4.17 4.75 -10.45
CA ARG A 9 4.24 5.24 -9.08
C ARG A 9 2.83 5.35 -8.48
N LYS A 10 1.98 6.05 -9.20
CA LYS A 10 0.60 6.24 -8.76
C LYS A 10 -0.08 4.87 -8.63
N MET A 11 -0.20 4.20 -9.77
CA MET A 11 -0.82 2.88 -9.80
C MET A 11 -0.34 2.03 -8.62
N VAL A 12 0.97 1.85 -8.55
CA VAL A 12 1.56 1.05 -7.48
C VAL A 12 1.03 1.55 -6.13
N ASP A 13 1.21 2.84 -5.91
CA ASP A 13 0.75 3.45 -4.66
C ASP A 13 -0.67 2.97 -4.35
N GLN A 14 -1.53 3.12 -5.34
CA GLN A 14 -2.91 2.71 -5.19
C GLN A 14 -3.00 1.20 -4.96
N LEU A 15 -2.28 0.47 -5.79
CA LEU A 15 -2.27 -0.98 -5.69
C LEU A 15 -2.17 -1.38 -4.21
N PHE A 16 -1.07 -0.99 -3.59
CA PHE A 16 -0.85 -1.30 -2.19
C PHE A 16 -1.97 -0.73 -1.32
N CYS A 17 -2.36 0.49 -1.64
CA CYS A 17 -3.42 1.15 -0.90
C CYS A 17 -4.62 0.21 -0.81
N LYS A 18 -5.04 -0.27 -1.98
CA LYS A 18 -6.17 -1.18 -2.05
C LYS A 18 -5.84 -2.45 -1.26
N LYS A 19 -4.89 -3.21 -1.79
CA LYS A 19 -4.48 -4.45 -1.15
C LYS A 19 -4.43 -4.23 0.37
N PHE A 20 -3.62 -3.27 0.77
CA PHE A 20 -3.46 -2.96 2.18
C PHE A 20 -4.82 -2.82 2.87
N ALA A 21 -5.74 -2.15 2.17
CA ALA A 21 -7.07 -1.95 2.71
C ALA A 21 -7.77 -3.30 2.85
N GLU A 22 -7.70 -4.09 1.80
CA GLU A 22 -8.31 -5.41 1.80
C GLU A 22 -8.07 -6.10 3.14
N ALA A 23 -6.81 -6.27 3.46
CA ALA A 23 -6.43 -6.91 4.71
C ALA A 23 -7.08 -6.17 5.88
N LEU A 24 -7.18 -4.86 5.72
CA LEU A 24 -7.78 -4.04 6.75
C LEU A 24 -9.31 -4.22 6.73
N GLY A 25 -9.79 -4.71 5.60
CA GLY A 25 -11.22 -4.94 5.45
C GLY A 25 -11.98 -3.62 5.32
N SER A 26 -11.48 -2.77 4.43
CA SER A 26 -12.10 -1.47 4.20
C SER A 26 -12.60 -1.37 2.75
N THR A 27 -13.47 -0.41 2.53
CA THR A 27 -14.02 -0.19 1.21
C THR A 27 -13.17 0.82 0.43
N GLU A 28 -12.89 1.94 1.08
CA GLU A 28 -12.09 2.98 0.47
C GLU A 28 -10.60 2.65 0.59
N ALA A 29 -9.80 3.41 -0.15
CA ALA A 29 -8.37 3.21 -0.14
C ALA A 29 -7.76 3.99 1.02
N LYS A 30 -6.64 3.50 1.51
CA LYS A 30 -5.94 4.13 2.62
C LYS A 30 -4.46 4.26 2.29
N ALA A 31 -3.77 5.06 3.08
CA ALA A 31 -2.35 5.27 2.88
C ALA A 31 -1.56 4.23 3.67
N VAL A 32 -0.79 3.43 2.95
CA VAL A 32 0.01 2.39 3.58
C VAL A 32 1.08 3.04 4.46
N PRO A 33 0.94 2.80 5.79
CA PRO A 33 1.88 3.35 6.76
C PRO A 33 3.21 2.60 6.72
N TYR A 34 3.94 2.79 5.63
CA TYR A 34 5.22 2.14 5.46
C TYR A 34 6.01 2.12 6.77
N GLN A 35 5.75 3.13 7.59
CA GLN A 35 6.42 3.25 8.88
C GLN A 35 6.04 2.08 9.79
N LYS A 36 4.74 1.92 9.97
CA LYS A 36 4.24 0.86 10.82
C LYS A 36 4.88 -0.47 10.40
N PHE A 37 5.07 -0.62 9.10
CA PHE A 37 5.67 -1.83 8.56
C PHE A 37 7.18 -1.83 8.80
N GLU A 38 7.73 -0.64 8.99
CA GLU A 38 9.15 -0.49 9.22
C GLU A 38 9.49 -0.80 10.68
N ALA A 39 8.67 -0.26 11.57
CA ALA A 39 8.85 -0.47 12.99
C ALA A 39 8.26 -1.81 13.39
N HIS A 40 7.58 -2.43 12.43
CA HIS A 40 6.94 -3.72 12.67
C HIS A 40 6.82 -4.48 11.36
N PRO A 41 8.01 -4.82 10.78
CA PRO A 41 8.04 -5.55 9.52
C PRO A 41 7.69 -7.02 9.73
N ASN A 42 7.83 -7.47 10.97
CA ASN A 42 7.52 -8.84 11.31
C ASN A 42 6.01 -8.99 11.53
N ASP A 43 5.41 -7.90 12.02
CA ASP A 43 3.98 -7.90 12.27
C ASP A 43 3.25 -7.41 11.02
N LEU A 44 3.58 -6.20 10.61
CA LEU A 44 2.96 -5.61 9.44
C LEU A 44 3.89 -5.77 8.24
N TYR A 45 3.42 -6.54 7.26
CA TYR A 45 4.20 -6.79 6.06
C TYR A 45 3.28 -7.12 4.88
N VAL A 46 3.91 -7.54 3.79
CA VAL A 46 3.16 -7.89 2.59
C VAL A 46 3.63 -9.25 2.09
N GLU A 47 2.74 -9.92 1.37
CA GLU A 47 3.05 -11.23 0.82
C GLU A 47 2.78 -11.26 -0.68
N GLY A 48 3.31 -12.29 -1.32
CA GLY A 48 3.14 -12.45 -2.76
C GLY A 48 3.91 -11.37 -3.53
N LEU A 49 5.01 -10.95 -2.93
CA LEU A 49 5.85 -9.94 -3.55
C LEU A 49 6.83 -10.60 -4.51
N PRO A 50 7.43 -9.76 -5.40
CA PRO A 50 8.39 -10.25 -6.37
C PRO A 50 9.73 -10.57 -5.71
N GLU A 51 10.49 -11.44 -6.36
CA GLU A 51 11.79 -11.83 -5.85
C GLU A 51 12.82 -10.73 -6.10
N ASN A 52 13.66 -10.50 -5.11
CA ASN A 52 14.69 -9.48 -5.21
C ASN A 52 14.03 -8.10 -5.20
N ILE A 53 12.90 -8.03 -4.52
CA ILE A 53 12.16 -6.77 -4.42
C ILE A 53 11.50 -6.68 -3.05
N PRO A 54 12.00 -5.71 -2.24
CA PRO A 54 11.46 -5.50 -0.90
C PRO A 54 10.10 -4.81 -0.95
N PHE A 55 9.68 -4.33 0.20
CA PHE A 55 8.40 -3.64 0.31
C PHE A 55 8.59 -2.20 0.77
N ARG A 56 8.63 -1.30 -0.20
CA ARG A 56 8.80 0.11 0.10
C ARG A 56 7.89 0.97 -0.80
N SER A 57 7.84 2.25 -0.48
CA SER A 57 7.02 3.17 -1.24
C SER A 57 7.31 3.01 -2.74
N PRO A 58 6.34 3.49 -3.57
CA PRO A 58 6.48 3.41 -5.00
C PRO A 58 7.48 4.45 -5.52
N SER A 59 7.59 5.54 -4.78
CA SER A 59 8.50 6.61 -5.14
C SER A 59 9.94 6.09 -5.13
N TRP A 60 10.12 4.91 -4.55
CA TRP A 60 11.43 4.30 -4.46
C TRP A 60 11.57 3.31 -5.63
N TYR A 61 10.66 2.36 -5.66
CA TYR A 61 10.67 1.35 -6.71
C TYR A 61 11.06 1.95 -8.05
N GLY A 62 11.90 1.22 -8.77
CA GLY A 62 12.36 1.68 -10.07
C GLY A 62 11.21 1.73 -11.07
N ILE A 63 11.55 2.13 -12.30
CA ILE A 63 10.56 2.23 -13.36
C ILE A 63 10.05 0.83 -13.70
N PRO A 64 11.03 -0.10 -13.90
CA PRO A 64 10.69 -1.47 -14.24
C PRO A 64 10.16 -2.23 -13.01
N ARG A 65 10.70 -1.85 -11.85
CA ARG A 65 10.29 -2.48 -10.61
C ARG A 65 8.79 -2.34 -10.41
N LEU A 66 8.31 -1.11 -10.49
CA LEU A 66 6.89 -0.83 -10.33
C LEU A 66 6.08 -1.89 -11.10
N GLU A 67 6.14 -1.77 -12.42
CA GLU A 67 5.42 -2.69 -13.28
C GLU A 67 5.53 -4.12 -12.73
N LYS A 68 6.77 -4.58 -12.59
CA LYS A 68 7.02 -5.91 -12.09
C LYS A 68 6.04 -6.22 -10.95
N ILE A 69 6.05 -5.34 -9.95
CA ILE A 69 5.18 -5.51 -8.81
C ILE A 69 3.72 -5.50 -9.28
N ILE A 70 3.43 -4.60 -10.20
CA ILE A 70 2.09 -4.48 -10.74
C ILE A 70 1.69 -5.79 -11.41
N GLN A 71 2.67 -6.41 -12.07
CA GLN A 71 2.44 -7.67 -12.75
C GLN A 71 2.06 -8.75 -11.74
N VAL A 72 2.54 -8.58 -10.52
CA VAL A 72 2.26 -9.54 -9.46
C VAL A 72 1.38 -8.87 -8.41
N GLY A 73 0.87 -7.70 -8.76
CA GLY A 73 0.01 -6.95 -7.86
C GLY A 73 -1.36 -7.63 -7.72
N ASN A 74 -1.55 -8.68 -8.50
CA ASN A 74 -2.79 -9.41 -8.48
C ASN A 74 -2.67 -10.61 -7.53
N ARG A 75 -1.44 -10.87 -7.12
CA ARG A 75 -1.16 -11.98 -6.23
C ARG A 75 -0.69 -11.44 -4.87
N ILE A 76 -0.34 -10.17 -4.86
CA ILE A 76 0.13 -9.54 -3.63
C ILE A 76 -0.87 -9.78 -2.52
N LYS A 77 -0.37 -9.73 -1.29
CA LYS A 77 -1.20 -9.95 -0.12
C LYS A 77 -0.69 -9.09 1.04
N PHE A 78 -1.63 -8.68 1.89
CA PHE A 78 -1.29 -7.86 3.03
C PHE A 78 -1.76 -8.51 4.34
N VAL A 79 -0.79 -8.80 5.19
CA VAL A 79 -1.08 -9.43 6.47
C VAL A 79 -1.02 -8.38 7.58
N ILE A 80 -2.10 -8.29 8.33
CA ILE A 80 -2.18 -7.33 9.42
C ILE A 80 -2.05 -8.07 10.75
N LYS A 81 -0.84 -8.49 11.04
CA LYS A 81 -0.57 -9.22 12.28
C LYS A 81 -1.06 -8.39 13.46
N ARG A 82 -0.72 -7.10 13.43
CA ARG A 82 -1.13 -6.19 14.49
C ARG A 82 -1.66 -4.89 13.89
N PRO A 83 -3.00 -4.87 13.67
CA PRO A 83 -3.66 -3.70 13.11
C PRO A 83 -3.78 -2.60 14.16
N GLU A 84 -3.95 -3.01 15.40
CA GLU A 84 -4.08 -2.07 16.50
C GLU A 84 -3.07 -0.95 16.36
N LEU A 85 -1.83 -1.34 16.09
CA LEU A 85 -0.75 -0.38 15.93
C LEU A 85 -1.24 0.78 15.05
N LEU A 86 -1.93 0.42 13.98
CA LEU A 86 -2.46 1.42 13.07
C LEU A 86 -3.43 2.33 13.81
N THR A 87 -4.28 1.71 14.62
CA THR A 87 -5.25 2.46 15.38
C THR A 87 -4.57 3.52 16.25
N HIS A 88 -3.73 3.04 17.15
CA HIS A 88 -2.99 3.93 18.05
C HIS A 88 -3.93 5.04 18.54
N SER A 89 -4.73 4.69 19.54
CA SER A 89 -5.67 5.65 20.11
C SER A 89 -4.95 6.97 20.40
N THR A 90 -5.25 7.96 19.57
CA THR A 90 -4.65 9.27 19.73
C THR A 90 -5.45 10.32 18.97
N THR A 91 -5.84 11.36 19.69
CA THR A 91 -6.62 12.44 19.09
C THR A 91 -5.96 13.79 19.38
N GLU A 92 -5.91 14.62 18.35
CA GLU A 92 -5.30 15.94 18.47
C GLU A 92 -6.14 16.97 17.71
N VAL A 93 -6.62 17.95 18.45
CA VAL A 93 -7.43 19.01 17.86
C VAL A 93 -6.61 20.30 17.79
N SER A 94 -6.70 20.97 16.65
CA SER A 94 -5.97 22.21 16.46
C SER A 94 -6.23 22.74 15.04
N GLY A 95 -6.16 24.07 14.93
CA GLY A 95 -6.38 24.72 13.65
C GLY A 95 -5.10 25.38 13.14
N PRO A 96 -5.29 26.30 12.17
CA PRO A 96 -4.16 27.02 11.59
C PRO A 96 -3.63 28.08 12.56
N SER A 97 -4.54 28.93 13.01
CA SER A 97 -4.18 29.99 13.94
C SER A 97 -3.29 31.02 13.23
N SER A 98 -3.48 32.27 13.60
CA SER A 98 -2.71 33.36 13.01
C SER A 98 -2.77 34.60 13.91
N GLY A 99 -1.91 34.60 14.92
CA GLY A 99 -1.86 35.71 15.85
C GLY A 99 -0.77 35.50 16.90
N GLY A 1 -11.58 10.21 -6.59
CA GLY A 1 -11.10 10.51 -7.94
C GLY A 1 -10.58 9.24 -8.62
N SER A 2 -9.27 9.22 -8.82
CA SER A 2 -8.63 8.09 -9.47
C SER A 2 -9.29 7.81 -10.83
N SER A 3 -8.82 8.56 -11.82
CA SER A 3 -9.35 8.41 -13.17
C SER A 3 -8.21 8.50 -14.19
N GLY A 4 -7.67 7.34 -14.52
CA GLY A 4 -6.58 7.27 -15.47
C GLY A 4 -5.51 6.26 -15.03
N SER A 5 -4.91 6.55 -13.89
CA SER A 5 -3.88 5.69 -13.34
C SER A 5 -2.97 5.19 -14.46
N SER A 6 -1.91 5.95 -14.71
CA SER A 6 -0.96 5.60 -15.75
C SER A 6 0.45 5.55 -15.16
N GLY A 7 0.75 6.54 -14.33
CA GLY A 7 2.06 6.61 -13.70
C GLY A 7 2.27 5.44 -12.72
N LEU A 8 3.20 4.58 -13.08
CA LEU A 8 3.51 3.42 -12.25
C LEU A 8 3.43 3.82 -10.78
N ARG A 9 4.29 4.75 -10.40
CA ARG A 9 4.32 5.22 -9.02
C ARG A 9 2.90 5.32 -8.47
N LYS A 10 2.09 6.12 -9.14
CA LYS A 10 0.71 6.31 -8.73
C LYS A 10 0.02 4.95 -8.60
N MET A 11 -0.02 4.24 -9.73
CA MET A 11 -0.65 2.92 -9.76
C MET A 11 -0.18 2.08 -8.58
N VAL A 12 1.11 1.80 -8.55
CA VAL A 12 1.69 0.99 -7.49
C VAL A 12 1.17 1.49 -6.14
N ASP A 13 1.23 2.81 -5.98
CA ASP A 13 0.76 3.42 -4.74
C ASP A 13 -0.66 2.95 -4.44
N GLN A 14 -1.53 3.12 -5.43
CA GLN A 14 -2.92 2.72 -5.28
C GLN A 14 -3.01 1.22 -5.03
N LEU A 15 -2.24 0.47 -5.82
CA LEU A 15 -2.23 -0.98 -5.71
C LEU A 15 -2.20 -1.37 -4.23
N PHE A 16 -1.12 -0.97 -3.58
CA PHE A 16 -0.95 -1.28 -2.16
C PHE A 16 -2.09 -0.67 -1.33
N CYS A 17 -2.29 0.62 -1.52
CA CYS A 17 -3.35 1.33 -0.81
C CYS A 17 -4.59 0.44 -0.80
N LYS A 18 -4.76 -0.30 -1.89
CA LYS A 18 -5.91 -1.19 -2.02
C LYS A 18 -5.64 -2.48 -1.23
N LYS A 19 -4.70 -3.26 -1.74
CA LYS A 19 -4.34 -4.51 -1.09
C LYS A 19 -4.29 -4.30 0.42
N PHE A 20 -3.94 -3.08 0.81
CA PHE A 20 -3.85 -2.74 2.22
C PHE A 20 -5.23 -2.77 2.88
N ALA A 21 -6.13 -1.97 2.33
CA ALA A 21 -7.48 -1.89 2.85
C ALA A 21 -8.07 -3.30 2.94
N GLU A 22 -7.83 -4.08 1.90
CA GLU A 22 -8.33 -5.44 1.85
C GLU A 22 -8.06 -6.16 3.17
N ALA A 23 -6.79 -6.24 3.52
CA ALA A 23 -6.39 -6.89 4.75
C ALA A 23 -7.02 -6.16 5.93
N LEU A 24 -7.20 -4.86 5.77
CA LEU A 24 -7.79 -4.04 6.81
C LEU A 24 -9.31 -4.15 6.73
N GLY A 25 -9.76 -4.99 5.81
CA GLY A 25 -11.19 -5.19 5.63
C GLY A 25 -11.93 -3.86 5.54
N SER A 26 -11.52 -3.06 4.57
CA SER A 26 -12.13 -1.75 4.36
C SER A 26 -12.73 -1.67 2.96
N THR A 27 -13.57 -0.67 2.77
CA THR A 27 -14.22 -0.47 1.48
C THR A 27 -13.37 0.46 0.60
N GLU A 28 -12.98 1.58 1.19
CA GLU A 28 -12.18 2.56 0.48
C GLU A 28 -10.69 2.26 0.67
N ALA A 29 -9.88 2.94 -0.13
CA ALA A 29 -8.44 2.76 -0.05
C ALA A 29 -7.89 3.59 1.11
N LYS A 30 -6.67 3.26 1.51
CA LYS A 30 -6.02 3.97 2.60
C LYS A 30 -4.53 4.13 2.28
N ALA A 31 -3.88 4.96 3.08
CA ALA A 31 -2.46 5.22 2.90
C ALA A 31 -1.65 4.16 3.66
N VAL A 32 -0.81 3.45 2.91
CA VAL A 32 0.01 2.41 3.50
C VAL A 32 1.06 3.06 4.42
N PRO A 33 0.90 2.78 5.75
CA PRO A 33 1.82 3.33 6.73
C PRO A 33 3.16 2.60 6.70
N TYR A 34 3.94 2.91 5.67
CA TYR A 34 5.24 2.29 5.51
C TYR A 34 6.02 2.29 6.83
N GLN A 35 5.66 3.22 7.69
CA GLN A 35 6.30 3.34 8.99
C GLN A 35 5.99 2.13 9.86
N LYS A 36 4.70 1.93 10.10
CA LYS A 36 4.24 0.82 10.91
C LYS A 36 4.89 -0.47 10.40
N PHE A 37 5.04 -0.54 9.08
CA PHE A 37 5.65 -1.71 8.46
C PHE A 37 7.16 -1.71 8.65
N GLU A 38 7.70 -0.51 8.81
CA GLU A 38 9.14 -0.36 9.00
C GLU A 38 9.52 -0.65 10.46
N ALA A 39 8.68 -0.18 11.37
CA ALA A 39 8.91 -0.39 12.78
C ALA A 39 8.38 -1.76 13.18
N HIS A 40 7.57 -2.33 12.30
CA HIS A 40 6.99 -3.64 12.55
C HIS A 40 6.87 -4.41 11.23
N PRO A 41 8.05 -4.73 10.65
CA PRO A 41 8.09 -5.47 9.39
C PRO A 41 7.74 -6.94 9.60
N ASN A 42 7.92 -7.38 10.83
CA ASN A 42 7.63 -8.77 11.19
C ASN A 42 6.13 -8.93 11.44
N ASP A 43 5.53 -7.85 11.93
CA ASP A 43 4.11 -7.86 12.22
C ASP A 43 3.34 -7.42 10.97
N LEU A 44 3.61 -6.19 10.55
CA LEU A 44 2.94 -5.64 9.38
C LEU A 44 3.88 -5.76 8.16
N TYR A 45 3.39 -6.46 7.15
CA TYR A 45 4.17 -6.65 5.94
C TYR A 45 3.26 -7.06 4.77
N VAL A 46 3.91 -7.40 3.66
CA VAL A 46 3.18 -7.81 2.47
C VAL A 46 3.68 -9.18 2.01
N GLU A 47 2.80 -9.89 1.33
CA GLU A 47 3.15 -11.21 0.83
C GLU A 47 2.90 -11.29 -0.68
N GLY A 48 3.41 -12.35 -1.28
CA GLY A 48 3.25 -12.55 -2.72
C GLY A 48 4.00 -11.47 -3.51
N LEU A 49 5.08 -10.99 -2.92
CA LEU A 49 5.88 -9.96 -3.56
C LEU A 49 6.89 -10.62 -4.50
N PRO A 50 7.46 -9.79 -5.40
CA PRO A 50 8.43 -10.27 -6.37
C PRO A 50 9.78 -10.53 -5.70
N GLU A 51 10.46 -11.55 -6.19
CA GLU A 51 11.76 -11.92 -5.65
C GLU A 51 12.79 -10.81 -5.93
N ASN A 52 13.62 -10.56 -4.94
CA ASN A 52 14.65 -9.54 -5.07
C ASN A 52 13.99 -8.15 -5.08
N ILE A 53 12.84 -8.08 -4.41
CA ILE A 53 12.10 -6.84 -4.33
C ILE A 53 11.40 -6.74 -2.98
N PRO A 54 11.92 -5.80 -2.13
CA PRO A 54 11.36 -5.61 -0.81
C PRO A 54 10.01 -4.87 -0.88
N PHE A 55 9.59 -4.35 0.27
CA PHE A 55 8.33 -3.63 0.34
C PHE A 55 8.57 -2.18 0.78
N ARG A 56 8.66 -1.31 -0.21
CA ARG A 56 8.88 0.11 0.04
C ARG A 56 7.93 0.96 -0.80
N SER A 57 7.99 2.26 -0.58
CA SER A 57 7.15 3.19 -1.31
C SER A 57 7.41 3.06 -2.81
N PRO A 58 6.41 3.52 -3.60
CA PRO A 58 6.52 3.47 -5.06
C PRO A 58 7.49 4.53 -5.58
N SER A 59 7.68 5.56 -4.76
CA SER A 59 8.57 6.64 -5.14
C SER A 59 10.02 6.16 -5.11
N TRP A 60 10.19 4.93 -4.65
CA TRP A 60 11.52 4.34 -4.57
C TRP A 60 11.65 3.33 -5.71
N TYR A 61 10.71 2.40 -5.74
CA TYR A 61 10.71 1.36 -6.77
C TYR A 61 11.10 1.95 -8.13
N GLY A 62 11.92 1.19 -8.85
CA GLY A 62 12.36 1.63 -10.16
C GLY A 62 11.19 1.68 -11.15
N ILE A 63 11.52 2.07 -12.38
CA ILE A 63 10.50 2.17 -13.42
C ILE A 63 9.97 0.77 -13.74
N PRO A 64 10.93 -0.17 -13.96
CA PRO A 64 10.56 -1.54 -14.29
C PRO A 64 10.08 -2.28 -13.04
N ARG A 65 10.64 -1.91 -11.90
CA ARG A 65 10.27 -2.53 -10.64
C ARG A 65 8.77 -2.37 -10.40
N LEU A 66 8.31 -1.13 -10.49
CA LEU A 66 6.90 -0.84 -10.29
C LEU A 66 6.05 -1.87 -11.05
N GLU A 67 6.19 -1.83 -12.37
CA GLU A 67 5.45 -2.75 -13.22
C GLU A 67 5.54 -4.17 -12.67
N LYS A 68 6.78 -4.63 -12.52
CA LYS A 68 7.02 -5.97 -12.01
C LYS A 68 6.03 -6.27 -10.89
N ILE A 69 5.96 -5.36 -9.93
CA ILE A 69 5.06 -5.52 -8.81
C ILE A 69 3.62 -5.55 -9.31
N ILE A 70 3.32 -4.62 -10.20
CA ILE A 70 1.99 -4.51 -10.78
C ILE A 70 1.62 -5.85 -11.43
N GLN A 71 2.60 -6.45 -12.07
CA GLN A 71 2.40 -7.72 -12.75
C GLN A 71 1.97 -8.79 -11.73
N VAL A 72 2.55 -8.70 -10.55
CA VAL A 72 2.23 -9.65 -9.49
C VAL A 72 1.37 -8.95 -8.43
N GLY A 73 0.81 -7.82 -8.83
CA GLY A 73 -0.03 -7.06 -7.92
C GLY A 73 -1.42 -7.67 -7.82
N ASN A 74 -1.59 -8.80 -8.48
CA ASN A 74 -2.86 -9.50 -8.48
C ASN A 74 -2.80 -10.66 -7.47
N ARG A 75 -1.59 -10.94 -7.04
CA ARG A 75 -1.38 -12.02 -6.08
C ARG A 75 -0.87 -11.46 -4.75
N ILE A 76 -0.56 -10.17 -4.77
CA ILE A 76 -0.07 -9.50 -3.57
C ILE A 76 -1.00 -9.78 -2.41
N LYS A 77 -0.46 -9.70 -1.20
CA LYS A 77 -1.23 -9.95 0.00
C LYS A 77 -0.70 -9.08 1.13
N PHE A 78 -1.60 -8.69 2.03
CA PHE A 78 -1.24 -7.86 3.16
C PHE A 78 -1.64 -8.52 4.48
N VAL A 79 -0.62 -8.87 5.26
CA VAL A 79 -0.86 -9.51 6.54
C VAL A 79 -0.86 -8.45 7.64
N ILE A 80 -1.93 -8.45 8.42
CA ILE A 80 -2.08 -7.50 9.51
C ILE A 80 -1.91 -8.22 10.85
N LYS A 81 -0.67 -8.60 11.14
CA LYS A 81 -0.37 -9.29 12.38
C LYS A 81 -0.85 -8.45 13.56
N ARG A 82 -0.58 -7.16 13.47
CA ARG A 82 -0.98 -6.24 14.53
C ARG A 82 -1.62 -4.98 13.92
N PRO A 83 -2.97 -5.05 13.75
CA PRO A 83 -3.70 -3.93 13.18
C PRO A 83 -3.85 -2.81 14.21
N GLU A 84 -3.99 -3.20 15.46
CA GLU A 84 -4.14 -2.24 16.55
C GLU A 84 -3.18 -1.07 16.35
N LEU A 85 -1.95 -1.41 16.00
CA LEU A 85 -0.93 -0.40 15.79
C LEU A 85 -1.50 0.71 14.89
N LEU A 86 -2.23 0.28 13.87
CA LEU A 86 -2.82 1.23 12.94
C LEU A 86 -3.96 1.98 13.64
N THR A 87 -4.74 1.22 14.40
CA THR A 87 -5.85 1.80 15.13
C THR A 87 -5.38 2.97 16.01
N HIS A 88 -6.09 4.08 15.89
CA HIS A 88 -5.74 5.26 16.66
C HIS A 88 -4.60 6.01 15.97
N SER A 89 -4.91 6.55 14.80
CA SER A 89 -3.92 7.30 14.04
C SER A 89 -4.56 7.88 12.77
N THR A 90 -4.35 9.17 12.59
CA THR A 90 -4.91 9.85 11.43
C THR A 90 -4.08 11.10 11.10
N THR A 91 -3.73 11.22 9.83
CA THR A 91 -2.94 12.34 9.37
C THR A 91 -3.86 13.51 8.97
N GLU A 92 -3.23 14.60 8.55
CA GLU A 92 -3.97 15.78 8.14
C GLU A 92 -3.23 16.49 7.00
N VAL A 93 -4.02 17.00 6.07
CA VAL A 93 -3.46 17.71 4.92
C VAL A 93 -4.59 18.43 4.17
N SER A 94 -4.27 19.60 3.66
CA SER A 94 -5.24 20.39 2.93
C SER A 94 -4.57 21.65 2.36
N GLY A 95 -4.95 21.98 1.14
CA GLY A 95 -4.40 23.15 0.47
C GLY A 95 -5.00 23.33 -0.92
N PRO A 96 -4.94 24.59 -1.41
CA PRO A 96 -5.48 24.91 -2.73
C PRO A 96 -4.57 24.39 -3.83
N SER A 97 -5.18 23.73 -4.81
CA SER A 97 -4.43 23.17 -5.92
C SER A 97 -4.58 24.09 -7.15
N SER A 98 -5.82 24.29 -7.56
CA SER A 98 -6.10 25.13 -8.71
C SER A 98 -7.52 25.70 -8.60
N GLY A 99 -7.75 26.77 -9.35
CA GLY A 99 -9.05 27.41 -9.35
C GLY A 99 -9.16 28.43 -10.49
N GLY A 1 -6.68 6.93 -11.69
CA GLY A 1 -6.54 7.19 -13.12
C GLY A 1 -7.90 7.52 -13.75
N SER A 2 -7.84 8.06 -14.95
CA SER A 2 -9.05 8.42 -15.67
C SER A 2 -8.77 8.46 -17.17
N SER A 3 -9.04 7.33 -17.82
CA SER A 3 -8.83 7.22 -19.25
C SER A 3 -7.34 7.10 -19.55
N GLY A 4 -6.63 8.18 -19.26
CA GLY A 4 -5.19 8.23 -19.49
C GLY A 4 -4.53 6.91 -19.06
N SER A 5 -4.92 6.44 -17.88
CA SER A 5 -4.37 5.21 -17.35
C SER A 5 -2.85 5.20 -17.50
N SER A 6 -2.18 5.61 -16.42
CA SER A 6 -0.73 5.65 -16.43
C SER A 6 -0.22 6.26 -15.11
N GLY A 7 1.04 5.98 -14.81
CA GLY A 7 1.65 6.49 -13.60
C GLY A 7 1.95 5.35 -12.62
N LEU A 8 2.93 4.53 -13.00
CA LEU A 8 3.34 3.41 -12.17
C LEU A 8 3.28 3.83 -10.70
N ARG A 9 4.17 4.74 -10.34
CA ARG A 9 4.23 5.23 -8.97
C ARG A 9 2.82 5.34 -8.39
N LYS A 10 1.99 6.11 -9.07
CA LYS A 10 0.62 6.30 -8.63
C LYS A 10 -0.08 4.94 -8.52
N MET A 11 -0.06 4.22 -9.63
CA MET A 11 -0.68 2.91 -9.67
C MET A 11 -0.21 2.04 -8.51
N VAL A 12 1.10 1.83 -8.46
CA VAL A 12 1.68 1.01 -7.41
C VAL A 12 1.17 1.51 -6.05
N ASP A 13 1.22 2.82 -5.87
CA ASP A 13 0.78 3.42 -4.63
C ASP A 13 -0.64 2.94 -4.32
N GLN A 14 -1.52 3.10 -5.29
CA GLN A 14 -2.91 2.70 -5.13
C GLN A 14 -2.98 1.18 -4.93
N LEU A 15 -2.22 0.46 -5.74
CA LEU A 15 -2.20 -0.99 -5.64
C LEU A 15 -2.10 -1.40 -4.17
N PHE A 16 -1.00 -1.01 -3.55
CA PHE A 16 -0.77 -1.34 -2.15
C PHE A 16 -1.92 -0.83 -1.28
N CYS A 17 -2.30 0.41 -1.53
CA CYS A 17 -3.39 1.03 -0.78
C CYS A 17 -4.57 0.07 -0.77
N LYS A 18 -5.04 -0.27 -1.96
CA LYS A 18 -6.16 -1.17 -2.10
C LYS A 18 -5.88 -2.45 -1.30
N LYS A 19 -4.94 -3.22 -1.80
CA LYS A 19 -4.57 -4.47 -1.14
C LYS A 19 -4.54 -4.26 0.37
N PHE A 20 -3.73 -3.31 0.79
CA PHE A 20 -3.61 -2.98 2.21
C PHE A 20 -4.98 -2.87 2.86
N ALA A 21 -5.90 -2.23 2.15
CA ALA A 21 -7.24 -2.04 2.66
C ALA A 21 -7.90 -3.40 2.85
N GLU A 22 -7.82 -4.22 1.80
CA GLU A 22 -8.40 -5.56 1.84
C GLU A 22 -8.13 -6.21 3.20
N ALA A 23 -6.84 -6.30 3.53
CA ALA A 23 -6.44 -6.91 4.79
C ALA A 23 -7.08 -6.14 5.94
N LEU A 24 -7.08 -4.82 5.81
CA LEU A 24 -7.65 -3.97 6.83
C LEU A 24 -9.17 -4.13 6.83
N GLY A 25 -9.66 -4.80 5.81
CA GLY A 25 -11.08 -5.03 5.68
C GLY A 25 -11.85 -3.72 5.56
N SER A 26 -11.46 -2.93 4.57
CA SER A 26 -12.10 -1.64 4.33
C SER A 26 -12.58 -1.55 2.89
N THR A 27 -13.46 -0.59 2.65
CA THR A 27 -14.00 -0.39 1.32
C THR A 27 -13.21 0.69 0.57
N GLU A 28 -12.89 1.76 1.31
CA GLU A 28 -12.15 2.86 0.74
C GLU A 28 -10.64 2.57 0.79
N ALA A 29 -9.90 3.31 0.00
CA ALA A 29 -8.45 3.15 -0.05
C ALA A 29 -7.80 4.01 1.02
N LYS A 30 -6.82 3.43 1.69
CA LYS A 30 -6.11 4.14 2.75
C LYS A 30 -4.63 4.24 2.39
N ALA A 31 -3.92 5.04 3.16
CA ALA A 31 -2.49 5.23 2.93
C ALA A 31 -1.71 4.17 3.72
N VAL A 32 -0.93 3.39 2.97
CA VAL A 32 -0.14 2.34 3.58
C VAL A 32 0.95 2.98 4.45
N PRO A 33 0.83 2.74 5.79
CA PRO A 33 1.80 3.28 6.74
C PRO A 33 3.11 2.50 6.68
N TYR A 34 3.88 2.76 5.63
CA TYR A 34 5.16 2.09 5.45
C TYR A 34 5.97 2.11 6.74
N GLN A 35 5.65 3.08 7.58
CA GLN A 35 6.36 3.23 8.85
C GLN A 35 6.02 2.07 9.78
N LYS A 36 4.72 1.88 10.00
CA LYS A 36 4.25 0.81 10.86
C LYS A 36 4.87 -0.50 10.41
N PHE A 37 5.04 -0.63 9.10
CA PHE A 37 5.61 -1.83 8.52
C PHE A 37 7.14 -1.82 8.65
N GLU A 38 7.69 -0.63 8.76
CA GLU A 38 9.12 -0.46 8.89
C GLU A 38 9.56 -0.73 10.34
N ALA A 39 8.72 -0.28 11.26
CA ALA A 39 9.00 -0.46 12.68
C ALA A 39 8.46 -1.82 13.13
N HIS A 40 7.58 -2.38 12.31
CA HIS A 40 6.99 -3.66 12.62
C HIS A 40 6.80 -4.47 11.33
N PRO A 41 7.95 -4.82 10.70
CA PRO A 41 7.94 -5.58 9.47
C PRO A 41 7.60 -7.05 9.74
N ASN A 42 7.87 -7.47 10.97
CA ASN A 42 7.60 -8.84 11.37
C ASN A 42 6.09 -9.01 11.64
N ASP A 43 5.46 -7.88 11.95
CA ASP A 43 4.03 -7.89 12.23
C ASP A 43 3.27 -7.39 11.00
N LEU A 44 3.62 -6.19 10.58
CA LEU A 44 2.98 -5.59 9.42
C LEU A 44 3.90 -5.74 8.20
N TYR A 45 3.42 -6.49 7.22
CA TYR A 45 4.19 -6.72 6.01
C TYR A 45 3.27 -7.05 4.83
N VAL A 46 3.88 -7.39 3.71
CA VAL A 46 3.14 -7.74 2.52
C VAL A 46 3.66 -9.06 1.95
N GLU A 47 2.73 -9.89 1.52
CA GLU A 47 3.08 -11.18 0.96
C GLU A 47 2.79 -11.21 -0.54
N GLY A 48 3.29 -12.24 -1.20
CA GLY A 48 3.08 -12.39 -2.63
C GLY A 48 3.85 -11.32 -3.41
N LEU A 49 4.95 -10.89 -2.82
CA LEU A 49 5.78 -9.87 -3.45
C LEU A 49 6.78 -10.54 -4.40
N PRO A 50 7.38 -9.70 -5.29
CA PRO A 50 8.35 -10.20 -6.24
C PRO A 50 9.69 -10.49 -5.56
N GLU A 51 10.45 -11.38 -6.18
CA GLU A 51 11.75 -11.75 -5.64
C GLU A 51 12.78 -10.65 -5.92
N ASN A 52 13.62 -10.41 -4.94
CA ASN A 52 14.65 -9.39 -5.07
C ASN A 52 13.98 -8.00 -5.07
N ILE A 53 12.85 -7.92 -4.38
CA ILE A 53 12.12 -6.67 -4.30
C ILE A 53 11.47 -6.56 -2.92
N PRO A 54 11.97 -5.57 -2.13
CA PRO A 54 11.45 -5.35 -0.79
C PRO A 54 10.09 -4.66 -0.83
N PHE A 55 9.57 -4.36 0.34
CA PHE A 55 8.28 -3.69 0.44
C PHE A 55 8.44 -2.25 0.92
N ARG A 56 8.57 -1.36 -0.05
CA ARG A 56 8.73 0.06 0.26
C ARG A 56 7.76 0.89 -0.58
N SER A 57 7.90 2.20 -0.45
CA SER A 57 7.05 3.12 -1.19
C SER A 57 7.32 3.01 -2.69
N PRO A 58 6.35 3.52 -3.48
CA PRO A 58 6.47 3.48 -4.93
C PRO A 58 7.47 4.53 -5.43
N SER A 59 7.68 5.54 -4.60
CA SER A 59 8.61 6.60 -4.93
C SER A 59 10.04 6.09 -4.87
N TRP A 60 10.18 4.85 -4.41
CA TRP A 60 11.48 4.23 -4.30
C TRP A 60 11.63 3.22 -5.45
N TYR A 61 10.65 2.35 -5.55
CA TYR A 61 10.65 1.33 -6.60
C TYR A 61 11.08 1.94 -7.94
N GLY A 62 11.90 1.19 -8.65
CA GLY A 62 12.39 1.63 -9.94
C GLY A 62 11.25 1.69 -10.96
N ILE A 63 11.61 2.09 -12.18
CA ILE A 63 10.63 2.19 -13.25
C ILE A 63 10.10 0.80 -13.59
N PRO A 64 11.06 -0.15 -13.79
CA PRO A 64 10.71 -1.51 -14.12
C PRO A 64 10.17 -2.26 -12.89
N ARG A 65 10.69 -1.88 -11.74
CA ARG A 65 10.29 -2.50 -10.49
C ARG A 65 8.78 -2.34 -10.29
N LEU A 66 8.32 -1.12 -10.45
CA LEU A 66 6.91 -0.82 -10.29
C LEU A 66 6.09 -1.85 -11.07
N GLU A 67 6.20 -1.77 -12.38
CA GLU A 67 5.48 -2.69 -13.25
C GLU A 67 5.56 -4.12 -12.71
N LYS A 68 6.80 -4.58 -12.57
CA LYS A 68 7.03 -5.93 -12.07
C LYS A 68 6.04 -6.22 -10.95
N ILE A 69 6.00 -5.30 -9.98
CA ILE A 69 5.11 -5.46 -8.84
C ILE A 69 3.66 -5.50 -9.34
N ILE A 70 3.34 -4.57 -10.23
CA ILE A 70 2.00 -4.49 -10.79
C ILE A 70 1.64 -5.83 -11.43
N GLN A 71 2.63 -6.40 -12.10
CA GLN A 71 2.43 -7.68 -12.77
C GLN A 71 1.99 -8.74 -11.76
N VAL A 72 2.53 -8.64 -10.56
CA VAL A 72 2.20 -9.58 -9.51
C VAL A 72 1.32 -8.88 -8.46
N GLY A 73 0.81 -7.72 -8.85
CA GLY A 73 -0.04 -6.95 -7.97
C GLY A 73 -1.40 -7.65 -7.78
N ASN A 74 -1.59 -8.73 -8.53
CA ASN A 74 -2.82 -9.48 -8.44
C ASN A 74 -2.64 -10.64 -7.46
N ARG A 75 -1.38 -10.93 -7.15
CA ARG A 75 -1.06 -12.00 -6.23
C ARG A 75 -0.59 -11.43 -4.89
N ILE A 76 -0.37 -10.12 -4.88
CA ILE A 76 0.08 -9.44 -3.69
C ILE A 76 -0.89 -9.74 -2.54
N LYS A 77 -0.36 -9.66 -1.33
CA LYS A 77 -1.17 -9.91 -0.14
C LYS A 77 -0.68 -9.04 1.01
N PHE A 78 -1.61 -8.67 1.86
CA PHE A 78 -1.29 -7.83 3.01
C PHE A 78 -1.73 -8.48 4.31
N VAL A 79 -0.77 -8.73 5.18
CA VAL A 79 -1.04 -9.36 6.46
C VAL A 79 -1.00 -8.29 7.56
N ILE A 80 -2.07 -8.25 8.35
CA ILE A 80 -2.17 -7.29 9.42
C ILE A 80 -2.07 -8.03 10.76
N LYS A 81 -0.86 -8.48 11.07
CA LYS A 81 -0.62 -9.19 12.31
C LYS A 81 -1.09 -8.33 13.48
N ARG A 82 -0.82 -7.05 13.39
CA ARG A 82 -1.20 -6.11 14.43
C ARG A 82 -1.75 -4.83 13.82
N PRO A 83 -3.09 -4.83 13.58
CA PRO A 83 -3.75 -3.67 13.00
C PRO A 83 -3.90 -2.54 14.03
N GLU A 84 -4.01 -2.95 15.28
CA GLU A 84 -4.15 -1.99 16.37
C GLU A 84 -3.09 -0.89 16.26
N LEU A 85 -1.87 -1.32 15.95
CA LEU A 85 -0.76 -0.40 15.81
C LEU A 85 -1.22 0.81 14.98
N LEU A 86 -2.00 0.51 13.94
CA LEU A 86 -2.49 1.55 13.07
C LEU A 86 -3.44 2.47 13.85
N THR A 87 -4.29 1.84 14.66
CA THR A 87 -5.23 2.58 15.47
C THR A 87 -6.21 3.34 14.57
N HIS A 88 -7.48 3.29 14.95
CA HIS A 88 -8.52 3.96 14.20
C HIS A 88 -8.09 5.41 13.92
N SER A 89 -8.62 5.96 12.84
CA SER A 89 -8.29 7.32 12.45
C SER A 89 -9.31 7.82 11.42
N THR A 90 -9.32 9.14 11.25
CA THR A 90 -10.24 9.75 10.29
C THR A 90 -9.45 10.50 9.21
N THR A 91 -10.03 10.51 8.02
CA THR A 91 -9.40 11.18 6.89
C THR A 91 -10.46 11.72 5.93
N GLU A 92 -10.04 12.66 5.10
CA GLU A 92 -10.95 13.26 4.13
C GLU A 92 -10.20 14.28 3.28
N VAL A 93 -9.66 15.30 3.94
CA VAL A 93 -8.93 16.35 3.26
C VAL A 93 -9.84 17.03 2.24
N SER A 94 -10.42 18.15 2.66
CA SER A 94 -11.32 18.90 1.81
C SER A 94 -10.51 19.79 0.86
N GLY A 95 -10.87 19.74 -0.41
CA GLY A 95 -10.19 20.54 -1.42
C GLY A 95 -11.20 21.24 -2.32
N PRO A 96 -10.72 22.35 -2.96
CA PRO A 96 -11.56 23.11 -3.85
C PRO A 96 -11.75 22.39 -5.20
N SER A 97 -12.82 22.76 -5.89
CA SER A 97 -13.13 22.15 -7.17
C SER A 97 -13.97 23.11 -8.02
N SER A 98 -13.27 24.00 -8.71
CA SER A 98 -13.94 24.97 -9.56
C SER A 98 -12.92 25.78 -10.34
N GLY A 99 -12.52 25.25 -11.49
CA GLY A 99 -11.54 25.91 -12.33
C GLY A 99 -12.17 27.10 -13.06
N GLY A 1 -0.14 11.21 -6.67
CA GLY A 1 -0.77 11.98 -7.72
C GLY A 1 -2.26 11.64 -7.85
N SER A 2 -2.80 11.91 -9.02
CA SER A 2 -4.20 11.63 -9.28
C SER A 2 -4.51 11.82 -10.77
N SER A 3 -5.58 11.18 -11.19
CA SER A 3 -6.00 11.26 -12.59
C SER A 3 -4.89 10.73 -13.49
N GLY A 4 -5.28 10.33 -14.69
CA GLY A 4 -4.34 9.80 -15.66
C GLY A 4 -4.24 8.28 -15.55
N SER A 5 -4.21 7.63 -16.70
CA SER A 5 -4.12 6.18 -16.74
C SER A 5 -2.72 5.73 -16.30
N SER A 6 -1.72 6.21 -17.02
CA SER A 6 -0.34 5.87 -16.71
C SER A 6 0.05 6.48 -15.35
N GLY A 7 1.20 6.03 -14.86
CA GLY A 7 1.70 6.53 -13.59
C GLY A 7 1.97 5.36 -12.62
N LEU A 8 2.94 4.54 -13.01
CA LEU A 8 3.31 3.39 -12.20
C LEU A 8 3.23 3.78 -10.71
N ARG A 9 4.09 4.71 -10.33
CA ARG A 9 4.13 5.17 -8.95
C ARG A 9 2.70 5.27 -8.39
N LYS A 10 1.90 6.11 -9.03
CA LYS A 10 0.53 6.30 -8.61
C LYS A 10 -0.16 4.94 -8.48
N MET A 11 -0.17 4.21 -9.58
CA MET A 11 -0.80 2.89 -9.61
C MET A 11 -0.31 2.04 -8.44
N VAL A 12 0.99 1.82 -8.41
CA VAL A 12 1.60 1.03 -7.35
C VAL A 12 1.11 1.54 -5.99
N ASP A 13 1.21 2.85 -5.81
CA ASP A 13 0.78 3.47 -4.59
C ASP A 13 -0.65 3.02 -4.25
N GLN A 14 -1.48 3.04 -5.27
CA GLN A 14 -2.87 2.63 -5.10
C GLN A 14 -2.96 1.13 -4.88
N LEU A 15 -2.22 0.39 -5.70
CA LEU A 15 -2.21 -1.06 -5.60
C LEU A 15 -2.09 -1.47 -4.14
N PHE A 16 -0.97 -1.10 -3.53
CA PHE A 16 -0.73 -1.41 -2.14
C PHE A 16 -1.88 -0.91 -1.25
N CYS A 17 -2.31 0.31 -1.54
CA CYS A 17 -3.39 0.91 -0.78
C CYS A 17 -4.58 -0.05 -0.79
N LYS A 18 -5.09 -0.31 -1.99
CA LYS A 18 -6.22 -1.20 -2.15
C LYS A 18 -5.96 -2.49 -1.37
N LYS A 19 -5.02 -3.28 -1.86
CA LYS A 19 -4.68 -4.53 -1.22
C LYS A 19 -4.64 -4.32 0.29
N PHE A 20 -3.78 -3.41 0.72
CA PHE A 20 -3.65 -3.11 2.13
C PHE A 20 -5.01 -2.96 2.80
N ALA A 21 -5.90 -2.28 2.08
CA ALA A 21 -7.25 -2.04 2.59
C ALA A 21 -7.95 -3.39 2.78
N GLU A 22 -7.82 -4.25 1.78
CA GLU A 22 -8.42 -5.56 1.84
C GLU A 22 -8.16 -6.22 3.19
N ALA A 23 -6.88 -6.38 3.49
CA ALA A 23 -6.47 -7.00 4.74
C ALA A 23 -7.07 -6.21 5.91
N LEU A 24 -7.27 -4.92 5.66
CA LEU A 24 -7.82 -4.04 6.68
C LEU A 24 -9.35 -4.21 6.71
N GLY A 25 -9.87 -4.75 5.63
CA GLY A 25 -11.30 -4.97 5.52
C GLY A 25 -12.06 -3.64 5.41
N SER A 26 -11.56 -2.80 4.52
CA SER A 26 -12.17 -1.49 4.32
C SER A 26 -12.76 -1.41 2.90
N THR A 27 -13.68 -0.47 2.74
CA THR A 27 -14.32 -0.28 1.44
C THR A 27 -13.51 0.69 0.59
N GLU A 28 -13.11 1.78 1.20
CA GLU A 28 -12.32 2.79 0.50
C GLU A 28 -10.83 2.49 0.64
N ALA A 29 -10.04 3.19 -0.17
CA ALA A 29 -8.60 3.01 -0.14
C ALA A 29 -8.01 3.79 1.03
N LYS A 30 -6.84 3.36 1.46
CA LYS A 30 -6.16 4.01 2.57
C LYS A 30 -4.66 4.06 2.28
N ALA A 31 -3.97 4.87 3.09
CA ALA A 31 -2.53 5.02 2.92
C ALA A 31 -1.81 3.93 3.73
N VAL A 32 -0.80 3.37 3.11
CA VAL A 32 -0.02 2.32 3.76
C VAL A 32 1.06 2.96 4.63
N PRO A 33 0.91 2.74 5.97
CA PRO A 33 1.85 3.28 6.93
C PRO A 33 3.17 2.49 6.92
N TYR A 34 3.93 2.68 5.84
CA TYR A 34 5.20 2.00 5.70
C TYR A 34 6.02 2.08 6.98
N GLN A 35 5.72 3.10 7.78
CA GLN A 35 6.42 3.29 9.04
C GLN A 35 6.13 2.14 9.99
N LYS A 36 4.84 1.87 10.18
CA LYS A 36 4.42 0.80 11.06
C LYS A 36 4.97 -0.53 10.54
N PHE A 37 5.10 -0.61 9.23
CA PHE A 37 5.61 -1.82 8.59
C PHE A 37 7.14 -1.89 8.70
N GLU A 38 7.73 -0.72 8.89
CA GLU A 38 9.18 -0.63 9.00
C GLU A 38 9.62 -0.96 10.43
N ALA A 39 8.87 -0.42 11.39
CA ALA A 39 9.17 -0.65 12.79
C ALA A 39 8.56 -1.99 13.22
N HIS A 40 7.70 -2.51 12.38
CA HIS A 40 7.04 -3.78 12.67
C HIS A 40 6.83 -4.55 11.36
N PRO A 41 7.97 -4.93 10.73
CA PRO A 41 7.94 -5.67 9.48
C PRO A 41 7.55 -7.13 9.73
N ASN A 42 7.67 -7.54 10.98
CA ASN A 42 7.33 -8.90 11.36
C ASN A 42 5.82 -9.02 11.55
N ASP A 43 5.23 -7.93 12.01
CA ASP A 43 3.80 -7.90 12.24
C ASP A 43 3.10 -7.37 10.98
N LEU A 44 3.46 -6.17 10.60
CA LEU A 44 2.88 -5.55 9.42
C LEU A 44 3.83 -5.71 8.24
N TYR A 45 3.35 -6.39 7.21
CA TYR A 45 4.14 -6.63 6.02
C TYR A 45 3.25 -7.00 4.83
N VAL A 46 3.89 -7.46 3.77
CA VAL A 46 3.18 -7.85 2.57
C VAL A 46 3.67 -9.24 2.11
N GLU A 47 2.80 -9.92 1.38
CA GLU A 47 3.13 -11.24 0.88
C GLU A 47 2.87 -11.32 -0.64
N GLY A 48 3.44 -12.35 -1.24
CA GLY A 48 3.28 -12.54 -2.68
C GLY A 48 4.02 -11.47 -3.46
N LEU A 49 5.10 -10.98 -2.87
CA LEU A 49 5.91 -9.95 -3.50
C LEU A 49 6.91 -10.61 -4.46
N PRO A 50 7.48 -9.77 -5.35
CA PRO A 50 8.45 -10.26 -6.33
C PRO A 50 9.80 -10.53 -5.68
N GLU A 51 10.54 -11.45 -6.28
CA GLU A 51 11.86 -11.81 -5.77
C GLU A 51 12.86 -10.68 -6.02
N ASN A 52 13.69 -10.43 -5.01
CA ASN A 52 14.69 -9.38 -5.11
C ASN A 52 14.01 -8.02 -5.10
N ILE A 53 12.85 -7.98 -4.44
CA ILE A 53 12.09 -6.75 -4.34
C ILE A 53 11.40 -6.70 -2.97
N PRO A 54 11.89 -5.77 -2.10
CA PRO A 54 11.33 -5.62 -0.77
C PRO A 54 10.00 -4.88 -0.83
N PHE A 55 9.58 -4.40 0.32
CA PHE A 55 8.31 -3.68 0.42
C PHE A 55 8.54 -2.22 0.84
N ARG A 56 8.68 -1.36 -0.16
CA ARG A 56 8.91 0.05 0.09
C ARG A 56 7.93 0.89 -0.73
N SER A 57 8.04 2.20 -0.57
CA SER A 57 7.18 3.13 -1.28
C SER A 57 7.41 3.00 -2.79
N PRO A 58 6.41 3.50 -3.56
CA PRO A 58 6.49 3.45 -5.02
C PRO A 58 7.49 4.49 -5.55
N SER A 59 7.62 5.57 -4.80
CA SER A 59 8.53 6.64 -5.19
C SER A 59 9.97 6.14 -5.12
N TRP A 60 10.13 4.96 -4.54
CA TRP A 60 11.45 4.37 -4.41
C TRP A 60 11.64 3.36 -5.53
N TYR A 61 10.66 2.47 -5.65
CA TYR A 61 10.71 1.44 -6.68
C TYR A 61 11.11 2.05 -8.03
N GLY A 62 11.94 1.30 -8.74
CA GLY A 62 12.40 1.74 -10.05
C GLY A 62 11.25 1.80 -11.06
N ILE A 63 11.60 2.19 -12.27
CA ILE A 63 10.60 2.28 -13.34
C ILE A 63 10.09 0.88 -13.68
N PRO A 64 11.06 -0.05 -13.90
CA PRO A 64 10.71 -1.42 -14.23
C PRO A 64 10.21 -2.17 -13.00
N ARG A 65 10.76 -1.80 -11.85
CA ARG A 65 10.37 -2.43 -10.60
C ARG A 65 8.86 -2.31 -10.38
N LEU A 66 8.38 -1.07 -10.50
CA LEU A 66 6.96 -0.80 -10.33
C LEU A 66 6.15 -1.83 -11.10
N GLU A 67 6.25 -1.74 -12.42
CA GLU A 67 5.53 -2.65 -13.29
C GLU A 67 5.59 -4.07 -12.75
N LYS A 68 6.82 -4.57 -12.60
CA LYS A 68 7.03 -5.90 -12.09
C LYS A 68 6.05 -6.16 -10.94
N ILE A 69 6.06 -5.25 -9.98
CA ILE A 69 5.18 -5.38 -8.82
C ILE A 69 3.72 -5.42 -9.30
N ILE A 70 3.40 -4.49 -10.19
CA ILE A 70 2.05 -4.42 -10.72
C ILE A 70 1.68 -5.77 -11.35
N GLN A 71 2.64 -6.34 -12.05
CA GLN A 71 2.44 -7.63 -12.70
C GLN A 71 2.04 -8.69 -11.67
N VAL A 72 2.60 -8.54 -10.48
CA VAL A 72 2.31 -9.47 -9.40
C VAL A 72 1.40 -8.80 -8.37
N GLY A 73 0.88 -7.64 -8.76
CA GLY A 73 -0.01 -6.90 -7.88
C GLY A 73 -1.36 -7.60 -7.75
N ASN A 74 -1.53 -8.65 -8.53
CA ASN A 74 -2.76 -9.41 -8.50
C ASN A 74 -2.60 -10.61 -7.57
N ARG A 75 -1.37 -10.81 -7.13
CA ARG A 75 -1.06 -11.92 -6.23
C ARG A 75 -0.60 -11.39 -4.87
N ILE A 76 -0.30 -10.10 -4.85
CA ILE A 76 0.16 -9.45 -3.63
C ILE A 76 -0.82 -9.76 -2.50
N LYS A 77 -0.31 -9.69 -1.28
CA LYS A 77 -1.13 -9.96 -0.11
C LYS A 77 -0.65 -9.09 1.05
N PHE A 78 -1.61 -8.63 1.83
CA PHE A 78 -1.31 -7.79 2.98
C PHE A 78 -1.76 -8.45 4.29
N VAL A 79 -0.79 -8.70 5.15
CA VAL A 79 -1.09 -9.32 6.44
C VAL A 79 -1.06 -8.26 7.54
N ILE A 80 -2.12 -8.25 8.33
CA ILE A 80 -2.23 -7.29 9.42
C ILE A 80 -2.14 -8.02 10.75
N LYS A 81 -0.92 -8.41 11.09
CA LYS A 81 -0.68 -9.13 12.34
C LYS A 81 -1.11 -8.24 13.52
N ARG A 82 -0.92 -6.94 13.34
CA ARG A 82 -1.28 -5.99 14.37
C ARG A 82 -1.79 -4.69 13.74
N PRO A 83 -3.14 -4.64 13.54
CA PRO A 83 -3.75 -3.47 12.95
C PRO A 83 -3.82 -2.32 13.96
N GLU A 84 -3.95 -2.69 15.22
CA GLU A 84 -4.02 -1.69 16.29
C GLU A 84 -2.93 -0.64 16.12
N LEU A 85 -1.73 -1.12 15.80
CA LEU A 85 -0.61 -0.24 15.61
C LEU A 85 -1.01 0.90 14.67
N LEU A 86 -1.81 0.55 13.68
CA LEU A 86 -2.28 1.52 12.71
C LEU A 86 -3.16 2.56 13.41
N THR A 87 -3.97 2.06 14.33
CA THR A 87 -4.87 2.92 15.08
C THR A 87 -4.09 4.07 15.71
N HIS A 88 -4.49 5.28 15.33
CA HIS A 88 -3.84 6.48 15.85
C HIS A 88 -2.61 6.81 15.00
N SER A 89 -2.85 7.64 13.98
CA SER A 89 -1.78 8.04 13.09
C SER A 89 -2.31 9.01 12.03
N THR A 90 -2.36 10.28 12.40
CA THR A 90 -2.85 11.31 11.50
C THR A 90 -1.95 12.54 11.57
N THR A 91 -1.89 13.25 10.45
CA THR A 91 -1.08 14.46 10.38
C THR A 91 -1.97 15.68 10.08
N GLU A 92 -2.65 16.15 11.11
CA GLU A 92 -3.53 17.29 10.98
C GLU A 92 -4.13 17.67 12.33
N VAL A 93 -3.33 18.38 13.11
CA VAL A 93 -3.78 18.82 14.43
C VAL A 93 -4.26 17.60 15.22
N SER A 94 -3.31 16.85 15.76
CA SER A 94 -3.63 15.68 16.54
C SER A 94 -3.14 15.85 17.98
N GLY A 95 -4.07 15.69 18.90
CA GLY A 95 -3.75 15.82 20.32
C GLY A 95 -4.83 15.17 21.18
N PRO A 96 -4.56 13.89 21.56
CA PRO A 96 -5.49 13.14 22.38
C PRO A 96 -5.43 13.61 23.84
N SER A 97 -6.61 13.76 24.43
CA SER A 97 -6.71 14.20 25.81
C SER A 97 -6.50 13.01 26.75
N SER A 98 -7.34 12.01 26.58
CA SER A 98 -7.26 10.82 27.40
C SER A 98 -6.26 9.82 26.78
N GLY A 99 -5.84 8.87 27.61
CA GLY A 99 -4.90 7.86 27.15
C GLY A 99 -5.62 6.56 26.80
N GLY A 1 -3.68 10.82 -0.03
CA GLY A 1 -5.00 11.41 -0.23
C GLY A 1 -5.50 11.19 -1.65
N SER A 2 -5.67 12.28 -2.37
CA SER A 2 -6.14 12.22 -3.75
C SER A 2 -5.46 13.30 -4.59
N SER A 3 -4.31 12.94 -5.13
CA SER A 3 -3.55 13.87 -5.96
C SER A 3 -3.54 13.39 -7.41
N GLY A 4 -3.03 14.25 -8.28
CA GLY A 4 -2.97 13.93 -9.70
C GLY A 4 -1.52 13.69 -10.13
N SER A 5 -1.18 12.41 -10.25
CA SER A 5 0.16 12.03 -10.65
C SER A 5 0.11 11.13 -11.88
N SER A 6 -0.62 10.03 -11.73
CA SER A 6 -0.78 9.08 -12.82
C SER A 6 0.58 8.45 -13.15
N GLY A 7 0.54 7.15 -13.45
CA GLY A 7 1.76 6.44 -13.79
C GLY A 7 2.02 5.31 -12.79
N LEU A 8 2.99 4.48 -13.12
CA LEU A 8 3.36 3.36 -12.26
C LEU A 8 3.25 3.79 -10.80
N ARG A 9 4.12 4.71 -10.42
CA ARG A 9 4.13 5.22 -9.06
C ARG A 9 2.70 5.33 -8.52
N LYS A 10 1.92 6.15 -9.20
CA LYS A 10 0.53 6.36 -8.80
C LYS A 10 -0.15 4.99 -8.62
N MET A 11 -0.11 4.21 -9.69
CA MET A 11 -0.72 2.89 -9.66
C MET A 11 -0.23 2.08 -8.47
N VAL A 12 1.05 1.75 -8.49
CA VAL A 12 1.65 0.98 -7.41
C VAL A 12 1.15 1.51 -6.08
N ASP A 13 1.08 2.83 -5.98
CA ASP A 13 0.62 3.48 -4.76
C ASP A 13 -0.80 2.98 -4.44
N GLN A 14 -1.66 3.05 -5.45
CA GLN A 14 -3.03 2.62 -5.28
C GLN A 14 -3.09 1.11 -5.01
N LEU A 15 -2.32 0.37 -5.79
CA LEU A 15 -2.27 -1.08 -5.64
C LEU A 15 -2.18 -1.43 -4.15
N PHE A 16 -1.08 -1.02 -3.55
CA PHE A 16 -0.87 -1.29 -2.13
C PHE A 16 -2.01 -0.72 -1.29
N CYS A 17 -2.39 0.50 -1.62
CA CYS A 17 -3.48 1.16 -0.91
C CYS A 17 -4.68 0.22 -0.87
N LYS A 18 -5.02 -0.31 -2.03
CA LYS A 18 -6.14 -1.23 -2.13
C LYS A 18 -5.85 -2.49 -1.30
N LYS A 19 -4.87 -3.24 -1.76
CA LYS A 19 -4.48 -4.46 -1.07
C LYS A 19 -4.47 -4.20 0.45
N PHE A 20 -3.68 -3.22 0.84
CA PHE A 20 -3.57 -2.87 2.25
C PHE A 20 -4.96 -2.76 2.89
N ALA A 21 -5.88 -2.18 2.14
CA ALA A 21 -7.24 -2.00 2.63
C ALA A 21 -7.90 -3.37 2.77
N GLU A 22 -7.74 -4.19 1.75
CA GLU A 22 -8.32 -5.53 1.74
C GLU A 22 -8.08 -6.20 3.08
N ALA A 23 -6.80 -6.32 3.44
CA ALA A 23 -6.42 -6.95 4.69
C ALA A 23 -7.09 -6.20 5.86
N LEU A 24 -7.14 -4.88 5.71
CA LEU A 24 -7.75 -4.05 6.74
C LEU A 24 -9.26 -4.25 6.72
N GLY A 25 -9.74 -4.84 5.63
CA GLY A 25 -11.16 -5.09 5.47
C GLY A 25 -11.95 -3.78 5.37
N SER A 26 -11.50 -2.93 4.46
CA SER A 26 -12.14 -1.64 4.26
C SER A 26 -12.61 -1.51 2.80
N THR A 27 -13.55 -0.60 2.60
CA THR A 27 -14.08 -0.37 1.27
C THR A 27 -13.25 0.67 0.53
N GLU A 28 -12.95 1.76 1.24
CA GLU A 28 -12.16 2.83 0.66
C GLU A 28 -10.67 2.52 0.79
N ALA A 29 -9.87 3.30 0.09
CA ALA A 29 -8.43 3.13 0.11
C ALA A 29 -7.84 3.94 1.27
N LYS A 30 -6.66 3.53 1.70
CA LYS A 30 -5.98 4.22 2.79
C LYS A 30 -4.49 4.33 2.47
N ALA A 31 -3.81 5.12 3.27
CA ALA A 31 -2.37 5.32 3.09
C ALA A 31 -1.60 4.26 3.86
N VAL A 32 -0.79 3.52 3.13
CA VAL A 32 0.02 2.46 3.73
C VAL A 32 1.09 3.09 4.62
N PRO A 33 0.95 2.85 5.95
CA PRO A 33 1.90 3.37 6.91
C PRO A 33 3.22 2.60 6.86
N TYR A 34 3.97 2.83 5.80
CA TYR A 34 5.25 2.17 5.62
C TYR A 34 6.04 2.14 6.94
N GLN A 35 5.80 3.16 7.75
CA GLN A 35 6.48 3.26 9.03
C GLN A 35 6.17 2.05 9.90
N LYS A 36 4.88 1.88 10.19
CA LYS A 36 4.44 0.76 11.01
C LYS A 36 5.01 -0.53 10.44
N PHE A 37 4.94 -0.65 9.13
CA PHE A 37 5.45 -1.84 8.45
C PHE A 37 6.97 -1.93 8.59
N GLU A 38 7.58 -0.78 8.80
CA GLU A 38 9.03 -0.72 8.94
C GLU A 38 9.43 -1.02 10.39
N ALA A 39 8.66 -0.47 11.31
CA ALA A 39 8.93 -0.66 12.72
C ALA A 39 8.31 -2.00 13.17
N HIS A 40 7.50 -2.56 12.29
CA HIS A 40 6.85 -3.83 12.58
C HIS A 40 6.76 -4.66 11.30
N PRO A 41 7.96 -5.04 10.77
CA PRO A 41 8.01 -5.83 9.55
C PRO A 41 7.64 -7.29 9.83
N ASN A 42 7.76 -7.66 11.09
CA ASN A 42 7.44 -9.03 11.51
C ASN A 42 5.92 -9.15 11.70
N ASP A 43 5.31 -8.03 12.05
CA ASP A 43 3.88 -8.00 12.27
C ASP A 43 3.18 -7.47 11.01
N LEU A 44 3.51 -6.24 10.67
CA LEU A 44 2.93 -5.62 9.49
C LEU A 44 3.88 -5.78 8.31
N TYR A 45 3.42 -6.51 7.31
CA TYR A 45 4.22 -6.74 6.12
C TYR A 45 3.33 -7.09 4.92
N VAL A 46 3.98 -7.50 3.84
CA VAL A 46 3.27 -7.87 2.63
C VAL A 46 3.75 -9.24 2.15
N GLU A 47 2.85 -9.95 1.49
CA GLU A 47 3.16 -11.27 0.97
C GLU A 47 2.92 -11.33 -0.53
N GLY A 48 3.52 -12.34 -1.16
CA GLY A 48 3.37 -12.51 -2.59
C GLY A 48 4.10 -11.41 -3.36
N LEU A 49 5.17 -10.92 -2.75
CA LEU A 49 5.96 -9.87 -3.36
C LEU A 49 6.95 -10.49 -4.34
N PRO A 50 7.51 -9.62 -5.22
CA PRO A 50 8.48 -10.07 -6.22
C PRO A 50 9.84 -10.35 -5.56
N GLU A 51 10.52 -11.35 -6.09
CA GLU A 51 11.82 -11.73 -5.59
C GLU A 51 12.84 -10.62 -5.85
N ASN A 52 13.68 -10.38 -4.86
CA ASN A 52 14.70 -9.36 -4.98
C ASN A 52 14.03 -7.98 -5.00
N ILE A 53 12.88 -7.90 -4.35
CA ILE A 53 12.14 -6.65 -4.29
C ILE A 53 11.46 -6.53 -2.93
N PRO A 54 11.96 -5.55 -2.12
CA PRO A 54 11.41 -5.33 -0.79
C PRO A 54 10.06 -4.62 -0.88
N PHE A 55 9.59 -4.17 0.27
CA PHE A 55 8.31 -3.46 0.35
C PHE A 55 8.51 -2.02 0.78
N ARG A 56 8.63 -1.14 -0.22
CA ARG A 56 8.83 0.27 0.04
C ARG A 56 7.85 1.10 -0.78
N SER A 57 7.92 2.41 -0.58
CA SER A 57 7.04 3.32 -1.30
C SER A 57 7.27 3.20 -2.81
N PRO A 58 6.26 3.65 -3.59
CA PRO A 58 6.35 3.60 -5.04
C PRO A 58 7.29 4.67 -5.58
N SER A 59 7.51 5.70 -4.76
CA SER A 59 8.38 6.79 -5.14
C SER A 59 9.84 6.32 -5.12
N TRP A 60 10.03 5.09 -4.65
CA TRP A 60 11.36 4.51 -4.58
C TRP A 60 11.50 3.50 -5.72
N TYR A 61 10.60 2.53 -5.72
CA TYR A 61 10.61 1.50 -6.76
C TYR A 61 10.99 2.09 -8.12
N GLY A 62 11.87 1.39 -8.80
CA GLY A 62 12.32 1.83 -10.11
C GLY A 62 11.17 1.82 -11.11
N ILE A 63 11.49 2.22 -12.33
CA ILE A 63 10.50 2.27 -13.39
C ILE A 63 10.01 0.85 -13.70
N PRO A 64 10.99 -0.06 -13.89
CA PRO A 64 10.66 -1.45 -14.19
C PRO A 64 10.18 -2.17 -12.94
N ARG A 65 10.72 -1.78 -11.80
CA ARG A 65 10.35 -2.39 -10.54
C ARG A 65 8.84 -2.28 -10.32
N LEU A 66 8.35 -1.05 -10.45
CA LEU A 66 6.93 -0.79 -10.28
C LEU A 66 6.12 -1.83 -11.04
N GLU A 67 6.22 -1.75 -12.37
CA GLU A 67 5.51 -2.68 -13.23
C GLU A 67 5.60 -4.10 -12.67
N LYS A 68 6.83 -4.58 -12.53
CA LYS A 68 7.07 -5.91 -12.01
C LYS A 68 6.08 -6.19 -10.87
N ILE A 69 6.08 -5.28 -9.90
CA ILE A 69 5.20 -5.42 -8.75
C ILE A 69 3.74 -5.45 -9.24
N ILE A 70 3.43 -4.51 -10.12
CA ILE A 70 2.09 -4.42 -10.66
C ILE A 70 1.70 -5.76 -11.28
N GLN A 71 2.66 -6.36 -11.96
CA GLN A 71 2.42 -7.65 -12.61
C GLN A 71 2.00 -8.69 -11.57
N VAL A 72 2.63 -8.62 -10.41
CA VAL A 72 2.34 -9.55 -9.33
C VAL A 72 1.39 -8.87 -8.34
N GLY A 73 0.93 -7.70 -8.72
CA GLY A 73 0.02 -6.94 -7.87
C GLY A 73 -1.32 -7.66 -7.73
N ASN A 74 -1.49 -8.71 -8.51
CA ASN A 74 -2.72 -9.48 -8.48
C ASN A 74 -2.54 -10.66 -7.52
N ARG A 75 -1.30 -10.89 -7.13
CA ARG A 75 -0.99 -11.97 -6.21
C ARG A 75 -0.52 -11.42 -4.87
N ILE A 76 -0.32 -10.11 -4.85
CA ILE A 76 0.14 -9.44 -3.64
C ILE A 76 -0.83 -9.76 -2.49
N LYS A 77 -0.30 -9.71 -1.28
CA LYS A 77 -1.10 -9.98 -0.10
C LYS A 77 -0.61 -9.12 1.06
N PHE A 78 -1.56 -8.63 1.85
CA PHE A 78 -1.23 -7.79 2.99
C PHE A 78 -1.72 -8.43 4.30
N VAL A 79 -0.76 -8.72 5.17
CA VAL A 79 -1.07 -9.33 6.45
C VAL A 79 -1.05 -8.26 7.53
N ILE A 80 -2.09 -8.26 8.36
CA ILE A 80 -2.20 -7.30 9.44
C ILE A 80 -2.10 -8.03 10.78
N LYS A 81 -0.89 -8.44 11.11
CA LYS A 81 -0.65 -9.15 12.35
C LYS A 81 -1.11 -8.28 13.52
N ARG A 82 -0.76 -7.01 13.44
CA ARG A 82 -1.14 -6.07 14.48
C ARG A 82 -1.65 -4.76 13.88
N PRO A 83 -2.98 -4.72 13.65
CA PRO A 83 -3.61 -3.54 13.06
C PRO A 83 -3.71 -2.41 14.10
N GLU A 84 -3.94 -2.80 15.34
CA GLU A 84 -4.06 -1.83 16.41
C GLU A 84 -2.95 -0.79 16.32
N LEU A 85 -1.78 -1.26 15.90
CA LEU A 85 -0.63 -0.38 15.76
C LEU A 85 -1.02 0.84 14.93
N LEU A 86 -1.74 0.56 13.84
CA LEU A 86 -2.18 1.62 12.95
C LEU A 86 -3.10 2.58 13.72
N THR A 87 -3.98 1.98 14.51
CA THR A 87 -4.93 2.77 15.29
C THR A 87 -5.67 3.76 14.40
N HIS A 88 -6.63 4.45 15.02
CA HIS A 88 -7.42 5.43 14.29
C HIS A 88 -6.53 6.61 13.90
N SER A 89 -6.92 7.26 12.81
CA SER A 89 -6.17 8.41 12.32
C SER A 89 -7.11 9.36 11.58
N THR A 90 -6.70 10.63 11.55
CA THR A 90 -7.50 11.64 10.87
C THR A 90 -6.77 12.16 9.63
N THR A 91 -7.54 12.41 8.58
CA THR A 91 -6.99 12.89 7.34
C THR A 91 -7.73 14.16 6.88
N GLU A 92 -6.97 15.07 6.27
CA GLU A 92 -7.54 16.30 5.78
C GLU A 92 -6.65 16.91 4.70
N VAL A 93 -7.29 17.29 3.60
CA VAL A 93 -6.58 17.86 2.47
C VAL A 93 -7.58 18.45 1.49
N SER A 94 -7.36 19.72 1.14
CA SER A 94 -8.23 20.41 0.21
C SER A 94 -7.40 21.23 -0.77
N GLY A 95 -7.80 21.16 -2.04
CA GLY A 95 -7.09 21.90 -3.08
C GLY A 95 -7.98 22.05 -4.32
N PRO A 96 -8.46 23.31 -4.51
CA PRO A 96 -9.32 23.61 -5.66
C PRO A 96 -8.50 23.69 -6.95
N SER A 97 -7.44 24.48 -6.89
CA SER A 97 -6.57 24.65 -8.04
C SER A 97 -7.34 25.32 -9.19
N SER A 98 -6.91 26.53 -9.52
CA SER A 98 -7.55 27.28 -10.59
C SER A 98 -7.67 26.41 -11.84
N GLY A 99 -8.62 26.78 -12.69
CA GLY A 99 -8.85 26.03 -13.92
C GLY A 99 -9.91 24.95 -13.72
N GLY A 1 -8.35 6.68 -2.61
CA GLY A 1 -7.73 6.38 -3.88
C GLY A 1 -8.79 6.21 -4.98
N SER A 2 -8.55 6.89 -6.09
CA SER A 2 -9.46 6.84 -7.21
C SER A 2 -8.75 7.28 -8.50
N SER A 3 -9.07 6.59 -9.59
CA SER A 3 -8.47 6.91 -10.87
C SER A 3 -6.96 6.61 -10.84
N GLY A 4 -6.39 6.46 -12.02
CA GLY A 4 -4.97 6.17 -12.14
C GLY A 4 -4.65 5.58 -13.52
N SER A 5 -4.15 4.35 -13.50
CA SER A 5 -3.79 3.66 -14.73
C SER A 5 -3.15 4.65 -15.71
N SER A 6 -1.86 4.90 -15.48
CA SER A 6 -1.11 5.81 -16.33
C SER A 6 0.32 5.94 -15.82
N GLY A 7 0.43 6.18 -14.52
CA GLY A 7 1.74 6.32 -13.90
C GLY A 7 1.99 5.21 -12.89
N LEU A 8 2.97 4.37 -13.21
CA LEU A 8 3.32 3.26 -12.34
C LEU A 8 3.22 3.71 -10.88
N ARG A 9 4.08 4.64 -10.52
CA ARG A 9 4.09 5.17 -9.16
C ARG A 9 2.67 5.27 -8.62
N LYS A 10 1.89 6.14 -9.25
CA LYS A 10 0.51 6.35 -8.85
C LYS A 10 -0.18 4.99 -8.70
N MET A 11 -0.16 4.23 -9.78
CA MET A 11 -0.77 2.92 -9.78
C MET A 11 -0.32 2.09 -8.58
N VAL A 12 0.98 1.82 -8.54
CA VAL A 12 1.56 1.04 -7.47
C VAL A 12 1.07 1.60 -6.13
N ASP A 13 1.18 2.91 -6.00
CA ASP A 13 0.76 3.58 -4.78
C ASP A 13 -0.68 3.18 -4.46
N GLN A 14 -1.49 3.12 -5.50
CA GLN A 14 -2.90 2.75 -5.35
C GLN A 14 -3.02 1.25 -5.09
N LEU A 15 -2.26 0.48 -5.86
CA LEU A 15 -2.27 -0.97 -5.73
C LEU A 15 -2.23 -1.33 -4.25
N PHE A 16 -1.13 -0.94 -3.60
CA PHE A 16 -0.95 -1.24 -2.19
C PHE A 16 -2.10 -0.66 -1.36
N CYS A 17 -2.36 0.63 -1.60
CA CYS A 17 -3.43 1.31 -0.88
C CYS A 17 -4.65 0.39 -0.84
N LYS A 18 -4.85 -0.32 -1.94
CA LYS A 18 -5.97 -1.24 -2.06
C LYS A 18 -5.68 -2.51 -1.25
N LYS A 19 -4.69 -3.26 -1.72
CA LYS A 19 -4.30 -4.49 -1.07
C LYS A 19 -4.25 -4.25 0.45
N PHE A 20 -3.97 -3.01 0.81
CA PHE A 20 -3.89 -2.63 2.22
C PHE A 20 -5.28 -2.65 2.86
N ALA A 21 -6.18 -1.87 2.28
CA ALA A 21 -7.53 -1.78 2.79
C ALA A 21 -8.13 -3.18 2.90
N GLU A 22 -7.85 -3.99 1.89
CA GLU A 22 -8.33 -5.36 1.86
C GLU A 22 -8.06 -6.06 3.20
N ALA A 23 -6.78 -6.18 3.50
CA ALA A 23 -6.37 -6.82 4.75
C ALA A 23 -6.99 -6.08 5.93
N LEU A 24 -7.13 -4.77 5.75
CA LEU A 24 -7.70 -3.93 6.80
C LEU A 24 -9.23 -3.98 6.69
N GLY A 25 -9.71 -4.82 5.80
CA GLY A 25 -11.14 -4.96 5.60
C GLY A 25 -11.81 -3.61 5.42
N SER A 26 -11.35 -2.88 4.40
CA SER A 26 -11.90 -1.56 4.12
C SER A 26 -12.29 -1.46 2.64
N THR A 27 -13.39 -0.77 2.39
CA THR A 27 -13.87 -0.60 1.04
C THR A 27 -13.07 0.48 0.32
N GLU A 28 -12.94 1.62 0.98
CA GLU A 28 -12.20 2.75 0.42
C GLU A 28 -10.69 2.50 0.56
N ALA A 29 -9.94 3.20 -0.27
CA ALA A 29 -8.48 3.08 -0.24
C ALA A 29 -7.93 3.87 0.93
N LYS A 30 -6.73 3.49 1.36
CA LYS A 30 -6.08 4.16 2.47
C LYS A 30 -4.58 4.26 2.18
N ALA A 31 -3.91 5.04 3.02
CA ALA A 31 -2.48 5.24 2.87
C ALA A 31 -1.74 4.14 3.64
N VAL A 32 -0.77 3.53 2.97
CA VAL A 32 0.02 2.47 3.58
C VAL A 32 1.08 3.09 4.48
N PRO A 33 0.94 2.83 5.81
CA PRO A 33 1.88 3.36 6.78
C PRO A 33 3.20 2.58 6.75
N TYR A 34 3.99 2.88 5.71
CA TYR A 34 5.27 2.22 5.55
C TYR A 34 6.05 2.19 6.87
N GLN A 35 5.71 3.13 7.74
CA GLN A 35 6.37 3.23 9.02
C GLN A 35 6.03 2.01 9.89
N LYS A 36 4.75 1.84 10.14
CA LYS A 36 4.28 0.73 10.94
C LYS A 36 4.90 -0.57 10.42
N PHE A 37 5.00 -0.65 9.10
CA PHE A 37 5.57 -1.83 8.46
C PHE A 37 7.09 -1.84 8.62
N GLU A 38 7.66 -0.65 8.81
CA GLU A 38 9.10 -0.53 8.97
C GLU A 38 9.48 -0.79 10.43
N ALA A 39 8.65 -0.30 11.33
CA ALA A 39 8.90 -0.47 12.76
C ALA A 39 8.35 -1.83 13.20
N HIS A 40 7.60 -2.45 12.31
CA HIS A 40 7.02 -3.74 12.59
C HIS A 40 6.88 -4.54 11.29
N PRO A 41 8.05 -4.88 10.70
CA PRO A 41 8.07 -5.64 9.46
C PRO A 41 7.73 -7.11 9.71
N ASN A 42 7.92 -7.52 10.96
CA ASN A 42 7.64 -8.89 11.34
C ASN A 42 6.13 -9.06 11.58
N ASP A 43 5.52 -7.98 12.03
CA ASP A 43 4.09 -7.98 12.31
C ASP A 43 3.34 -7.51 11.07
N LEU A 44 3.63 -6.28 10.66
CA LEU A 44 2.99 -5.70 9.49
C LEU A 44 3.94 -5.82 8.29
N TYR A 45 3.45 -6.46 7.25
CA TYR A 45 4.22 -6.65 6.04
C TYR A 45 3.33 -7.01 4.85
N VAL A 46 3.98 -7.29 3.73
CA VAL A 46 3.25 -7.65 2.52
C VAL A 46 3.82 -8.96 1.97
N GLU A 47 2.92 -9.75 1.40
CA GLU A 47 3.31 -11.03 0.83
C GLU A 47 3.00 -11.07 -0.67
N GLY A 48 3.49 -12.12 -1.32
CA GLY A 48 3.28 -12.27 -2.75
C GLY A 48 4.05 -11.22 -3.55
N LEU A 49 5.17 -10.81 -2.98
CA LEU A 49 6.02 -9.82 -3.63
C LEU A 49 7.00 -10.52 -4.57
N PRO A 50 7.60 -9.71 -5.48
CA PRO A 50 8.55 -10.24 -6.44
C PRO A 50 9.90 -10.54 -5.77
N GLU A 51 10.61 -11.47 -6.37
CA GLU A 51 11.92 -11.87 -5.84
C GLU A 51 12.94 -10.75 -6.07
N ASN A 52 13.76 -10.53 -5.05
CA ASN A 52 14.79 -9.50 -5.13
C ASN A 52 14.12 -8.12 -5.11
N ILE A 53 12.96 -8.06 -4.45
CA ILE A 53 12.22 -6.82 -4.35
C ILE A 53 11.53 -6.76 -2.99
N PRO A 54 12.04 -5.84 -2.12
CA PRO A 54 11.47 -5.66 -0.80
C PRO A 54 10.13 -4.92 -0.86
N PHE A 55 9.74 -4.40 0.29
CA PHE A 55 8.49 -3.66 0.38
C PHE A 55 8.73 -2.23 0.83
N ARG A 56 8.80 -1.34 -0.15
CA ARG A 56 9.02 0.07 0.13
C ARG A 56 8.10 0.94 -0.72
N SER A 57 8.09 2.22 -0.40
CA SER A 57 7.24 3.17 -1.13
C SER A 57 7.48 3.02 -2.63
N PRO A 58 6.46 3.48 -3.41
CA PRO A 58 6.53 3.40 -4.86
C PRO A 58 7.49 4.46 -5.42
N SER A 59 7.65 5.53 -4.66
CA SER A 59 8.53 6.61 -5.06
C SER A 59 9.98 6.14 -5.04
N TRP A 60 10.18 4.95 -4.49
CA TRP A 60 11.51 4.38 -4.41
C TRP A 60 11.67 3.37 -5.55
N TYR A 61 10.74 2.42 -5.59
CA TYR A 61 10.76 1.39 -6.62
C TYR A 61 11.17 1.99 -7.97
N GLY A 62 11.98 1.24 -8.69
CA GLY A 62 12.45 1.66 -10.00
C GLY A 62 11.29 1.72 -11.00
N ILE A 63 11.62 2.11 -12.22
CA ILE A 63 10.62 2.20 -13.27
C ILE A 63 10.11 0.80 -13.61
N PRO A 64 11.07 -0.13 -13.82
CA PRO A 64 10.73 -1.51 -14.14
C PRO A 64 10.22 -2.25 -12.90
N ARG A 65 10.77 -1.87 -11.75
CA ARG A 65 10.38 -2.49 -10.50
C ARG A 65 8.88 -2.36 -10.28
N LEU A 66 8.39 -1.14 -10.45
CA LEU A 66 6.98 -0.87 -10.27
C LEU A 66 6.16 -1.91 -11.03
N GLU A 67 6.24 -1.82 -12.36
CA GLU A 67 5.51 -2.76 -13.21
C GLU A 67 5.63 -4.18 -12.66
N LYS A 68 6.86 -4.63 -12.53
CA LYS A 68 7.12 -5.97 -12.02
C LYS A 68 6.14 -6.27 -10.88
N ILE A 69 6.06 -5.34 -9.94
CA ILE A 69 5.17 -5.49 -8.80
C ILE A 69 3.72 -5.56 -9.30
N ILE A 70 3.39 -4.64 -10.20
CA ILE A 70 2.06 -4.58 -10.75
C ILE A 70 1.72 -5.93 -11.39
N GLN A 71 2.71 -6.51 -12.05
CA GLN A 71 2.53 -7.79 -12.71
C GLN A 71 2.15 -8.86 -11.68
N VAL A 72 2.66 -8.68 -10.47
CA VAL A 72 2.39 -9.62 -9.40
C VAL A 72 1.50 -8.95 -8.35
N GLY A 73 0.92 -7.82 -8.74
CA GLY A 73 0.06 -7.07 -7.85
C GLY A 73 -1.32 -7.73 -7.74
N ASN A 74 -1.46 -8.86 -8.43
CA ASN A 74 -2.71 -9.60 -8.42
C ASN A 74 -2.60 -10.76 -7.43
N ARG A 75 -1.38 -11.00 -6.97
CA ARG A 75 -1.12 -12.08 -6.03
C ARG A 75 -0.66 -11.51 -4.69
N ILE A 76 -0.28 -10.24 -4.71
CA ILE A 76 0.18 -9.57 -3.50
C ILE A 76 -0.79 -9.88 -2.36
N LYS A 77 -0.27 -9.77 -1.15
CA LYS A 77 -1.08 -10.02 0.04
C LYS A 77 -0.60 -9.12 1.18
N PHE A 78 -1.55 -8.75 2.02
CA PHE A 78 -1.24 -7.90 3.16
C PHE A 78 -1.64 -8.56 4.48
N VAL A 79 -0.63 -8.92 5.26
CA VAL A 79 -0.86 -9.56 6.54
C VAL A 79 -0.87 -8.51 7.64
N ILE A 80 -1.96 -8.49 8.41
CA ILE A 80 -2.11 -7.53 9.49
C ILE A 80 -1.97 -8.27 10.83
N LYS A 81 -0.74 -8.67 11.12
CA LYS A 81 -0.47 -9.37 12.37
C LYS A 81 -0.99 -8.55 13.55
N ARG A 82 -0.70 -7.25 13.50
CA ARG A 82 -1.13 -6.35 14.56
C ARG A 82 -1.68 -5.06 13.95
N PRO A 83 -3.02 -5.05 13.73
CA PRO A 83 -3.68 -3.89 13.16
C PRO A 83 -3.82 -2.77 14.20
N GLU A 84 -3.93 -3.19 15.46
CA GLU A 84 -4.07 -2.24 16.55
C GLU A 84 -3.08 -1.09 16.37
N LEU A 85 -1.84 -1.45 16.08
CA LEU A 85 -0.79 -0.46 15.89
C LEU A 85 -1.33 0.67 15.00
N LEU A 86 -2.08 0.29 13.99
CA LEU A 86 -2.65 1.26 13.07
C LEU A 86 -3.73 2.07 13.79
N THR A 87 -4.49 1.36 14.62
CA THR A 87 -5.56 2.00 15.38
C THR A 87 -6.59 2.62 14.44
N HIS A 88 -7.84 2.59 14.87
CA HIS A 88 -8.92 3.14 14.08
C HIS A 88 -8.76 4.66 13.99
N SER A 89 -8.49 5.12 12.78
CA SER A 89 -8.31 6.54 12.54
C SER A 89 -8.28 6.83 11.03
N THR A 90 -8.83 7.97 10.66
CA THR A 90 -8.87 8.37 9.26
C THR A 90 -7.98 9.58 9.03
N THR A 91 -7.50 9.70 7.80
CA THR A 91 -6.63 10.82 7.44
C THR A 91 -6.34 10.80 5.94
N GLU A 92 -7.41 10.86 5.15
CA GLU A 92 -7.28 10.86 3.71
C GLU A 92 -6.77 12.21 3.21
N VAL A 93 -5.50 12.23 2.85
CA VAL A 93 -4.88 13.45 2.36
C VAL A 93 -5.07 13.54 0.83
N SER A 94 -4.73 14.70 0.29
CA SER A 94 -4.86 14.92 -1.14
C SER A 94 -3.50 15.32 -1.73
N GLY A 95 -3.02 14.48 -2.64
CA GLY A 95 -1.75 14.73 -3.29
C GLY A 95 -1.81 15.98 -4.17
N PRO A 96 -0.66 16.27 -4.83
CA PRO A 96 -0.58 17.44 -5.70
C PRO A 96 -1.31 17.19 -7.02
N SER A 97 -1.88 18.26 -7.55
CA SER A 97 -2.61 18.18 -8.80
C SER A 97 -2.01 19.12 -9.84
N SER A 98 -1.01 18.63 -10.55
CA SER A 98 -0.34 19.41 -11.56
C SER A 98 -0.63 18.85 -12.95
N GLY A 99 -1.21 19.70 -13.79
CA GLY A 99 -1.55 19.29 -15.15
C GLY A 99 -2.91 19.87 -15.57
N GLY A 1 -7.87 4.16 -7.95
CA GLY A 1 -8.19 2.76 -8.16
C GLY A 1 -8.96 2.56 -9.47
N SER A 2 -8.24 2.10 -10.49
CA SER A 2 -8.84 1.86 -11.78
C SER A 2 -9.28 3.20 -12.41
N SER A 3 -8.53 3.61 -13.42
CA SER A 3 -8.83 4.85 -14.11
C SER A 3 -8.56 4.70 -15.61
N GLY A 4 -7.36 4.24 -15.93
CA GLY A 4 -6.97 4.04 -17.30
C GLY A 4 -5.56 4.57 -17.57
N SER A 5 -4.60 3.92 -16.94
CA SER A 5 -3.21 4.31 -17.09
C SER A 5 -3.01 5.74 -16.58
N SER A 6 -1.84 5.96 -15.99
CA SER A 6 -1.51 7.28 -15.46
C SER A 6 -0.02 7.35 -15.14
N GLY A 7 0.39 6.54 -14.16
CA GLY A 7 1.77 6.51 -13.75
C GLY A 7 2.02 5.36 -12.78
N LEU A 8 2.98 4.51 -13.14
CA LEU A 8 3.32 3.37 -12.31
C LEU A 8 3.25 3.78 -10.83
N ARG A 9 4.11 4.72 -10.46
CA ARG A 9 4.14 5.21 -9.10
C ARG A 9 2.73 5.29 -8.53
N LYS A 10 1.92 6.13 -9.16
CA LYS A 10 0.55 6.32 -8.73
C LYS A 10 -0.13 4.95 -8.58
N MET A 11 -0.16 4.22 -9.67
CA MET A 11 -0.76 2.90 -9.67
C MET A 11 -0.27 2.07 -8.49
N VAL A 12 1.03 1.76 -8.52
CA VAL A 12 1.64 0.98 -7.47
C VAL A 12 1.14 1.48 -6.11
N ASP A 13 1.18 2.80 -5.96
CA ASP A 13 0.75 3.41 -4.71
C ASP A 13 -0.67 2.93 -4.38
N GLN A 14 -1.55 3.05 -5.36
CA GLN A 14 -2.93 2.63 -5.19
C GLN A 14 -3.00 1.13 -4.94
N LEU A 15 -2.23 0.39 -5.74
CA LEU A 15 -2.19 -1.06 -5.62
C LEU A 15 -2.10 -1.44 -4.14
N PHE A 16 -1.01 -1.03 -3.52
CA PHE A 16 -0.78 -1.33 -2.12
C PHE A 16 -1.91 -0.76 -1.25
N CYS A 17 -2.33 0.45 -1.60
CA CYS A 17 -3.40 1.11 -0.86
C CYS A 17 -4.60 0.17 -0.81
N LYS A 18 -4.99 -0.31 -1.99
CA LYS A 18 -6.12 -1.22 -2.08
C LYS A 18 -5.81 -2.49 -1.29
N LYS A 19 -4.86 -3.26 -1.80
CA LYS A 19 -4.47 -4.50 -1.15
C LYS A 19 -4.42 -4.28 0.37
N PHE A 20 -3.65 -3.28 0.76
CA PHE A 20 -3.50 -2.96 2.17
C PHE A 20 -4.88 -2.83 2.85
N ALA A 21 -5.77 -2.13 2.17
CA ALA A 21 -7.10 -1.92 2.70
C ALA A 21 -7.80 -3.28 2.84
N GLU A 22 -7.74 -4.05 1.76
CA GLU A 22 -8.37 -5.37 1.75
C GLU A 22 -8.14 -6.07 3.09
N ALA A 23 -6.87 -6.23 3.44
CA ALA A 23 -6.50 -6.87 4.68
C ALA A 23 -7.16 -6.13 5.85
N LEU A 24 -7.21 -4.81 5.72
CA LEU A 24 -7.81 -3.98 6.75
C LEU A 24 -9.32 -4.14 6.71
N GLY A 25 -9.80 -4.66 5.60
CA GLY A 25 -11.23 -4.87 5.43
C GLY A 25 -11.98 -3.54 5.30
N SER A 26 -11.49 -2.72 4.38
CA SER A 26 -12.10 -1.43 4.15
C SER A 26 -12.63 -1.33 2.72
N THR A 27 -13.46 -0.34 2.49
CA THR A 27 -14.05 -0.13 1.17
C THR A 27 -13.18 0.82 0.35
N GLU A 28 -12.85 1.95 0.97
CA GLU A 28 -12.04 2.95 0.31
C GLU A 28 -10.55 2.62 0.48
N ALA A 29 -9.72 3.33 -0.29
CA ALA A 29 -8.29 3.12 -0.22
C ALA A 29 -7.71 3.93 0.93
N LYS A 30 -6.58 3.48 1.44
CA LYS A 30 -5.91 4.15 2.54
C LYS A 30 -4.41 4.25 2.24
N ALA A 31 -3.74 5.04 3.07
CA ALA A 31 -2.30 5.23 2.91
C ALA A 31 -1.56 4.17 3.72
N VAL A 32 -0.71 3.43 3.02
CA VAL A 32 0.07 2.38 3.67
C VAL A 32 1.15 3.01 4.54
N PRO A 33 1.01 2.80 5.87
CA PRO A 33 1.95 3.35 6.83
C PRO A 33 3.26 2.55 6.80
N TYR A 34 4.10 2.88 5.82
CA TYR A 34 5.38 2.20 5.68
C TYR A 34 6.15 2.20 7.00
N GLN A 35 5.78 3.12 7.86
CA GLN A 35 6.42 3.24 9.16
C GLN A 35 6.02 2.07 10.06
N LYS A 36 4.71 1.85 10.14
CA LYS A 36 4.18 0.77 10.96
C LYS A 36 4.79 -0.55 10.50
N PHE A 37 5.14 -0.59 9.22
CA PHE A 37 5.74 -1.79 8.66
C PHE A 37 7.25 -1.80 8.86
N GLU A 38 7.82 -0.62 8.99
CA GLU A 38 9.25 -0.48 9.19
C GLU A 38 9.60 -0.74 10.66
N ALA A 39 8.70 -0.32 11.54
CA ALA A 39 8.91 -0.51 12.97
C ALA A 39 8.33 -1.86 13.39
N HIS A 40 7.59 -2.47 12.47
CA HIS A 40 6.97 -3.75 12.74
C HIS A 40 6.80 -4.52 11.43
N PRO A 41 7.95 -4.87 10.80
CA PRO A 41 7.94 -5.59 9.54
C PRO A 41 7.58 -7.07 9.76
N ASN A 42 7.77 -7.51 11.00
CA ASN A 42 7.47 -8.89 11.35
C ASN A 42 5.97 -9.03 11.61
N ASP A 43 5.35 -7.90 11.93
CA ASP A 43 3.93 -7.87 12.20
C ASP A 43 3.17 -7.39 10.96
N LEU A 44 3.52 -6.18 10.54
CA LEU A 44 2.89 -5.59 9.37
C LEU A 44 3.83 -5.72 8.17
N TYR A 45 3.36 -6.45 7.17
CA TYR A 45 4.14 -6.67 5.96
C TYR A 45 3.24 -7.03 4.79
N VAL A 46 3.87 -7.35 3.67
CA VAL A 46 3.15 -7.72 2.47
C VAL A 46 3.70 -9.03 1.92
N GLU A 47 2.79 -9.89 1.46
CA GLU A 47 3.17 -11.18 0.92
C GLU A 47 2.88 -11.23 -0.58
N GLY A 48 3.38 -12.27 -1.22
CA GLY A 48 3.18 -12.45 -2.65
C GLY A 48 3.93 -11.39 -3.45
N LEU A 49 5.03 -10.94 -2.87
CA LEU A 49 5.85 -9.92 -3.52
C LEU A 49 6.88 -10.60 -4.44
N PRO A 50 7.47 -9.79 -5.35
CA PRO A 50 8.45 -10.30 -6.28
C PRO A 50 9.79 -10.54 -5.59
N GLU A 51 10.54 -11.49 -6.15
CA GLU A 51 11.85 -11.83 -5.58
C GLU A 51 12.85 -10.72 -5.88
N ASN A 52 13.68 -10.44 -4.88
CA ASN A 52 14.70 -9.41 -5.03
C ASN A 52 14.02 -8.03 -5.06
N ILE A 53 12.87 -7.95 -4.40
CA ILE A 53 12.12 -6.71 -4.35
C ILE A 53 11.45 -6.58 -2.97
N PRO A 54 11.97 -5.61 -2.18
CA PRO A 54 11.43 -5.36 -0.85
C PRO A 54 10.09 -4.65 -0.92
N PHE A 55 9.57 -4.31 0.25
CA PHE A 55 8.29 -3.63 0.33
C PHE A 55 8.47 -2.17 0.76
N ARG A 56 8.64 -1.31 -0.24
CA ARG A 56 8.82 0.11 0.02
C ARG A 56 7.87 0.93 -0.83
N SER A 57 7.88 2.24 -0.59
CA SER A 57 7.01 3.14 -1.32
C SER A 57 7.30 3.03 -2.82
N PRO A 58 6.32 3.54 -3.62
CA PRO A 58 6.45 3.50 -5.07
C PRO A 58 7.45 4.55 -5.56
N SER A 59 7.65 5.55 -4.73
CA SER A 59 8.56 6.63 -5.06
C SER A 59 10.01 6.12 -5.03
N TRP A 60 10.15 4.88 -4.57
CA TRP A 60 11.46 4.26 -4.49
C TRP A 60 11.58 3.26 -5.65
N TYR A 61 10.61 2.37 -5.73
CA TYR A 61 10.60 1.37 -6.78
C TYR A 61 10.99 1.97 -8.12
N GLY A 62 11.84 1.26 -8.84
CA GLY A 62 12.30 1.72 -10.14
C GLY A 62 11.15 1.75 -11.14
N ILE A 63 11.49 2.16 -12.36
CA ILE A 63 10.49 2.24 -13.41
C ILE A 63 9.99 0.83 -13.75
N PRO A 64 10.96 -0.09 -13.95
CA PRO A 64 10.63 -1.46 -14.28
C PRO A 64 10.11 -2.21 -13.05
N ARG A 65 10.65 -1.83 -11.89
CA ARG A 65 10.26 -2.46 -10.65
C ARG A 65 8.75 -2.32 -10.43
N LEU A 66 8.28 -1.09 -10.51
CA LEU A 66 6.87 -0.80 -10.32
C LEU A 66 6.05 -1.84 -11.10
N GLU A 67 6.21 -1.81 -12.42
CA GLU A 67 5.48 -2.74 -13.28
C GLU A 67 5.59 -4.16 -12.73
N LYS A 68 6.83 -4.62 -12.58
CA LYS A 68 7.08 -5.96 -12.08
C LYS A 68 6.11 -6.25 -10.94
N ILE A 69 6.03 -5.32 -10.01
CA ILE A 69 5.15 -5.46 -8.86
C ILE A 69 3.70 -5.50 -9.35
N ILE A 70 3.38 -4.57 -10.23
CA ILE A 70 2.03 -4.48 -10.78
C ILE A 70 1.66 -5.83 -11.41
N GLN A 71 2.64 -6.43 -12.06
CA GLN A 71 2.43 -7.71 -12.72
C GLN A 71 2.01 -8.76 -11.69
N VAL A 72 2.65 -8.71 -10.54
CA VAL A 72 2.35 -9.65 -9.48
C VAL A 72 1.49 -8.96 -8.42
N GLY A 73 0.93 -7.83 -8.81
CA GLY A 73 0.08 -7.06 -7.91
C GLY A 73 -1.28 -7.73 -7.74
N ASN A 74 -1.45 -8.85 -8.42
CA ASN A 74 -2.69 -9.59 -8.36
C ASN A 74 -2.54 -10.74 -7.36
N ARG A 75 -1.29 -11.02 -7.01
CA ARG A 75 -1.00 -12.09 -6.07
C ARG A 75 -0.53 -11.52 -4.74
N ILE A 76 -0.30 -10.21 -4.74
CA ILE A 76 0.16 -9.53 -3.54
C ILE A 76 -0.82 -9.81 -2.40
N LYS A 77 -0.31 -9.70 -1.18
CA LYS A 77 -1.12 -9.93 0.00
C LYS A 77 -0.65 -9.02 1.13
N PHE A 78 -1.58 -8.67 2.00
CA PHE A 78 -1.28 -7.80 3.13
C PHE A 78 -1.72 -8.44 4.44
N VAL A 79 -0.74 -8.82 5.24
CA VAL A 79 -1.01 -9.44 6.53
C VAL A 79 -0.98 -8.38 7.62
N ILE A 80 -2.08 -8.31 8.36
CA ILE A 80 -2.19 -7.34 9.44
C ILE A 80 -2.05 -8.06 10.78
N LYS A 81 -0.82 -8.48 11.06
CA LYS A 81 -0.54 -9.19 12.30
C LYS A 81 -1.04 -8.35 13.48
N ARG A 82 -0.75 -7.05 13.42
CA ARG A 82 -1.17 -6.14 14.46
C ARG A 82 -1.72 -4.85 13.85
N PRO A 83 -3.07 -4.85 13.65
CA PRO A 83 -3.73 -3.69 13.08
C PRO A 83 -3.85 -2.56 14.11
N GLU A 84 -3.97 -2.96 15.36
CA GLU A 84 -4.09 -2.00 16.45
C GLU A 84 -3.02 -0.91 16.32
N LEU A 85 -1.82 -1.36 15.96
CA LEU A 85 -0.70 -0.44 15.80
C LEU A 85 -1.15 0.75 14.97
N LEU A 86 -2.00 0.48 13.98
CA LEU A 86 -2.50 1.51 13.11
C LEU A 86 -3.46 2.43 13.90
N THR A 87 -4.30 1.79 14.69
CA THR A 87 -5.26 2.52 15.50
C THR A 87 -6.23 3.30 14.61
N HIS A 88 -7.51 3.08 14.85
CA HIS A 88 -8.53 3.75 14.08
C HIS A 88 -8.48 5.26 14.34
N SER A 89 -8.81 6.02 13.31
CA SER A 89 -8.80 7.47 13.42
C SER A 89 -10.06 8.05 12.78
N THR A 90 -11.00 8.44 13.64
CA THR A 90 -12.25 9.00 13.17
C THR A 90 -12.03 10.40 12.60
N THR A 91 -12.68 10.66 11.48
CA THR A 91 -12.54 11.95 10.82
C THR A 91 -13.84 12.31 10.10
N GLU A 92 -14.25 11.43 9.19
CA GLU A 92 -15.47 11.64 8.43
C GLU A 92 -15.60 13.11 8.04
N VAL A 93 -15.07 13.44 6.87
CA VAL A 93 -15.11 14.80 6.37
C VAL A 93 -16.22 14.91 5.32
N SER A 94 -17.23 15.69 5.66
CA SER A 94 -18.35 15.90 4.75
C SER A 94 -19.15 14.60 4.61
N GLY A 95 -20.44 14.75 4.41
CA GLY A 95 -21.32 13.61 4.25
C GLY A 95 -22.79 13.99 4.47
N PRO A 96 -23.61 13.78 3.41
CA PRO A 96 -25.03 14.10 3.48
C PRO A 96 -25.78 13.07 4.33
N SER A 97 -26.67 13.59 5.16
CA SER A 97 -27.47 12.73 6.02
C SER A 97 -28.96 13.02 5.82
N SER A 98 -29.76 11.98 5.99
CA SER A 98 -31.20 12.10 5.83
C SER A 98 -31.91 11.66 7.11
N GLY A 99 -32.93 12.42 7.47
CA GLY A 99 -33.70 12.12 8.67
C GLY A 99 -34.66 10.95 8.43
N GLY A 1 -9.92 2.99 -13.37
CA GLY A 1 -10.87 3.72 -12.54
C GLY A 1 -11.52 4.85 -13.33
N SER A 2 -10.77 5.92 -13.50
CA SER A 2 -11.27 7.08 -14.23
C SER A 2 -10.49 7.23 -15.54
N SER A 3 -9.18 7.33 -15.41
CA SER A 3 -8.33 7.49 -16.58
C SER A 3 -7.31 6.35 -16.63
N GLY A 4 -7.55 5.42 -17.55
CA GLY A 4 -6.67 4.28 -17.71
C GLY A 4 -5.22 4.73 -17.94
N SER A 5 -4.31 4.07 -17.25
CA SER A 5 -2.90 4.39 -17.37
C SER A 5 -2.64 5.83 -16.89
N SER A 6 -1.96 5.93 -15.77
CA SER A 6 -1.65 7.22 -15.19
C SER A 6 -0.14 7.32 -14.92
N GLY A 7 0.31 6.56 -13.93
CA GLY A 7 1.71 6.56 -13.57
C GLY A 7 2.03 5.39 -12.62
N LEU A 8 2.99 4.58 -13.05
CA LEU A 8 3.39 3.43 -12.26
C LEU A 8 3.38 3.81 -10.78
N ARG A 9 4.22 4.79 -10.45
CA ARG A 9 4.31 5.25 -9.07
C ARG A 9 2.92 5.36 -8.45
N LYS A 10 2.02 5.98 -9.20
CA LYS A 10 0.66 6.17 -8.74
C LYS A 10 -0.02 4.80 -8.61
N MET A 11 -0.08 4.09 -9.74
CA MET A 11 -0.70 2.78 -9.76
C MET A 11 -0.19 1.92 -8.61
N VAL A 12 1.12 1.71 -8.59
CA VAL A 12 1.74 0.91 -7.55
C VAL A 12 1.22 1.37 -6.18
N ASP A 13 1.10 2.68 -6.03
CA ASP A 13 0.63 3.26 -4.79
C ASP A 13 -0.78 2.72 -4.49
N GLN A 14 -1.72 3.11 -5.32
CA GLN A 14 -3.09 2.67 -5.16
C GLN A 14 -3.15 1.16 -4.91
N LEU A 15 -2.35 0.44 -5.69
CA LEU A 15 -2.29 -1.00 -5.57
C LEU A 15 -2.17 -1.39 -4.09
N PHE A 16 -1.06 -1.00 -3.49
CA PHE A 16 -0.82 -1.29 -2.10
C PHE A 16 -1.93 -0.72 -1.21
N CYS A 17 -2.35 0.50 -1.55
CA CYS A 17 -3.40 1.16 -0.80
C CYS A 17 -4.61 0.23 -0.76
N LYS A 18 -4.98 -0.28 -1.92
CA LYS A 18 -6.11 -1.17 -2.02
C LYS A 18 -5.82 -2.45 -1.25
N LYS A 19 -4.86 -3.21 -1.74
CA LYS A 19 -4.47 -4.45 -1.10
C LYS A 19 -4.40 -4.24 0.41
N PHE A 20 -3.74 -3.17 0.80
CA PHE A 20 -3.60 -2.85 2.22
C PHE A 20 -4.97 -2.73 2.88
N ALA A 21 -5.88 -2.07 2.19
CA ALA A 21 -7.22 -1.86 2.70
C ALA A 21 -7.92 -3.22 2.81
N GLU A 22 -7.72 -4.04 1.78
CA GLU A 22 -8.33 -5.36 1.76
C GLU A 22 -8.10 -6.07 3.09
N ALA A 23 -6.83 -6.22 3.44
CA ALA A 23 -6.48 -6.88 4.68
C ALA A 23 -7.14 -6.15 5.86
N LEU A 24 -7.13 -4.83 5.77
CA LEU A 24 -7.72 -4.02 6.81
C LEU A 24 -9.24 -4.17 6.77
N GLY A 25 -9.72 -4.71 5.66
CA GLY A 25 -11.15 -4.92 5.49
C GLY A 25 -11.86 -3.60 5.20
N SER A 26 -11.43 -2.95 4.14
CA SER A 26 -12.02 -1.68 3.74
C SER A 26 -12.37 -1.69 2.26
N THR A 27 -13.31 -0.83 1.89
CA THR A 27 -13.74 -0.75 0.51
C THR A 27 -12.87 0.24 -0.27
N GLU A 28 -12.79 1.45 0.27
CA GLU A 28 -11.99 2.49 -0.36
C GLU A 28 -10.50 2.27 -0.07
N ALA A 29 -9.68 3.00 -0.80
CA ALA A 29 -8.23 2.89 -0.63
C ALA A 29 -7.81 3.67 0.61
N LYS A 30 -6.69 3.27 1.18
CA LYS A 30 -6.17 3.92 2.37
C LYS A 30 -4.66 4.16 2.20
N ALA A 31 -4.10 4.89 3.15
CA ALA A 31 -2.68 5.18 3.11
C ALA A 31 -1.91 4.08 3.84
N VAL A 32 -0.97 3.47 3.12
CA VAL A 32 -0.17 2.41 3.68
C VAL A 32 0.91 3.01 4.60
N PRO A 33 0.79 2.68 5.91
CA PRO A 33 1.74 3.19 6.89
C PRO A 33 3.07 2.44 6.79
N TYR A 34 3.81 2.76 5.74
CA TYR A 34 5.10 2.13 5.52
C TYR A 34 5.93 2.12 6.80
N GLN A 35 5.64 3.09 7.66
CA GLN A 35 6.36 3.20 8.93
C GLN A 35 5.97 2.04 9.86
N LYS A 36 4.68 1.86 10.02
CA LYS A 36 4.17 0.80 10.88
C LYS A 36 4.77 -0.53 10.43
N PHE A 37 5.07 -0.62 9.15
CA PHE A 37 5.64 -1.83 8.59
C PHE A 37 7.15 -1.87 8.82
N GLU A 38 7.73 -0.69 8.95
CA GLU A 38 9.17 -0.58 9.17
C GLU A 38 9.49 -0.79 10.65
N ALA A 39 8.64 -0.23 11.50
CA ALA A 39 8.83 -0.37 12.94
C ALA A 39 8.24 -1.70 13.40
N HIS A 40 7.48 -2.32 12.51
CA HIS A 40 6.87 -3.61 12.82
C HIS A 40 6.66 -4.40 11.53
N PRO A 41 7.80 -4.75 10.88
CA PRO A 41 7.76 -5.50 9.64
C PRO A 41 7.42 -6.97 9.90
N ASN A 42 7.76 -7.42 11.10
CA ASN A 42 7.50 -8.80 11.48
C ASN A 42 6.01 -8.97 11.75
N ASP A 43 5.35 -7.85 11.98
CA ASP A 43 3.92 -7.86 12.24
C ASP A 43 3.17 -7.37 11.00
N LEU A 44 3.54 -6.18 10.57
CA LEU A 44 2.91 -5.58 9.40
C LEU A 44 3.85 -5.71 8.20
N TYR A 45 3.40 -6.47 7.21
CA TYR A 45 4.19 -6.68 6.01
C TYR A 45 3.29 -7.03 4.82
N VAL A 46 3.93 -7.44 3.73
CA VAL A 46 3.21 -7.80 2.53
C VAL A 46 3.74 -9.12 1.99
N GLU A 47 2.83 -9.95 1.51
CA GLU A 47 3.20 -11.25 0.97
C GLU A 47 2.95 -11.29 -0.54
N GLY A 48 3.48 -12.32 -1.17
CA GLY A 48 3.32 -12.48 -2.61
C GLY A 48 4.05 -11.37 -3.37
N LEU A 49 5.12 -10.88 -2.76
CA LEU A 49 5.90 -9.82 -3.38
C LEU A 49 6.90 -10.43 -4.36
N PRO A 50 7.46 -9.55 -5.24
CA PRO A 50 8.41 -9.99 -6.23
C PRO A 50 9.78 -10.27 -5.59
N GLU A 51 10.45 -11.27 -6.13
CA GLU A 51 11.76 -11.64 -5.62
C GLU A 51 12.77 -10.52 -5.86
N ASN A 52 13.63 -10.31 -4.87
CA ASN A 52 14.64 -9.27 -4.97
C ASN A 52 13.96 -7.90 -4.97
N ILE A 53 12.81 -7.85 -4.33
CA ILE A 53 12.04 -6.60 -4.25
C ILE A 53 11.34 -6.53 -2.90
N PRO A 54 11.82 -5.58 -2.06
CA PRO A 54 11.23 -5.40 -0.73
C PRO A 54 9.88 -4.69 -0.82
N PHE A 55 9.45 -4.17 0.32
CA PHE A 55 8.17 -3.47 0.38
C PHE A 55 8.37 -2.01 0.79
N ARG A 56 8.51 -1.16 -0.22
CA ARG A 56 8.71 0.26 0.01
C ARG A 56 7.68 1.08 -0.78
N SER A 57 7.90 2.38 -0.77
CA SER A 57 7.00 3.28 -1.49
C SER A 57 7.23 3.17 -2.99
N PRO A 58 6.21 3.64 -3.77
CA PRO A 58 6.30 3.60 -5.22
C PRO A 58 7.23 4.68 -5.75
N SER A 59 7.47 5.68 -4.90
CA SER A 59 8.35 6.78 -5.27
C SER A 59 9.82 6.31 -5.22
N TRP A 60 10.01 5.10 -4.72
CA TRP A 60 11.34 4.54 -4.61
C TRP A 60 11.51 3.51 -5.72
N TYR A 61 10.56 2.58 -5.78
CA TYR A 61 10.59 1.54 -6.78
C TYR A 61 11.00 2.10 -8.14
N GLY A 62 11.87 1.36 -8.82
CA GLY A 62 12.34 1.77 -10.13
C GLY A 62 11.20 1.80 -11.14
N ILE A 63 11.54 2.16 -12.38
CA ILE A 63 10.56 2.23 -13.44
C ILE A 63 10.03 0.82 -13.74
N PRO A 64 11.00 -0.13 -13.91
CA PRO A 64 10.65 -1.50 -14.21
C PRO A 64 10.14 -2.22 -12.96
N ARG A 65 10.69 -1.81 -11.82
CA ARG A 65 10.30 -2.40 -10.54
C ARG A 65 8.78 -2.26 -10.34
N LEU A 66 8.32 -1.02 -10.51
CA LEU A 66 6.90 -0.74 -10.34
C LEU A 66 6.08 -1.78 -11.09
N GLU A 67 6.18 -1.73 -12.41
CA GLU A 67 5.45 -2.66 -13.26
C GLU A 67 5.55 -4.08 -12.69
N LYS A 68 6.79 -4.53 -12.53
CA LYS A 68 7.04 -5.87 -12.00
C LYS A 68 6.03 -6.16 -10.88
N ILE A 69 6.00 -5.25 -9.91
CA ILE A 69 5.09 -5.40 -8.79
C ILE A 69 3.66 -5.48 -9.29
N ILE A 70 3.33 -4.57 -10.20
CA ILE A 70 1.99 -4.52 -10.77
C ILE A 70 1.68 -5.88 -11.41
N GLN A 71 2.67 -6.43 -12.09
CA GLN A 71 2.50 -7.71 -12.75
C GLN A 71 2.08 -8.77 -11.74
N VAL A 72 2.63 -8.66 -10.54
CA VAL A 72 2.31 -9.60 -9.47
C VAL A 72 1.43 -8.91 -8.44
N GLY A 73 0.87 -7.78 -8.84
CA GLY A 73 0.01 -7.02 -7.95
C GLY A 73 -1.37 -7.68 -7.84
N ASN A 74 -1.52 -8.80 -8.54
CA ASN A 74 -2.77 -9.54 -8.52
C ASN A 74 -2.66 -10.69 -7.52
N ARG A 75 -1.44 -10.97 -7.11
CA ARG A 75 -1.19 -12.03 -6.16
C ARG A 75 -0.71 -11.47 -4.83
N ILE A 76 -0.42 -10.17 -4.85
CA ILE A 76 0.04 -9.49 -3.65
C ILE A 76 -0.90 -9.81 -2.49
N LYS A 77 -0.36 -9.71 -1.29
CA LYS A 77 -1.13 -9.98 -0.09
C LYS A 77 -0.65 -9.08 1.05
N PHE A 78 -1.58 -8.71 1.91
CA PHE A 78 -1.26 -7.86 3.05
C PHE A 78 -1.72 -8.49 4.36
N VAL A 79 -0.74 -8.84 5.18
CA VAL A 79 -1.02 -9.45 6.46
C VAL A 79 -0.99 -8.38 7.56
N ILE A 80 -2.07 -8.35 8.34
CA ILE A 80 -2.18 -7.38 9.42
C ILE A 80 -2.06 -8.10 10.75
N LYS A 81 -0.85 -8.54 11.05
CA LYS A 81 -0.57 -9.24 12.30
C LYS A 81 -1.10 -8.41 13.48
N ARG A 82 -0.79 -7.12 13.42
CA ARG A 82 -1.21 -6.20 14.47
C ARG A 82 -1.75 -4.91 13.85
N PRO A 83 -3.09 -4.89 13.61
CA PRO A 83 -3.74 -3.72 13.04
C PRO A 83 -3.87 -2.61 14.07
N GLU A 84 -3.82 -3.00 15.33
CA GLU A 84 -3.93 -2.04 16.42
C GLU A 84 -2.87 -0.95 16.29
N LEU A 85 -1.68 -1.37 15.89
CA LEU A 85 -0.57 -0.43 15.71
C LEU A 85 -1.03 0.73 14.84
N LEU A 86 -2.06 0.47 14.05
CA LEU A 86 -2.61 1.50 13.17
C LEU A 86 -3.61 2.35 13.96
N THR A 87 -4.47 1.67 14.70
CA THR A 87 -5.47 2.35 15.49
C THR A 87 -4.85 3.51 16.27
N HIS A 88 -4.97 4.70 15.68
CA HIS A 88 -4.42 5.89 16.31
C HIS A 88 -5.31 7.09 15.97
N SER A 89 -5.02 8.21 16.63
CA SER A 89 -5.79 9.42 16.42
C SER A 89 -5.45 10.01 15.04
N THR A 90 -6.39 9.86 14.13
CA THR A 90 -6.22 10.37 12.78
C THR A 90 -7.58 10.71 12.15
N THR A 91 -7.64 11.88 11.54
CA THR A 91 -8.86 12.33 10.91
C THR A 91 -8.72 12.27 9.39
N GLU A 92 -9.86 12.17 8.72
CA GLU A 92 -9.89 12.10 7.28
C GLU A 92 -11.29 12.42 6.75
N VAL A 93 -11.35 13.41 5.87
CA VAL A 93 -12.61 13.82 5.28
C VAL A 93 -12.82 13.09 3.95
N SER A 94 -14.08 12.82 3.65
CA SER A 94 -14.43 12.12 2.42
C SER A 94 -15.80 12.58 1.93
N GLY A 95 -15.82 13.06 0.70
CA GLY A 95 -17.06 13.53 0.10
C GLY A 95 -17.50 12.61 -1.05
N PRO A 96 -18.83 12.64 -1.33
CA PRO A 96 -19.39 11.82 -2.40
C PRO A 96 -19.06 12.41 -3.77
N SER A 97 -19.42 13.67 -3.94
CA SER A 97 -19.17 14.37 -5.19
C SER A 97 -17.69 14.28 -5.55
N SER A 98 -17.42 14.32 -6.84
CA SER A 98 -16.05 14.25 -7.32
C SER A 98 -16.02 14.34 -8.85
N GLY A 99 -14.92 14.86 -9.37
CA GLY A 99 -14.76 15.00 -10.80
C GLY A 99 -13.42 15.67 -11.14
N GLY A 1 0.35 13.76 2.19
CA GLY A 1 1.48 13.01 1.67
C GLY A 1 1.48 13.00 0.14
N SER A 2 1.09 11.87 -0.42
CA SER A 2 1.04 11.73 -1.86
C SER A 2 -0.23 10.97 -2.28
N SER A 3 -0.69 11.25 -3.49
CA SER A 3 -1.88 10.60 -4.00
C SER A 3 -1.58 9.98 -5.37
N GLY A 4 -1.15 10.84 -6.29
CA GLY A 4 -0.83 10.40 -7.63
C GLY A 4 -1.87 10.90 -8.64
N SER A 5 -1.55 10.72 -9.91
CA SER A 5 -2.44 11.15 -10.97
C SER A 5 -2.51 10.07 -12.06
N SER A 6 -1.34 9.69 -12.55
CA SER A 6 -1.27 8.68 -13.59
C SER A 6 0.20 8.26 -13.80
N GLY A 7 0.45 6.99 -13.56
CA GLY A 7 1.79 6.44 -13.72
C GLY A 7 2.05 5.32 -12.72
N LEU A 8 3.00 4.47 -13.08
CA LEU A 8 3.37 3.34 -12.23
C LEU A 8 3.29 3.78 -10.76
N ARG A 9 4.16 4.73 -10.42
CA ARG A 9 4.20 5.24 -9.06
C ARG A 9 2.79 5.31 -8.48
N LYS A 10 1.97 6.14 -9.11
CA LYS A 10 0.60 6.32 -8.67
C LYS A 10 -0.10 4.97 -8.60
N MET A 11 -0.04 4.25 -9.72
CA MET A 11 -0.66 2.94 -9.79
C MET A 11 -0.23 2.06 -8.61
N VAL A 12 1.07 1.87 -8.50
CA VAL A 12 1.62 1.05 -7.42
C VAL A 12 1.13 1.60 -6.08
N ASP A 13 1.14 2.92 -5.97
CA ASP A 13 0.70 3.57 -4.75
C ASP A 13 -0.74 3.15 -4.44
N GLN A 14 -1.55 3.09 -5.49
CA GLN A 14 -2.94 2.71 -5.35
C GLN A 14 -3.05 1.20 -5.08
N LEU A 15 -2.32 0.44 -5.90
CA LEU A 15 -2.33 -1.01 -5.76
C LEU A 15 -2.25 -1.38 -4.29
N PHE A 16 -1.13 -0.99 -3.67
CA PHE A 16 -0.92 -1.27 -2.26
C PHE A 16 -2.05 -0.70 -1.40
N CYS A 17 -2.36 0.57 -1.66
CA CYS A 17 -3.42 1.24 -0.93
C CYS A 17 -4.64 0.31 -0.88
N LYS A 18 -4.88 -0.34 -2.00
CA LYS A 18 -6.01 -1.26 -2.10
C LYS A 18 -5.71 -2.52 -1.29
N LYS A 19 -4.70 -3.25 -1.74
CA LYS A 19 -4.31 -4.48 -1.06
C LYS A 19 -4.29 -4.24 0.44
N PHE A 20 -3.93 -3.02 0.81
CA PHE A 20 -3.86 -2.65 2.22
C PHE A 20 -5.25 -2.66 2.85
N ALA A 21 -6.15 -1.90 2.25
CA ALA A 21 -7.51 -1.82 2.74
C ALA A 21 -8.10 -3.23 2.86
N GLU A 22 -7.83 -4.03 1.84
CA GLU A 22 -8.33 -5.40 1.81
C GLU A 22 -8.04 -6.09 3.14
N ALA A 23 -6.76 -6.23 3.44
CA ALA A 23 -6.34 -6.87 4.68
C ALA A 23 -6.98 -6.15 5.86
N LEU A 24 -7.15 -4.84 5.69
CA LEU A 24 -7.74 -4.02 6.74
C LEU A 24 -9.27 -4.08 6.62
N GLY A 25 -9.73 -4.95 5.73
CA GLY A 25 -11.16 -5.11 5.52
C GLY A 25 -11.84 -3.76 5.34
N SER A 26 -11.40 -3.03 4.32
CA SER A 26 -11.96 -1.73 4.03
C SER A 26 -12.43 -1.67 2.58
N THR A 27 -13.42 -0.82 2.34
CA THR A 27 -13.97 -0.66 1.01
C THR A 27 -13.15 0.35 0.21
N GLU A 28 -12.95 1.51 0.81
CA GLU A 28 -12.19 2.56 0.16
C GLU A 28 -10.69 2.32 0.34
N ALA A 29 -9.91 3.05 -0.43
CA ALA A 29 -8.46 2.92 -0.38
C ALA A 29 -7.93 3.75 0.80
N LYS A 30 -6.76 3.35 1.28
CA LYS A 30 -6.13 4.04 2.40
C LYS A 30 -4.63 4.15 2.14
N ALA A 31 -3.97 4.94 2.98
CA ALA A 31 -2.54 5.14 2.86
C ALA A 31 -1.81 4.04 3.63
N VAL A 32 -0.77 3.51 3.01
CA VAL A 32 0.02 2.45 3.62
C VAL A 32 1.07 3.08 4.54
N PRO A 33 0.91 2.82 5.87
CA PRO A 33 1.83 3.34 6.85
C PRO A 33 3.16 2.58 6.82
N TYR A 34 3.94 2.86 5.79
CA TYR A 34 5.23 2.20 5.64
C TYR A 34 6.01 2.20 6.96
N GLN A 35 5.67 3.15 7.81
CA GLN A 35 6.32 3.26 9.11
C GLN A 35 5.96 2.07 9.99
N LYS A 36 4.66 1.83 10.11
CA LYS A 36 4.17 0.73 10.92
C LYS A 36 4.81 -0.58 10.43
N PHE A 37 5.00 -0.65 9.12
CA PHE A 37 5.59 -1.83 8.52
C PHE A 37 7.11 -1.84 8.70
N GLU A 38 7.66 -0.64 8.88
CA GLU A 38 9.09 -0.48 9.07
C GLU A 38 9.45 -0.74 10.54
N ALA A 39 8.60 -0.24 11.42
CA ALA A 39 8.82 -0.40 12.85
C ALA A 39 8.27 -1.76 13.30
N HIS A 40 7.55 -2.40 12.39
CA HIS A 40 6.96 -3.70 12.68
C HIS A 40 6.81 -4.49 11.37
N PRO A 41 7.98 -4.82 10.76
CA PRO A 41 7.98 -5.57 9.51
C PRO A 41 7.66 -7.05 9.77
N ASN A 42 7.86 -7.45 11.01
CA ASN A 42 7.59 -8.83 11.39
C ASN A 42 6.09 -9.02 11.61
N ASP A 43 5.45 -7.94 12.02
CA ASP A 43 4.02 -7.97 12.26
C ASP A 43 3.28 -7.50 11.01
N LEU A 44 3.56 -6.27 10.62
CA LEU A 44 2.94 -5.68 9.45
C LEU A 44 3.89 -5.79 8.26
N TYR A 45 3.44 -6.53 7.25
CA TYR A 45 4.23 -6.72 6.05
C TYR A 45 3.35 -7.09 4.85
N VAL A 46 4.01 -7.42 3.75
CA VAL A 46 3.30 -7.79 2.54
C VAL A 46 3.88 -9.09 1.99
N GLU A 47 2.99 -9.96 1.52
CA GLU A 47 3.41 -11.24 0.97
C GLU A 47 3.15 -11.28 -0.53
N GLY A 48 3.60 -12.36 -1.15
CA GLY A 48 3.43 -12.53 -2.58
C GLY A 48 4.16 -11.42 -3.36
N LEU A 49 5.24 -10.94 -2.76
CA LEU A 49 6.03 -9.89 -3.38
C LEU A 49 7.00 -10.51 -4.38
N PRO A 50 7.56 -9.65 -5.26
CA PRO A 50 8.51 -10.10 -6.26
C PRO A 50 9.88 -10.39 -5.63
N GLU A 51 10.57 -11.34 -6.24
CA GLU A 51 11.89 -11.72 -5.75
C GLU A 51 12.89 -10.59 -5.98
N ASN A 52 13.77 -10.42 -5.00
CA ASN A 52 14.79 -9.38 -5.09
C ASN A 52 14.11 -8.02 -5.08
N ILE A 53 12.95 -7.97 -4.43
CA ILE A 53 12.20 -6.72 -4.34
C ILE A 53 11.50 -6.65 -2.98
N PRO A 54 11.99 -5.70 -2.14
CA PRO A 54 11.44 -5.51 -0.81
C PRO A 54 10.09 -4.80 -0.88
N PHE A 55 9.66 -4.29 0.26
CA PHE A 55 8.40 -3.58 0.35
C PHE A 55 8.60 -2.13 0.82
N ARG A 56 8.71 -1.24 -0.16
CA ARG A 56 8.90 0.17 0.15
C ARG A 56 7.93 1.02 -0.67
N SER A 57 8.07 2.33 -0.52
CA SER A 57 7.22 3.26 -1.24
C SER A 57 7.43 3.12 -2.75
N PRO A 58 6.41 3.57 -3.51
CA PRO A 58 6.47 3.50 -4.96
C PRO A 58 7.41 4.57 -5.52
N SER A 59 7.62 5.61 -4.72
CA SER A 59 8.48 6.70 -5.13
C SER A 59 9.95 6.24 -5.11
N TRP A 60 10.14 5.03 -4.60
CA TRP A 60 11.48 4.47 -4.51
C TRP A 60 11.64 3.44 -5.63
N TYR A 61 10.70 2.50 -5.66
CA TYR A 61 10.71 1.45 -6.66
C TYR A 61 11.12 2.01 -8.03
N GLY A 62 11.92 1.23 -8.74
CA GLY A 62 12.38 1.63 -10.05
C GLY A 62 11.22 1.67 -11.05
N ILE A 63 11.54 2.10 -12.27
CA ILE A 63 10.54 2.18 -13.32
C ILE A 63 10.03 0.78 -13.64
N PRO A 64 10.99 -0.15 -13.85
CA PRO A 64 10.67 -1.52 -14.17
C PRO A 64 10.16 -2.27 -12.94
N ARG A 65 10.68 -1.87 -11.79
CA ARG A 65 10.30 -2.49 -10.53
C ARG A 65 8.79 -2.35 -10.31
N LEU A 66 8.31 -1.12 -10.43
CA LEU A 66 6.90 -0.85 -10.24
C LEU A 66 6.08 -1.88 -11.01
N GLU A 67 6.15 -1.79 -12.33
CA GLU A 67 5.41 -2.71 -13.18
C GLU A 67 5.53 -4.13 -12.65
N LYS A 68 6.77 -4.58 -12.51
CA LYS A 68 7.03 -5.92 -12.00
C LYS A 68 6.03 -6.24 -10.88
N ILE A 69 6.02 -5.37 -9.88
CA ILE A 69 5.12 -5.55 -8.75
C ILE A 69 3.68 -5.62 -9.26
N ILE A 70 3.35 -4.70 -10.16
CA ILE A 70 2.01 -4.66 -10.72
C ILE A 70 1.69 -5.99 -11.38
N GLN A 71 2.69 -6.53 -12.08
CA GLN A 71 2.52 -7.79 -12.76
C GLN A 71 2.19 -8.90 -11.76
N VAL A 72 2.64 -8.69 -10.53
CA VAL A 72 2.40 -9.66 -9.47
C VAL A 72 1.52 -9.02 -8.39
N GLY A 73 0.90 -7.91 -8.76
CA GLY A 73 0.02 -7.20 -7.85
C GLY A 73 -1.34 -7.87 -7.74
N ASN A 74 -1.45 -9.02 -8.41
CA ASN A 74 -2.70 -9.77 -8.40
C ASN A 74 -2.58 -10.92 -7.40
N ARG A 75 -1.35 -11.17 -6.97
CA ARG A 75 -1.10 -12.24 -6.02
C ARG A 75 -0.64 -11.66 -4.68
N ILE A 76 -0.29 -10.37 -4.72
CA ILE A 76 0.17 -9.70 -3.52
C ILE A 76 -0.78 -10.01 -2.36
N LYS A 77 -0.24 -9.90 -1.16
CA LYS A 77 -1.02 -10.18 0.04
C LYS A 77 -0.54 -9.28 1.18
N PHE A 78 -1.49 -8.85 1.99
CA PHE A 78 -1.18 -7.98 3.11
C PHE A 78 -1.61 -8.62 4.43
N VAL A 79 -0.61 -8.97 5.23
CA VAL A 79 -0.86 -9.59 6.52
C VAL A 79 -0.89 -8.51 7.61
N ILE A 80 -1.97 -8.49 8.37
CA ILE A 80 -2.12 -7.53 9.43
C ILE A 80 -1.98 -8.24 10.78
N LYS A 81 -0.75 -8.63 11.08
CA LYS A 81 -0.46 -9.32 12.33
C LYS A 81 -1.01 -8.50 13.49
N ARG A 82 -0.76 -7.20 13.44
CA ARG A 82 -1.22 -6.31 14.48
C ARG A 82 -1.70 -4.98 13.87
N PRO A 83 -3.04 -4.92 13.62
CA PRO A 83 -3.64 -3.73 13.05
C PRO A 83 -3.73 -2.60 14.08
N GLU A 84 -3.82 -3.01 15.34
CA GLU A 84 -3.91 -2.05 16.43
C GLU A 84 -2.87 -0.94 16.25
N LEU A 85 -1.65 -1.36 15.98
CA LEU A 85 -0.56 -0.42 15.79
C LEU A 85 -1.02 0.71 14.86
N LEU A 86 -1.87 0.34 13.91
CA LEU A 86 -2.39 1.30 12.97
C LEU A 86 -3.35 2.27 13.69
N THR A 87 -4.16 1.69 14.57
CA THR A 87 -5.11 2.48 15.33
C THR A 87 -6.13 3.14 14.38
N HIS A 88 -7.33 2.57 14.37
CA HIS A 88 -8.39 3.09 13.53
C HIS A 88 -9.70 2.38 13.86
N SER A 89 -10.79 3.12 13.70
CA SER A 89 -12.11 2.58 13.96
C SER A 89 -13.18 3.40 13.25
N THR A 90 -13.65 2.87 12.14
CA THR A 90 -14.67 3.55 11.35
C THR A 90 -14.14 4.90 10.85
N THR A 91 -13.97 4.98 9.54
CA THR A 91 -13.48 6.20 8.94
C THR A 91 -14.08 6.38 7.54
N GLU A 92 -14.12 7.63 7.10
CA GLU A 92 -14.66 7.96 5.79
C GLU A 92 -14.36 9.41 5.43
N VAL A 93 -13.18 9.62 4.88
CA VAL A 93 -12.76 10.96 4.48
C VAL A 93 -12.21 10.92 3.06
N SER A 94 -11.98 12.10 2.52
CA SER A 94 -11.45 12.21 1.17
C SER A 94 -12.41 11.54 0.17
N GLY A 95 -13.07 12.38 -0.62
CA GLY A 95 -14.00 11.88 -1.61
C GLY A 95 -13.57 12.27 -3.03
N PRO A 96 -14.36 11.79 -4.02
CA PRO A 96 -14.06 12.08 -5.41
C PRO A 96 -14.43 13.53 -5.76
N SER A 97 -13.49 14.20 -6.40
CA SER A 97 -13.71 15.59 -6.80
C SER A 97 -12.54 16.07 -7.67
N SER A 98 -12.84 17.06 -8.49
CA SER A 98 -11.84 17.63 -9.38
C SER A 98 -11.19 16.51 -10.20
N GLY A 99 -10.27 16.91 -11.07
CA GLY A 99 -9.57 15.95 -11.91
C GLY A 99 -9.96 16.13 -13.38
N GLY A 1 -16.38 4.52 -13.59
CA GLY A 1 -14.95 4.70 -13.46
C GLY A 1 -14.19 3.73 -14.38
N SER A 2 -13.48 2.81 -13.75
CA SER A 2 -12.71 1.83 -14.49
C SER A 2 -11.60 2.53 -15.28
N SER A 3 -10.37 2.11 -14.99
CA SER A 3 -9.21 2.69 -15.67
C SER A 3 -7.93 1.99 -15.20
N GLY A 4 -7.20 1.45 -16.16
CA GLY A 4 -5.96 0.76 -15.86
C GLY A 4 -4.82 1.28 -16.72
N SER A 5 -4.48 2.54 -16.50
CA SER A 5 -3.40 3.17 -17.25
C SER A 5 -3.04 4.52 -16.62
N SER A 6 -1.97 4.50 -15.85
CA SER A 6 -1.50 5.70 -15.19
C SER A 6 -0.05 5.53 -14.73
N GLY A 7 0.50 6.61 -14.19
CA GLY A 7 1.88 6.58 -13.72
C GLY A 7 2.09 5.42 -12.74
N LEU A 8 3.04 4.56 -13.10
CA LEU A 8 3.35 3.40 -12.27
C LEU A 8 3.27 3.81 -10.80
N ARG A 9 4.15 4.72 -10.41
CA ARG A 9 4.18 5.20 -9.04
C ARG A 9 2.76 5.31 -8.48
N LYS A 10 1.98 6.17 -9.11
CA LYS A 10 0.61 6.39 -8.70
C LYS A 10 -0.10 5.03 -8.56
N MET A 11 -0.07 4.29 -9.64
CA MET A 11 -0.70 2.97 -9.67
C MET A 11 -0.22 2.12 -8.49
N VAL A 12 1.08 1.85 -8.49
CA VAL A 12 1.67 1.05 -7.43
C VAL A 12 1.19 1.57 -6.07
N ASP A 13 1.22 2.89 -5.93
CA ASP A 13 0.79 3.52 -4.69
C ASP A 13 -0.63 3.08 -4.36
N GLN A 14 -1.46 3.03 -5.40
CA GLN A 14 -2.84 2.62 -5.23
C GLN A 14 -2.93 1.10 -5.00
N LEU A 15 -2.19 0.38 -5.83
CA LEU A 15 -2.17 -1.07 -5.72
C LEU A 15 -2.10 -1.48 -4.25
N PHE A 16 -1.01 -1.09 -3.61
CA PHE A 16 -0.80 -1.41 -2.21
C PHE A 16 -1.96 -0.87 -1.36
N CYS A 17 -2.31 0.38 -1.60
CA CYS A 17 -3.39 1.02 -0.86
C CYS A 17 -4.58 0.05 -0.84
N LYS A 18 -5.03 -0.31 -2.04
CA LYS A 18 -6.15 -1.22 -2.16
C LYS A 18 -5.88 -2.48 -1.35
N LYS A 19 -4.93 -3.28 -1.82
CA LYS A 19 -4.57 -4.51 -1.15
C LYS A 19 -4.57 -4.27 0.37
N PHE A 20 -3.79 -3.28 0.78
CA PHE A 20 -3.69 -2.95 2.19
C PHE A 20 -5.07 -2.84 2.83
N ALA A 21 -5.94 -2.08 2.18
CA ALA A 21 -7.29 -1.89 2.66
C ALA A 21 -7.95 -3.26 2.86
N GLU A 22 -7.84 -4.08 1.83
CA GLU A 22 -8.42 -5.42 1.88
C GLU A 22 -8.10 -6.09 3.22
N ALA A 23 -6.82 -6.24 3.48
CA ALA A 23 -6.37 -6.85 4.72
C ALA A 23 -6.96 -6.10 5.91
N LEU A 24 -7.18 -4.81 5.69
CA LEU A 24 -7.74 -3.97 6.73
C LEU A 24 -9.27 -4.08 6.70
N GLY A 25 -9.75 -4.97 5.85
CA GLY A 25 -11.18 -5.18 5.72
C GLY A 25 -11.93 -3.85 5.62
N SER A 26 -11.53 -3.05 4.64
CA SER A 26 -12.15 -1.75 4.43
C SER A 26 -12.79 -1.69 3.05
N THR A 27 -13.65 -0.70 2.88
CA THR A 27 -14.34 -0.53 1.61
C THR A 27 -13.54 0.39 0.69
N GLU A 28 -13.13 1.52 1.24
CA GLU A 28 -12.36 2.49 0.48
C GLU A 28 -10.86 2.21 0.63
N ALA A 29 -10.07 2.87 -0.21
CA ALA A 29 -8.64 2.71 -0.17
C ALA A 29 -8.06 3.51 0.99
N LYS A 30 -6.86 3.13 1.40
CA LYS A 30 -6.20 3.80 2.51
C LYS A 30 -4.70 3.92 2.20
N ALA A 31 -4.02 4.71 3.02
CA ALA A 31 -2.59 4.91 2.84
C ALA A 31 -1.82 3.84 3.62
N VAL A 32 -0.75 3.36 3.01
CA VAL A 32 0.06 2.34 3.64
C VAL A 32 1.14 3.00 4.50
N PRO A 33 1.02 2.78 5.84
CA PRO A 33 1.97 3.35 6.78
C PRO A 33 3.30 2.60 6.74
N TYR A 34 4.04 2.81 5.66
CA TYR A 34 5.32 2.15 5.49
C TYR A 34 6.11 2.14 6.81
N GLN A 35 5.82 3.14 7.64
CA GLN A 35 6.49 3.25 8.92
C GLN A 35 6.11 2.08 9.82
N LYS A 36 4.81 1.92 10.03
CA LYS A 36 4.31 0.84 10.86
C LYS A 36 4.95 -0.48 10.43
N PHE A 37 5.12 -0.62 9.13
CA PHE A 37 5.72 -1.82 8.58
C PHE A 37 7.22 -1.85 8.85
N GLU A 38 7.81 -0.67 8.92
CA GLU A 38 9.23 -0.55 9.17
C GLU A 38 9.53 -0.79 10.65
N ALA A 39 8.63 -0.31 11.49
CA ALA A 39 8.78 -0.47 12.93
C ALA A 39 8.19 -1.81 13.36
N HIS A 40 7.45 -2.41 12.45
CA HIS A 40 6.83 -3.70 12.71
C HIS A 40 6.71 -4.49 11.42
N PRO A 41 7.88 -4.84 10.84
CA PRO A 41 7.92 -5.60 9.60
C PRO A 41 7.58 -7.06 9.85
N ASN A 42 7.75 -7.48 11.09
CA ASN A 42 7.47 -8.85 11.47
C ASN A 42 5.96 -9.02 11.66
N ASP A 43 5.32 -7.92 12.04
CA ASP A 43 3.89 -7.94 12.27
C ASP A 43 3.18 -7.41 11.01
N LEU A 44 3.55 -6.21 10.62
CA LEU A 44 2.96 -5.58 9.44
C LEU A 44 3.91 -5.75 8.26
N TYR A 45 3.42 -6.42 7.22
CA TYR A 45 4.21 -6.64 6.03
C TYR A 45 3.31 -7.05 4.85
N VAL A 46 3.96 -7.39 3.74
CA VAL A 46 3.25 -7.79 2.55
C VAL A 46 3.76 -9.16 2.09
N GLU A 47 2.90 -9.88 1.38
CA GLU A 47 3.26 -11.19 0.88
C GLU A 47 2.98 -11.28 -0.63
N GLY A 48 3.49 -12.33 -1.22
CA GLY A 48 3.31 -12.55 -2.65
C GLY A 48 4.05 -11.48 -3.46
N LEU A 49 5.14 -11.00 -2.89
CA LEU A 49 5.94 -9.98 -3.55
C LEU A 49 6.94 -10.65 -4.48
N PRO A 50 7.52 -9.82 -5.40
CA PRO A 50 8.49 -10.33 -6.36
C PRO A 50 9.83 -10.57 -5.69
N GLU A 51 10.59 -11.51 -6.26
CA GLU A 51 11.90 -11.85 -5.73
C GLU A 51 12.89 -10.72 -6.00
N ASN A 52 13.77 -10.49 -5.03
CA ASN A 52 14.76 -9.45 -5.15
C ASN A 52 14.07 -8.08 -5.16
N ILE A 53 12.94 -8.03 -4.48
CA ILE A 53 12.17 -6.80 -4.40
C ILE A 53 11.51 -6.70 -3.03
N PRO A 54 12.01 -5.74 -2.21
CA PRO A 54 11.48 -5.54 -0.87
C PRO A 54 10.13 -4.82 -0.92
N PHE A 55 9.70 -4.34 0.23
CA PHE A 55 8.44 -3.63 0.33
C PHE A 55 8.65 -2.18 0.78
N ARG A 56 8.71 -1.30 -0.20
CA ARG A 56 8.91 0.11 0.07
C ARG A 56 7.92 0.96 -0.74
N SER A 57 8.08 2.27 -0.61
CA SER A 57 7.22 3.19 -1.33
C SER A 57 7.45 3.06 -2.84
N PRO A 58 6.44 3.55 -3.62
CA PRO A 58 6.53 3.50 -5.06
C PRO A 58 7.50 4.55 -5.60
N SER A 59 7.69 5.60 -4.81
CA SER A 59 8.59 6.67 -5.18
C SER A 59 10.04 6.17 -5.19
N TRP A 60 10.21 4.96 -4.68
CA TRP A 60 11.53 4.35 -4.62
C TRP A 60 11.64 3.36 -5.77
N TYR A 61 10.74 2.39 -5.77
CA TYR A 61 10.73 1.37 -6.80
C TYR A 61 11.11 1.97 -8.17
N GLY A 62 11.93 1.23 -8.89
CA GLY A 62 12.37 1.67 -10.20
C GLY A 62 11.20 1.73 -11.18
N ILE A 63 11.50 2.12 -12.41
CA ILE A 63 10.49 2.22 -13.44
C ILE A 63 9.95 0.83 -13.76
N PRO A 64 10.91 -0.12 -13.98
CA PRO A 64 10.55 -1.49 -14.30
C PRO A 64 10.06 -2.23 -13.06
N ARG A 65 10.64 -1.87 -11.93
CA ARG A 65 10.28 -2.49 -10.67
C ARG A 65 8.78 -2.33 -10.41
N LEU A 66 8.32 -1.10 -10.53
CA LEU A 66 6.91 -0.81 -10.31
C LEU A 66 6.06 -1.83 -11.07
N GLU A 67 6.20 -1.81 -12.39
CA GLU A 67 5.45 -2.73 -13.24
C GLU A 67 5.56 -4.15 -12.70
N LYS A 68 6.79 -4.62 -12.57
CA LYS A 68 7.04 -5.95 -12.07
C LYS A 68 6.07 -6.26 -10.92
N ILE A 69 6.00 -5.31 -10.00
CA ILE A 69 5.11 -5.46 -8.85
C ILE A 69 3.66 -5.49 -9.33
N ILE A 70 3.34 -4.56 -10.21
CA ILE A 70 2.00 -4.47 -10.75
C ILE A 70 1.62 -5.81 -11.39
N GLN A 71 2.60 -6.41 -12.05
CA GLN A 71 2.38 -7.68 -12.70
C GLN A 71 1.98 -8.74 -11.68
N VAL A 72 2.59 -8.65 -10.51
CA VAL A 72 2.31 -9.59 -9.44
C VAL A 72 1.43 -8.92 -8.39
N GLY A 73 0.87 -7.78 -8.77
CA GLY A 73 0.00 -7.03 -7.88
C GLY A 73 -1.36 -7.71 -7.75
N ASN A 74 -1.51 -8.81 -8.45
CA ASN A 74 -2.77 -9.55 -8.44
C ASN A 74 -2.63 -10.72 -7.46
N ARG A 75 -1.41 -10.95 -7.01
CA ARG A 75 -1.13 -12.03 -6.08
C ARG A 75 -0.66 -11.47 -4.75
N ILE A 76 -0.32 -10.19 -4.76
CA ILE A 76 0.15 -9.53 -3.56
C ILE A 76 -0.80 -9.83 -2.41
N LYS A 77 -0.27 -9.73 -1.20
CA LYS A 77 -1.07 -9.99 -0.01
C LYS A 77 -0.56 -9.11 1.13
N PHE A 78 -1.50 -8.71 1.99
CA PHE A 78 -1.16 -7.87 3.12
C PHE A 78 -1.61 -8.52 4.43
N VAL A 79 -0.63 -8.85 5.26
CA VAL A 79 -0.91 -9.47 6.54
C VAL A 79 -0.90 -8.40 7.64
N ILE A 80 -1.99 -8.36 8.40
CA ILE A 80 -2.12 -7.40 9.46
C ILE A 80 -2.01 -8.12 10.82
N LYS A 81 -0.79 -8.54 11.11
CA LYS A 81 -0.53 -9.24 12.37
C LYS A 81 -1.07 -8.41 13.53
N ARG A 82 -0.76 -7.13 13.49
CA ARG A 82 -1.21 -6.22 14.53
C ARG A 82 -1.73 -4.91 13.92
N PRO A 83 -3.07 -4.90 13.67
CA PRO A 83 -3.71 -3.73 13.10
C PRO A 83 -3.84 -2.60 14.13
N GLU A 84 -4.04 -3.01 15.37
CA GLU A 84 -4.18 -2.05 16.46
C GLU A 84 -3.15 -0.94 16.32
N LEU A 85 -1.92 -1.33 16.04
CA LEU A 85 -0.84 -0.37 15.88
C LEU A 85 -1.32 0.78 15.00
N LEU A 86 -1.99 0.43 13.91
CA LEU A 86 -2.50 1.42 12.99
C LEU A 86 -3.48 2.34 13.73
N THR A 87 -4.26 1.73 14.60
CA THR A 87 -5.24 2.47 15.39
C THR A 87 -6.24 3.16 14.45
N HIS A 88 -7.28 2.42 14.08
CA HIS A 88 -8.31 2.94 13.20
C HIS A 88 -8.91 4.20 13.82
N SER A 89 -9.04 5.22 12.98
CA SER A 89 -9.60 6.49 13.43
C SER A 89 -10.11 7.29 12.23
N THR A 90 -11.38 7.09 11.92
CA THR A 90 -12.01 7.79 10.81
C THR A 90 -12.53 9.15 11.25
N THR A 91 -12.92 9.95 10.27
CA THR A 91 -13.44 11.27 10.55
C THR A 91 -12.66 11.93 11.69
N GLU A 92 -11.58 12.61 11.33
CA GLU A 92 -10.75 13.28 12.31
C GLU A 92 -10.98 14.78 12.25
N VAL A 93 -12.03 15.17 11.54
CA VAL A 93 -12.35 16.58 11.40
C VAL A 93 -13.78 16.71 10.84
N SER A 94 -14.43 17.79 11.25
CA SER A 94 -15.80 18.04 10.81
C SER A 94 -15.78 18.61 9.38
N GLY A 95 -15.09 19.72 9.24
CA GLY A 95 -14.99 20.37 7.94
C GLY A 95 -15.20 21.88 8.06
N PRO A 96 -14.73 22.61 7.02
CA PRO A 96 -14.86 24.06 7.00
C PRO A 96 -16.30 24.48 6.69
N SER A 97 -16.90 23.78 5.75
CA SER A 97 -18.28 24.07 5.36
C SER A 97 -18.90 22.84 4.70
N SER A 98 -20.12 22.55 5.13
CA SER A 98 -20.85 21.40 4.60
C SER A 98 -22.34 21.55 4.88
N GLY A 99 -23.13 20.87 4.07
CA GLY A 99 -24.58 20.91 4.23
C GLY A 99 -25.27 21.05 2.86
N GLY A 1 1.64 13.66 -1.73
CA GLY A 1 1.92 12.41 -2.42
C GLY A 1 1.58 12.50 -3.90
N SER A 2 0.89 11.49 -4.38
CA SER A 2 0.49 11.44 -5.79
C SER A 2 -0.91 10.83 -5.92
N SER A 3 -1.66 11.37 -6.86
CA SER A 3 -3.02 10.90 -7.10
C SER A 3 -3.61 11.62 -8.31
N GLY A 4 -3.32 11.06 -9.49
CA GLY A 4 -3.82 11.63 -10.73
C GLY A 4 -2.96 11.18 -11.91
N SER A 5 -3.60 11.12 -13.08
CA SER A 5 -2.92 10.71 -14.29
C SER A 5 -2.36 9.29 -14.12
N SER A 6 -1.88 8.75 -15.23
CA SER A 6 -1.34 7.40 -15.23
C SER A 6 0.16 7.46 -14.92
N GLY A 7 0.58 6.60 -14.01
CA GLY A 7 1.98 6.54 -13.62
C GLY A 7 2.23 5.39 -12.65
N LEU A 8 3.17 4.54 -13.01
CA LEU A 8 3.53 3.40 -12.18
C LEU A 8 3.45 3.80 -10.71
N ARG A 9 4.32 4.72 -10.34
CA ARG A 9 4.37 5.20 -8.97
C ARG A 9 2.96 5.30 -8.39
N LYS A 10 2.13 6.08 -9.09
CA LYS A 10 0.75 6.27 -8.66
C LYS A 10 0.05 4.91 -8.59
N MET A 11 0.03 4.23 -9.73
CA MET A 11 -0.61 2.93 -9.82
C MET A 11 -0.17 2.04 -8.65
N VAL A 12 1.13 1.83 -8.56
CA VAL A 12 1.68 0.99 -7.50
C VAL A 12 1.19 1.52 -6.14
N ASP A 13 1.06 2.83 -6.06
CA ASP A 13 0.61 3.46 -4.84
C ASP A 13 -0.80 2.97 -4.51
N GLN A 14 -1.69 3.14 -5.48
CA GLN A 14 -3.07 2.73 -5.32
C GLN A 14 -3.15 1.22 -5.05
N LEU A 15 -2.43 0.48 -5.87
CA LEU A 15 -2.39 -0.97 -5.74
C LEU A 15 -2.32 -1.34 -4.26
N PHE A 16 -1.23 -0.93 -3.63
CA PHE A 16 -1.03 -1.22 -2.22
C PHE A 16 -2.17 -0.65 -1.38
N CYS A 17 -2.45 0.62 -1.59
CA CYS A 17 -3.51 1.30 -0.86
C CYS A 17 -4.72 0.37 -0.82
N LYS A 18 -4.97 -0.27 -1.95
CA LYS A 18 -6.10 -1.19 -2.05
C LYS A 18 -5.80 -2.45 -1.25
N LYS A 19 -4.77 -3.17 -1.68
CA LYS A 19 -4.38 -4.39 -1.01
C LYS A 19 -4.40 -4.16 0.51
N PHE A 20 -3.95 -2.98 0.91
CA PHE A 20 -3.91 -2.62 2.31
C PHE A 20 -5.31 -2.68 2.93
N ALA A 21 -6.23 -1.96 2.31
CA ALA A 21 -7.60 -1.92 2.78
C ALA A 21 -8.14 -3.35 2.89
N GLU A 22 -7.83 -4.14 1.88
CA GLU A 22 -8.28 -5.52 1.84
C GLU A 22 -7.98 -6.20 3.18
N ALA A 23 -6.70 -6.30 3.49
CA ALA A 23 -6.27 -6.93 4.73
C ALA A 23 -6.91 -6.19 5.92
N LEU A 24 -7.10 -4.89 5.73
CA LEU A 24 -7.70 -4.07 6.76
C LEU A 24 -9.22 -4.17 6.68
N GLY A 25 -9.67 -5.06 5.81
CA GLY A 25 -11.10 -5.26 5.62
C GLY A 25 -11.82 -3.93 5.40
N SER A 26 -11.41 -3.24 4.35
CA SER A 26 -12.01 -1.95 4.02
C SER A 26 -12.39 -1.93 2.54
N THR A 27 -13.37 -1.08 2.23
CA THR A 27 -13.83 -0.93 0.86
C THR A 27 -13.02 0.13 0.12
N GLU A 28 -12.96 1.31 0.73
CA GLU A 28 -12.22 2.41 0.15
C GLU A 28 -10.72 2.18 0.30
N ALA A 29 -9.95 2.99 -0.41
CA ALA A 29 -8.50 2.89 -0.36
C ALA A 29 -7.98 3.70 0.84
N LYS A 30 -6.79 3.34 1.27
CA LYS A 30 -6.17 4.02 2.40
C LYS A 30 -4.66 4.15 2.14
N ALA A 31 -4.02 4.93 3.00
CA ALA A 31 -2.58 5.15 2.88
C ALA A 31 -1.83 4.06 3.64
N VAL A 32 -0.80 3.55 3.00
CA VAL A 32 0.01 2.51 3.60
C VAL A 32 1.06 3.13 4.52
N PRO A 33 0.89 2.84 5.84
CA PRO A 33 1.82 3.38 6.83
C PRO A 33 3.16 2.64 6.80
N TYR A 34 3.91 2.89 5.74
CA TYR A 34 5.21 2.25 5.57
C TYR A 34 5.98 2.24 6.89
N GLN A 35 5.67 3.21 7.75
CA GLN A 35 6.33 3.32 9.03
C GLN A 35 6.01 2.09 9.89
N LYS A 36 4.73 1.91 10.16
CA LYS A 36 4.28 0.78 10.96
C LYS A 36 4.92 -0.50 10.44
N PHE A 37 5.01 -0.58 9.12
CA PHE A 37 5.61 -1.74 8.48
C PHE A 37 7.13 -1.77 8.67
N GLU A 38 7.70 -0.57 8.73
CA GLU A 38 9.14 -0.44 8.90
C GLU A 38 9.52 -0.72 10.36
N ALA A 39 8.66 -0.28 11.26
CA ALA A 39 8.89 -0.48 12.68
C ALA A 39 8.34 -1.84 13.10
N HIS A 40 7.57 -2.43 12.20
CA HIS A 40 6.97 -3.73 12.46
C HIS A 40 6.88 -4.53 11.16
N PRO A 41 8.08 -4.86 10.60
CA PRO A 41 8.14 -5.61 9.36
C PRO A 41 7.79 -7.08 9.59
N ASN A 42 7.90 -7.49 10.85
CA ASN A 42 7.60 -8.86 11.22
C ASN A 42 6.10 -9.02 11.41
N ASP A 43 5.50 -7.99 11.98
CA ASP A 43 4.07 -8.00 12.22
C ASP A 43 3.33 -7.51 10.98
N LEU A 44 3.61 -6.26 10.61
CA LEU A 44 2.99 -5.67 9.45
C LEU A 44 3.93 -5.78 8.25
N TYR A 45 3.47 -6.49 7.23
CA TYR A 45 4.26 -6.68 6.03
C TYR A 45 3.38 -7.06 4.84
N VAL A 46 4.03 -7.47 3.76
CA VAL A 46 3.31 -7.87 2.56
C VAL A 46 3.82 -9.23 2.10
N GLU A 47 2.97 -9.93 1.37
CA GLU A 47 3.32 -11.24 0.86
C GLU A 47 3.08 -11.31 -0.64
N GLY A 48 3.65 -12.34 -1.25
CA GLY A 48 3.50 -12.53 -2.69
C GLY A 48 4.21 -11.42 -3.47
N LEU A 49 5.27 -10.91 -2.86
CA LEU A 49 6.04 -9.84 -3.48
C LEU A 49 7.05 -10.45 -4.46
N PRO A 50 7.60 -9.57 -5.34
CA PRO A 50 8.57 -10.01 -6.33
C PRO A 50 9.93 -10.26 -5.68
N GLU A 51 10.62 -11.26 -6.22
CA GLU A 51 11.93 -11.61 -5.71
C GLU A 51 12.93 -10.47 -5.93
N ASN A 52 13.83 -10.30 -4.98
CA ASN A 52 14.83 -9.25 -5.06
C ASN A 52 14.13 -7.89 -5.08
N ILE A 53 12.98 -7.84 -4.42
CA ILE A 53 12.21 -6.62 -4.35
C ILE A 53 11.52 -6.53 -2.98
N PRO A 54 12.01 -5.56 -2.16
CA PRO A 54 11.46 -5.36 -0.83
C PRO A 54 10.09 -4.66 -0.90
N PHE A 55 9.67 -4.14 0.24
CA PHE A 55 8.40 -3.44 0.32
C PHE A 55 8.59 -2.00 0.77
N ARG A 56 8.66 -1.10 -0.20
CA ARG A 56 8.83 0.31 0.09
C ARG A 56 7.86 1.15 -0.74
N SER A 57 8.01 2.46 -0.63
CA SER A 57 7.15 3.37 -1.36
C SER A 57 7.37 3.22 -2.86
N PRO A 58 6.32 3.62 -3.63
CA PRO A 58 6.39 3.53 -5.09
C PRO A 58 7.30 4.62 -5.66
N SER A 59 7.65 5.57 -4.80
CA SER A 59 8.50 6.68 -5.21
C SER A 59 9.97 6.23 -5.20
N TRP A 60 10.18 5.03 -4.68
CA TRP A 60 11.53 4.48 -4.60
C TRP A 60 11.67 3.43 -5.71
N TYR A 61 10.74 2.50 -5.71
CA TYR A 61 10.75 1.44 -6.70
C TYR A 61 11.16 1.97 -8.08
N GLY A 62 11.97 1.18 -8.77
CA GLY A 62 12.44 1.56 -10.09
C GLY A 62 11.28 1.61 -11.10
N ILE A 63 11.62 2.02 -12.31
CA ILE A 63 10.62 2.12 -13.36
C ILE A 63 10.09 0.72 -13.68
N PRO A 64 11.04 -0.23 -13.88
CA PRO A 64 10.69 -1.60 -14.20
C PRO A 64 10.18 -2.33 -12.96
N ARG A 65 10.72 -1.93 -11.81
CA ARG A 65 10.34 -2.53 -10.55
C ARG A 65 8.83 -2.38 -10.32
N LEU A 66 8.37 -1.15 -10.45
CA LEU A 66 6.96 -0.85 -10.26
C LEU A 66 6.12 -1.86 -11.04
N GLU A 67 6.21 -1.76 -12.35
CA GLU A 67 5.46 -2.65 -13.23
C GLU A 67 5.52 -4.09 -12.69
N LYS A 68 6.74 -4.57 -12.53
CA LYS A 68 6.96 -5.92 -12.02
C LYS A 68 5.96 -6.20 -10.90
N ILE A 69 5.99 -5.35 -9.89
CA ILE A 69 5.10 -5.49 -8.75
C ILE A 69 3.65 -5.54 -9.25
N ILE A 70 3.34 -4.63 -10.17
CA ILE A 70 2.01 -4.56 -10.74
C ILE A 70 1.66 -5.90 -11.39
N GLN A 71 2.64 -6.47 -12.07
CA GLN A 71 2.45 -7.74 -12.73
C GLN A 71 2.11 -8.83 -11.71
N VAL A 72 2.58 -8.61 -10.48
CA VAL A 72 2.33 -9.56 -9.41
C VAL A 72 1.38 -8.93 -8.39
N GLY A 73 0.84 -7.79 -8.77
CA GLY A 73 -0.09 -7.09 -7.89
C GLY A 73 -1.41 -7.84 -7.76
N ASN A 74 -1.52 -8.91 -8.52
CA ASN A 74 -2.73 -9.73 -8.50
C ASN A 74 -2.52 -10.89 -7.51
N ARG A 75 -1.28 -11.04 -7.06
CA ARG A 75 -0.95 -12.10 -6.12
C ARG A 75 -0.51 -11.50 -4.80
N ILE A 76 -0.27 -10.20 -4.81
CA ILE A 76 0.15 -9.49 -3.61
C ILE A 76 -0.79 -9.83 -2.46
N LYS A 77 -0.26 -9.75 -1.25
CA LYS A 77 -1.04 -10.05 -0.07
C LYS A 77 -0.55 -9.18 1.09
N PHE A 78 -1.50 -8.76 1.91
CA PHE A 78 -1.19 -7.92 3.05
C PHE A 78 -1.61 -8.59 4.36
N VAL A 79 -0.62 -8.87 5.20
CA VAL A 79 -0.88 -9.51 6.48
C VAL A 79 -0.87 -8.45 7.59
N ILE A 80 -1.94 -8.45 8.37
CA ILE A 80 -2.07 -7.50 9.45
C ILE A 80 -1.95 -8.24 10.78
N LYS A 81 -0.72 -8.61 11.11
CA LYS A 81 -0.45 -9.32 12.35
C LYS A 81 -0.92 -8.48 13.52
N ARG A 82 -0.67 -7.18 13.42
CA ARG A 82 -1.07 -6.26 14.48
C ARG A 82 -1.64 -4.98 13.87
N PRO A 83 -2.99 -4.99 13.66
CA PRO A 83 -3.67 -3.85 13.09
C PRO A 83 -3.80 -2.72 14.12
N GLU A 84 -3.91 -3.12 15.38
CA GLU A 84 -4.04 -2.16 16.46
C GLU A 84 -3.09 -0.99 16.24
N LEU A 85 -1.83 -1.32 16.01
CA LEU A 85 -0.81 -0.31 15.79
C LEU A 85 -1.35 0.75 14.82
N LEU A 86 -2.07 0.28 13.82
CA LEU A 86 -2.65 1.16 12.82
C LEU A 86 -3.79 1.97 13.46
N THR A 87 -4.62 1.26 14.20
CA THR A 87 -5.75 1.88 14.86
C THR A 87 -5.36 2.34 16.26
N HIS A 88 -4.17 2.93 16.35
CA HIS A 88 -3.66 3.42 17.61
C HIS A 88 -2.58 4.48 17.36
N SER A 89 -2.99 5.55 16.71
CA SER A 89 -2.07 6.64 16.40
C SER A 89 -2.85 7.87 15.95
N THR A 90 -3.43 7.76 14.77
CA THR A 90 -4.20 8.86 14.21
C THR A 90 -5.59 8.38 13.79
N THR A 91 -5.60 7.36 12.96
CA THR A 91 -6.85 6.78 12.48
C THR A 91 -7.66 7.84 11.72
N GLU A 92 -7.25 8.08 10.48
CA GLU A 92 -7.93 9.07 9.65
C GLU A 92 -7.40 8.99 8.21
N VAL A 93 -8.35 9.00 7.27
CA VAL A 93 -8.00 8.93 5.87
C VAL A 93 -8.31 10.28 5.20
N SER A 94 -7.26 10.89 4.66
CA SER A 94 -7.42 12.17 3.99
C SER A 94 -7.15 12.02 2.49
N GLY A 95 -8.22 11.72 1.77
CA GLY A 95 -8.11 11.54 0.33
C GLY A 95 -7.77 12.87 -0.37
N PRO A 96 -6.52 12.91 -0.93
CA PRO A 96 -6.07 14.10 -1.62
C PRO A 96 -6.74 14.24 -2.99
N SER A 97 -6.46 15.36 -3.64
CA SER A 97 -7.02 15.63 -4.95
C SER A 97 -5.90 15.93 -5.95
N SER A 98 -5.15 16.98 -5.65
CA SER A 98 -4.06 17.38 -6.52
C SER A 98 -4.50 17.35 -7.98
N GLY A 99 -5.19 18.41 -8.38
CA GLY A 99 -5.68 18.51 -9.74
C GLY A 99 -5.70 19.97 -10.20
N GLY A 1 -10.44 12.34 -11.25
CA GLY A 1 -9.30 11.71 -11.90
C GLY A 1 -9.73 10.42 -12.61
N SER A 2 -10.58 10.60 -13.62
CA SER A 2 -11.07 9.47 -14.40
C SER A 2 -10.94 9.77 -15.89
N SER A 3 -9.78 9.45 -16.44
CA SER A 3 -9.52 9.67 -17.84
C SER A 3 -8.13 9.16 -18.21
N GLY A 4 -8.05 7.85 -18.43
CA GLY A 4 -6.80 7.22 -18.79
C GLY A 4 -5.73 7.49 -17.73
N SER A 5 -5.83 6.76 -16.63
CA SER A 5 -4.88 6.92 -15.53
C SER A 5 -3.64 6.08 -15.81
N SER A 6 -2.50 6.76 -15.91
CA SER A 6 -1.24 6.10 -16.17
C SER A 6 -0.15 6.70 -15.28
N GLY A 7 0.57 5.82 -14.59
CA GLY A 7 1.64 6.24 -13.71
C GLY A 7 1.98 5.14 -12.70
N LEU A 8 2.97 4.33 -13.06
CA LEU A 8 3.40 3.25 -12.19
C LEU A 8 3.36 3.71 -10.74
N ARG A 9 4.22 4.67 -10.43
CA ARG A 9 4.29 5.22 -9.09
C ARG A 9 2.89 5.33 -8.49
N LYS A 10 2.07 6.15 -9.13
CA LYS A 10 0.71 6.36 -8.68
C LYS A 10 0.00 5.01 -8.53
N MET A 11 -0.04 4.28 -9.65
CA MET A 11 -0.67 2.97 -9.66
C MET A 11 -0.21 2.13 -8.47
N VAL A 12 1.08 1.80 -8.48
CA VAL A 12 1.66 1.00 -7.41
C VAL A 12 1.16 1.53 -6.06
N ASP A 13 1.17 2.85 -5.93
CA ASP A 13 0.74 3.49 -4.71
C ASP A 13 -0.70 3.07 -4.41
N GLN A 14 -1.52 3.10 -5.45
CA GLN A 14 -2.92 2.73 -5.31
C GLN A 14 -3.05 1.23 -5.05
N LEU A 15 -2.30 0.46 -5.83
CA LEU A 15 -2.32 -0.99 -5.70
C LEU A 15 -2.26 -1.36 -4.22
N PHE A 16 -1.16 -0.96 -3.58
CA PHE A 16 -0.97 -1.23 -2.18
C PHE A 16 -2.12 -0.67 -1.34
N CYS A 17 -2.37 0.62 -1.54
CA CYS A 17 -3.43 1.30 -0.81
C CYS A 17 -4.66 0.39 -0.80
N LYS A 18 -4.84 -0.32 -1.90
CA LYS A 18 -5.97 -1.22 -2.03
C LYS A 18 -5.69 -2.50 -1.23
N LYS A 19 -4.75 -3.28 -1.75
CA LYS A 19 -4.38 -4.53 -1.09
C LYS A 19 -4.30 -4.30 0.42
N PHE A 20 -3.99 -3.07 0.78
CA PHE A 20 -3.88 -2.72 2.19
C PHE A 20 -5.25 -2.69 2.86
N ALA A 21 -6.17 -1.96 2.23
CA ALA A 21 -7.52 -1.84 2.75
C ALA A 21 -8.13 -3.24 2.88
N GLU A 22 -7.86 -4.06 1.89
CA GLU A 22 -8.38 -5.42 1.88
C GLU A 22 -8.09 -6.11 3.22
N ALA A 23 -6.80 -6.27 3.50
CA ALA A 23 -6.39 -6.90 4.74
C ALA A 23 -7.02 -6.16 5.93
N LEU A 24 -7.20 -4.86 5.75
CA LEU A 24 -7.79 -4.03 6.78
C LEU A 24 -9.31 -4.12 6.69
N GLY A 25 -9.77 -5.01 5.83
CA GLY A 25 -11.21 -5.19 5.64
C GLY A 25 -11.91 -3.86 5.45
N SER A 26 -11.48 -3.14 4.42
CA SER A 26 -12.07 -1.84 4.11
C SER A 26 -12.47 -1.78 2.64
N THR A 27 -13.47 -0.96 2.36
CA THR A 27 -13.96 -0.80 1.01
C THR A 27 -13.14 0.24 0.26
N GLU A 28 -13.03 1.41 0.87
CA GLU A 28 -12.28 2.51 0.28
C GLU A 28 -10.77 2.25 0.43
N ALA A 29 -10.00 3.02 -0.31
CA ALA A 29 -8.55 2.91 -0.26
C ALA A 29 -8.02 3.70 0.93
N LYS A 30 -6.81 3.34 1.35
CA LYS A 30 -6.18 4.01 2.48
C LYS A 30 -4.69 4.15 2.20
N ALA A 31 -4.03 4.92 3.06
CA ALA A 31 -2.59 5.13 2.92
C ALA A 31 -1.84 4.07 3.72
N VAL A 32 -0.86 3.47 3.06
CA VAL A 32 -0.06 2.43 3.70
C VAL A 32 1.01 3.08 4.58
N PRO A 33 0.86 2.85 5.92
CA PRO A 33 1.81 3.41 6.87
C PRO A 33 3.14 2.66 6.84
N TYR A 34 3.92 2.94 5.80
CA TYR A 34 5.21 2.30 5.65
C TYR A 34 5.99 2.29 6.97
N GLN A 35 5.64 3.24 7.82
CA GLN A 35 6.30 3.36 9.12
C GLN A 35 5.98 2.15 9.99
N LYS A 36 4.69 1.93 10.20
CA LYS A 36 4.24 0.80 11.00
C LYS A 36 4.89 -0.48 10.49
N PHE A 37 5.03 -0.54 9.18
CA PHE A 37 5.63 -1.71 8.55
C PHE A 37 7.15 -1.69 8.70
N GLU A 38 7.69 -0.49 8.84
CA GLU A 38 9.12 -0.32 9.00
C GLU A 38 9.53 -0.63 10.44
N ALA A 39 8.68 -0.24 11.38
CA ALA A 39 8.95 -0.49 12.78
C ALA A 39 8.38 -1.84 13.19
N HIS A 40 7.59 -2.40 12.28
CA HIS A 40 6.97 -3.70 12.53
C HIS A 40 6.83 -4.46 11.21
N PRO A 41 8.00 -4.78 10.60
CA PRO A 41 8.00 -5.50 9.33
C PRO A 41 7.66 -6.98 9.54
N ASN A 42 7.86 -7.44 10.77
CA ASN A 42 7.58 -8.82 11.12
C ASN A 42 6.09 -8.97 11.40
N ASP A 43 5.48 -7.86 11.78
CA ASP A 43 4.05 -7.86 12.09
C ASP A 43 3.27 -7.40 10.86
N LEU A 44 3.57 -6.16 10.44
CA LEU A 44 2.90 -5.59 9.28
C LEU A 44 3.83 -5.68 8.07
N TYR A 45 3.37 -6.41 7.07
CA TYR A 45 4.15 -6.59 5.85
C TYR A 45 3.25 -7.01 4.68
N VAL A 46 3.89 -7.44 3.61
CA VAL A 46 3.17 -7.88 2.42
C VAL A 46 3.71 -9.23 1.98
N GLU A 47 2.86 -9.98 1.30
CA GLU A 47 3.23 -11.30 0.81
C GLU A 47 2.97 -11.39 -0.70
N GLY A 48 3.57 -12.41 -1.31
CA GLY A 48 3.42 -12.63 -2.73
C GLY A 48 4.14 -11.54 -3.53
N LEU A 49 5.20 -11.02 -2.94
CA LEU A 49 5.98 -9.98 -3.58
C LEU A 49 7.01 -10.62 -4.52
N PRO A 50 7.56 -9.78 -5.43
CA PRO A 50 8.55 -10.26 -6.39
C PRO A 50 9.90 -10.47 -5.71
N GLU A 51 10.60 -11.49 -6.19
CA GLU A 51 11.91 -11.83 -5.65
C GLU A 51 12.90 -10.69 -5.92
N ASN A 52 13.73 -10.42 -4.92
CA ASN A 52 14.73 -9.37 -5.04
C ASN A 52 14.03 -8.01 -5.04
N ILE A 53 12.88 -7.97 -4.37
CA ILE A 53 12.11 -6.74 -4.29
C ILE A 53 11.41 -6.68 -2.93
N PRO A 54 11.89 -5.74 -2.07
CA PRO A 54 11.31 -5.56 -0.76
C PRO A 54 9.97 -4.85 -0.83
N PHE A 55 9.52 -4.36 0.32
CA PHE A 55 8.26 -3.66 0.40
C PHE A 55 8.45 -2.21 0.84
N ARG A 56 8.55 -1.33 -0.15
CA ARG A 56 8.74 0.09 0.12
C ARG A 56 7.82 0.92 -0.77
N SER A 57 7.84 2.23 -0.52
CA SER A 57 7.02 3.15 -1.29
C SER A 57 7.31 2.99 -2.79
N PRO A 58 6.35 3.50 -3.61
CA PRO A 58 6.51 3.42 -5.06
C PRO A 58 7.53 4.44 -5.56
N SER A 59 7.62 5.54 -4.84
CA SER A 59 8.55 6.61 -5.20
C SER A 59 9.98 6.06 -5.19
N TRP A 60 10.14 4.90 -4.57
CA TRP A 60 11.45 4.27 -4.49
C TRP A 60 11.57 3.29 -5.65
N TYR A 61 10.66 2.32 -5.67
CA TYR A 61 10.67 1.31 -6.72
C TYR A 61 11.04 1.93 -8.07
N GLY A 62 11.89 1.21 -8.79
CA GLY A 62 12.34 1.67 -10.10
C GLY A 62 11.18 1.71 -11.10
N ILE A 63 11.49 2.12 -12.32
CA ILE A 63 10.49 2.20 -13.36
C ILE A 63 9.99 0.79 -13.69
N PRO A 64 10.97 -0.14 -13.89
CA PRO A 64 10.64 -1.51 -14.22
C PRO A 64 10.13 -2.25 -12.98
N ARG A 65 10.70 -1.89 -11.85
CA ARG A 65 10.32 -2.52 -10.59
C ARG A 65 8.81 -2.39 -10.36
N LEU A 66 8.32 -1.16 -10.45
CA LEU A 66 6.91 -0.89 -10.26
C LEU A 66 6.09 -1.93 -11.04
N GLU A 67 6.21 -1.87 -12.36
CA GLU A 67 5.50 -2.80 -13.21
C GLU A 67 5.59 -4.22 -12.66
N LYS A 68 6.83 -4.68 -12.52
CA LYS A 68 7.07 -6.02 -12.00
C LYS A 68 6.10 -6.30 -10.85
N ILE A 69 6.04 -5.35 -9.93
CA ILE A 69 5.16 -5.48 -8.77
C ILE A 69 3.71 -5.53 -9.25
N ILE A 70 3.39 -4.61 -10.16
CA ILE A 70 2.04 -4.54 -10.69
C ILE A 70 1.67 -5.89 -11.31
N GLN A 71 2.64 -6.48 -11.99
CA GLN A 71 2.43 -7.77 -12.63
C GLN A 71 2.03 -8.82 -11.59
N VAL A 72 2.63 -8.71 -10.42
CA VAL A 72 2.35 -9.63 -9.34
C VAL A 72 1.43 -8.96 -8.31
N GLY A 73 0.92 -7.79 -8.70
CA GLY A 73 0.03 -7.03 -7.83
C GLY A 73 -1.34 -7.69 -7.74
N ASN A 74 -1.50 -8.78 -8.48
CA ASN A 74 -2.75 -9.51 -8.49
C ASN A 74 -2.66 -10.68 -7.51
N ARG A 75 -1.45 -10.94 -7.06
CA ARG A 75 -1.21 -12.02 -6.12
C ARG A 75 -0.76 -11.47 -4.77
N ILE A 76 -0.31 -10.22 -4.80
CA ILE A 76 0.16 -9.57 -3.59
C ILE A 76 -0.82 -9.86 -2.45
N LYS A 77 -0.29 -9.79 -1.23
CA LYS A 77 -1.10 -10.03 -0.05
C LYS A 77 -0.60 -9.16 1.10
N PHE A 78 -1.54 -8.72 1.92
CA PHE A 78 -1.21 -7.88 3.06
C PHE A 78 -1.63 -8.54 4.38
N VAL A 79 -0.63 -8.88 5.17
CA VAL A 79 -0.88 -9.52 6.45
C VAL A 79 -0.89 -8.46 7.56
N ILE A 80 -1.95 -8.47 8.34
CA ILE A 80 -2.10 -7.52 9.43
C ILE A 80 -1.94 -8.25 10.77
N LYS A 81 -0.70 -8.62 11.05
CA LYS A 81 -0.40 -9.33 12.29
C LYS A 81 -0.86 -8.48 13.48
N ARG A 82 -0.58 -7.19 13.39
CA ARG A 82 -0.97 -6.27 14.45
C ARG A 82 -1.59 -5.01 13.85
N PRO A 83 -2.94 -5.06 13.68
CA PRO A 83 -3.67 -3.92 13.13
C PRO A 83 -3.79 -2.79 14.16
N GLU A 84 -3.79 -3.18 15.42
CA GLU A 84 -3.91 -2.22 16.50
C GLU A 84 -2.96 -1.04 16.26
N LEU A 85 -1.74 -1.37 15.86
CA LEU A 85 -0.74 -0.36 15.60
C LEU A 85 -1.34 0.73 14.71
N LEU A 86 -1.98 0.30 13.64
CA LEU A 86 -2.61 1.22 12.72
C LEU A 86 -3.75 1.96 13.42
N THR A 87 -4.49 1.21 14.23
CA THR A 87 -5.60 1.79 14.97
C THR A 87 -5.10 2.88 15.92
N HIS A 88 -5.70 4.05 15.79
CA HIS A 88 -5.33 5.18 16.63
C HIS A 88 -6.39 6.28 16.50
N SER A 89 -6.23 7.31 17.33
CA SER A 89 -7.15 8.43 17.32
C SER A 89 -6.66 9.52 18.26
N THR A 90 -7.16 10.73 18.03
CA THR A 90 -6.78 11.86 18.86
C THR A 90 -7.99 12.77 19.10
N THR A 91 -8.72 12.46 20.16
CA THR A 91 -9.90 13.23 20.51
C THR A 91 -10.57 13.79 19.25
N GLU A 92 -10.89 12.87 18.35
CA GLU A 92 -11.54 13.25 17.10
C GLU A 92 -12.87 13.93 17.38
N VAL A 93 -13.68 13.27 18.19
CA VAL A 93 -14.98 13.80 18.55
C VAL A 93 -15.57 14.56 17.35
N SER A 94 -15.41 13.96 16.18
CA SER A 94 -15.91 14.56 14.95
C SER A 94 -17.27 13.96 14.59
N GLY A 95 -18.01 14.70 13.77
CA GLY A 95 -19.33 14.24 13.34
C GLY A 95 -20.14 15.41 12.77
N PRO A 96 -21.31 15.05 12.18
CA PRO A 96 -22.18 16.05 11.59
C PRO A 96 -22.94 16.83 12.68
N SER A 97 -22.23 17.78 13.27
CA SER A 97 -22.80 18.60 14.32
C SER A 97 -21.76 19.60 14.83
N SER A 98 -22.24 20.81 15.09
CA SER A 98 -21.37 21.86 15.58
C SER A 98 -20.31 22.20 14.53
N GLY A 99 -20.63 23.19 13.71
CA GLY A 99 -19.72 23.61 12.66
C GLY A 99 -19.14 25.00 12.96
N GLY A 1 -8.01 10.45 -9.95
CA GLY A 1 -7.03 9.39 -9.81
C GLY A 1 -6.33 9.11 -11.14
N SER A 2 -7.07 8.50 -12.05
CA SER A 2 -6.53 8.17 -13.36
C SER A 2 -7.40 8.80 -14.46
N SER A 3 -6.74 9.31 -15.48
CA SER A 3 -7.44 9.93 -16.59
C SER A 3 -6.89 9.41 -17.91
N GLY A 4 -5.58 9.56 -18.07
CA GLY A 4 -4.91 9.10 -19.29
C GLY A 4 -3.40 9.01 -19.09
N SER A 5 -2.98 7.93 -18.45
CA SER A 5 -1.57 7.71 -18.18
C SER A 5 -1.39 6.52 -17.25
N SER A 6 -0.23 5.88 -17.38
CA SER A 6 0.08 4.71 -16.57
C SER A 6 0.38 5.15 -15.14
N GLY A 7 1.36 6.03 -15.02
CA GLY A 7 1.76 6.54 -13.71
C GLY A 7 2.01 5.39 -12.74
N LEU A 8 2.96 4.54 -13.10
CA LEU A 8 3.30 3.40 -12.26
C LEU A 8 3.23 3.81 -10.79
N ARG A 9 4.08 4.76 -10.44
CA ARG A 9 4.14 5.25 -9.07
C ARG A 9 2.73 5.32 -8.48
N LYS A 10 1.90 6.15 -9.11
CA LYS A 10 0.52 6.32 -8.66
C LYS A 10 -0.14 4.94 -8.55
N MET A 11 -0.16 4.22 -9.67
CA MET A 11 -0.76 2.90 -9.71
C MET A 11 -0.29 2.05 -8.53
N VAL A 12 1.01 1.81 -8.50
CA VAL A 12 1.60 1.01 -7.44
C VAL A 12 1.10 1.53 -6.08
N ASP A 13 1.22 2.84 -5.91
CA ASP A 13 0.79 3.46 -4.67
C ASP A 13 -0.63 3.00 -4.34
N GLN A 14 -1.48 3.03 -5.35
CA GLN A 14 -2.86 2.61 -5.19
C GLN A 14 -2.94 1.11 -4.95
N LEU A 15 -2.22 0.37 -5.78
CA LEU A 15 -2.20 -1.08 -5.68
C LEU A 15 -2.09 -1.48 -4.21
N PHE A 16 -0.97 -1.09 -3.61
CA PHE A 16 -0.73 -1.41 -2.21
C PHE A 16 -1.88 -0.90 -1.32
N CYS A 17 -2.24 0.36 -1.54
CA CYS A 17 -3.32 0.97 -0.77
C CYS A 17 -4.51 0.01 -0.78
N LYS A 18 -4.99 -0.27 -1.98
CA LYS A 18 -6.12 -1.17 -2.14
C LYS A 18 -5.88 -2.45 -1.35
N LYS A 19 -4.93 -3.23 -1.82
CA LYS A 19 -4.59 -4.49 -1.17
C LYS A 19 -4.57 -4.27 0.35
N PHE A 20 -3.72 -3.35 0.77
CA PHE A 20 -3.59 -3.04 2.19
C PHE A 20 -4.98 -2.87 2.84
N ALA A 21 -5.83 -2.17 2.11
CA ALA A 21 -7.19 -1.92 2.59
C ALA A 21 -7.91 -3.26 2.80
N GLU A 22 -7.74 -4.13 1.82
CA GLU A 22 -8.36 -5.45 1.87
C GLU A 22 -8.04 -6.12 3.21
N ALA A 23 -6.76 -6.22 3.50
CA ALA A 23 -6.32 -6.85 4.73
C ALA A 23 -6.86 -6.07 5.92
N LEU A 24 -7.11 -4.78 5.69
CA LEU A 24 -7.63 -3.92 6.73
C LEU A 24 -9.16 -4.04 6.77
N GLY A 25 -9.69 -4.64 5.72
CA GLY A 25 -11.14 -4.83 5.62
C GLY A 25 -11.86 -3.49 5.52
N SER A 26 -11.46 -2.71 4.53
CA SER A 26 -12.05 -1.40 4.31
C SER A 26 -12.61 -1.31 2.88
N THR A 27 -13.56 -0.41 2.72
CA THR A 27 -14.18 -0.21 1.42
C THR A 27 -13.37 0.77 0.58
N GLU A 28 -12.99 1.87 1.21
CA GLU A 28 -12.20 2.89 0.54
C GLU A 28 -10.72 2.57 0.63
N ALA A 29 -9.93 3.30 -0.15
CA ALA A 29 -8.49 3.09 -0.17
C ALA A 29 -7.86 3.93 0.96
N LYS A 30 -6.79 3.38 1.50
CA LYS A 30 -6.07 4.05 2.59
C LYS A 30 -4.59 4.09 2.27
N ALA A 31 -3.87 4.91 3.02
CA ALA A 31 -2.44 5.05 2.83
C ALA A 31 -1.70 3.98 3.64
N VAL A 32 -0.72 3.37 3.01
CA VAL A 32 0.07 2.34 3.65
C VAL A 32 1.16 2.98 4.50
N PRO A 33 1.04 2.79 5.85
CA PRO A 33 2.00 3.35 6.77
C PRO A 33 3.30 2.55 6.75
N TYR A 34 4.09 2.79 5.71
CA TYR A 34 5.36 2.11 5.56
C TYR A 34 6.13 2.07 6.88
N GLN A 35 5.83 3.05 7.73
CA GLN A 35 6.49 3.15 9.02
C GLN A 35 6.09 1.96 9.91
N LYS A 36 4.79 1.83 10.11
CA LYS A 36 4.27 0.75 10.93
C LYS A 36 4.88 -0.57 10.47
N PHE A 37 5.03 -0.68 9.16
CA PHE A 37 5.60 -1.89 8.59
C PHE A 37 7.12 -1.96 8.82
N GLU A 38 7.72 -0.78 8.94
CA GLU A 38 9.15 -0.70 9.17
C GLU A 38 9.47 -0.97 10.63
N ALA A 39 8.58 -0.50 11.50
CA ALA A 39 8.76 -0.68 12.93
C ALA A 39 8.16 -2.03 13.34
N HIS A 40 7.42 -2.62 12.42
CA HIS A 40 6.78 -3.90 12.66
C HIS A 40 6.67 -4.69 11.35
N PRO A 41 7.87 -5.03 10.78
CA PRO A 41 7.91 -5.77 9.53
C PRO A 41 7.56 -7.24 9.76
N ASN A 42 7.63 -7.65 11.02
CA ASN A 42 7.33 -9.02 11.38
C ASN A 42 5.80 -9.19 11.47
N ASP A 43 5.16 -8.17 12.00
CA ASP A 43 3.71 -8.19 12.15
C ASP A 43 3.06 -7.56 10.92
N LEU A 44 3.48 -6.33 10.63
CA LEU A 44 2.96 -5.61 9.50
C LEU A 44 3.92 -5.75 8.32
N TYR A 45 3.42 -6.36 7.26
CA TYR A 45 4.22 -6.57 6.06
C TYR A 45 3.35 -6.98 4.87
N VAL A 46 4.02 -7.34 3.79
CA VAL A 46 3.31 -7.76 2.59
C VAL A 46 3.85 -9.11 2.13
N GLU A 47 3.00 -9.85 1.43
CA GLU A 47 3.38 -11.16 0.92
C GLU A 47 3.10 -11.26 -0.58
N GLY A 48 3.60 -12.34 -1.17
CA GLY A 48 3.41 -12.55 -2.59
C GLY A 48 4.14 -11.50 -3.41
N LEU A 49 5.24 -11.00 -2.84
CA LEU A 49 6.03 -9.98 -3.51
C LEU A 49 7.02 -10.64 -4.46
N PRO A 50 7.58 -9.82 -5.38
CA PRO A 50 8.54 -10.32 -6.35
C PRO A 50 9.90 -10.58 -5.69
N GLU A 51 10.67 -11.45 -6.32
CA GLU A 51 11.99 -11.78 -5.81
C GLU A 51 12.97 -10.64 -6.10
N ASN A 52 13.82 -10.39 -5.11
CA ASN A 52 14.82 -9.33 -5.24
C ASN A 52 14.11 -7.97 -5.23
N ILE A 53 12.97 -7.94 -4.54
CA ILE A 53 12.20 -6.71 -4.44
C ILE A 53 11.55 -6.63 -3.06
N PRO A 54 12.05 -5.68 -2.24
CA PRO A 54 11.52 -5.50 -0.89
C PRO A 54 10.16 -4.79 -0.94
N PHE A 55 9.73 -4.36 0.24
CA PHE A 55 8.44 -3.68 0.35
C PHE A 55 8.63 -2.22 0.77
N ARG A 56 8.72 -1.36 -0.24
CA ARG A 56 8.90 0.06 0.01
C ARG A 56 7.92 0.88 -0.85
N SER A 57 7.93 2.18 -0.62
CA SER A 57 7.05 3.08 -1.35
C SER A 57 7.30 2.94 -2.85
N PRO A 58 6.34 3.48 -3.64
CA PRO A 58 6.44 3.43 -5.09
C PRO A 58 7.48 4.44 -5.61
N SER A 59 7.66 5.49 -4.83
CA SER A 59 8.60 6.54 -5.19
C SER A 59 10.02 5.95 -5.25
N TRP A 60 10.21 4.88 -4.50
CA TRP A 60 11.50 4.22 -4.45
C TRP A 60 11.59 3.27 -5.65
N TYR A 61 10.68 2.31 -5.67
CA TYR A 61 10.64 1.33 -6.75
C TYR A 61 10.98 1.99 -8.09
N GLY A 62 11.85 1.31 -8.84
CA GLY A 62 12.27 1.81 -10.13
C GLY A 62 11.09 1.86 -11.11
N ILE A 63 11.40 2.28 -12.33
CA ILE A 63 10.38 2.39 -13.36
C ILE A 63 9.87 0.98 -13.70
N PRO A 64 10.85 0.06 -13.93
CA PRO A 64 10.51 -1.32 -14.26
C PRO A 64 10.02 -2.08 -13.03
N ARG A 65 10.62 -1.74 -11.89
CA ARG A 65 10.26 -2.38 -10.63
C ARG A 65 8.75 -2.26 -10.39
N LEU A 66 8.26 -1.04 -10.51
CA LEU A 66 6.84 -0.77 -10.31
C LEU A 66 6.02 -1.81 -11.06
N GLU A 67 6.15 -1.78 -12.39
CA GLU A 67 5.43 -2.71 -13.23
C GLU A 67 5.54 -4.13 -12.68
N LYS A 68 6.78 -4.58 -12.54
CA LYS A 68 7.03 -5.92 -12.03
C LYS A 68 6.06 -6.21 -10.89
N ILE A 69 6.04 -5.31 -9.92
CA ILE A 69 5.17 -5.45 -8.77
C ILE A 69 3.71 -5.51 -9.24
N ILE A 70 3.37 -4.60 -10.14
CA ILE A 70 2.03 -4.55 -10.68
C ILE A 70 1.66 -5.89 -11.29
N GLN A 71 2.65 -6.51 -11.93
CA GLN A 71 2.45 -7.80 -12.56
C GLN A 71 2.06 -8.84 -11.50
N VAL A 72 2.63 -8.68 -10.32
CA VAL A 72 2.35 -9.60 -9.22
C VAL A 72 1.41 -8.92 -8.22
N GLY A 73 0.90 -7.77 -8.63
CA GLY A 73 0.00 -7.01 -7.78
C GLY A 73 -1.34 -7.74 -7.62
N ASN A 74 -1.49 -8.82 -8.38
CA ASN A 74 -2.69 -9.61 -8.33
C ASN A 74 -2.50 -10.79 -7.37
N ARG A 75 -1.26 -10.99 -6.97
CA ARG A 75 -0.93 -12.07 -6.06
C ARG A 75 -0.50 -11.49 -4.70
N ILE A 76 -0.14 -10.22 -4.72
CA ILE A 76 0.29 -9.55 -3.50
C ILE A 76 -0.68 -9.88 -2.37
N LYS A 77 -0.18 -9.78 -1.15
CA LYS A 77 -1.00 -10.06 0.02
C LYS A 77 -0.55 -9.16 1.17
N PHE A 78 -1.52 -8.80 2.01
CA PHE A 78 -1.24 -7.95 3.16
C PHE A 78 -1.65 -8.63 4.46
N VAL A 79 -0.65 -8.84 5.31
CA VAL A 79 -0.89 -9.49 6.60
C VAL A 79 -0.88 -8.43 7.70
N ILE A 80 -2.04 -8.27 8.33
CA ILE A 80 -2.18 -7.30 9.40
C ILE A 80 -2.12 -8.02 10.75
N LYS A 81 -0.92 -8.44 11.11
CA LYS A 81 -0.71 -9.14 12.37
C LYS A 81 -1.10 -8.22 13.53
N ARG A 82 -0.84 -6.94 13.33
CA ARG A 82 -1.15 -5.95 14.35
C ARG A 82 -1.74 -4.69 13.71
N PRO A 83 -3.08 -4.71 13.53
CA PRO A 83 -3.76 -3.57 12.92
C PRO A 83 -3.89 -2.42 13.91
N GLU A 84 -4.05 -2.77 15.18
CA GLU A 84 -4.17 -1.77 16.22
C GLU A 84 -3.06 -0.73 16.10
N LEU A 85 -1.87 -1.22 15.79
CA LEU A 85 -0.72 -0.34 15.64
C LEU A 85 -1.12 0.88 14.80
N LEU A 86 -1.99 0.62 13.84
CA LEU A 86 -2.46 1.68 12.96
C LEU A 86 -3.42 2.60 13.73
N THR A 87 -4.32 1.97 14.46
CA THR A 87 -5.29 2.72 15.25
C THR A 87 -4.57 3.72 16.16
N HIS A 88 -4.73 4.99 15.82
CA HIS A 88 -4.11 6.05 16.60
C HIS A 88 -5.18 7.07 17.02
N SER A 89 -5.84 7.63 16.01
CA SER A 89 -6.88 8.62 16.25
C SER A 89 -7.55 9.01 14.93
N THR A 90 -8.46 8.16 14.50
CA THR A 90 -9.19 8.41 13.26
C THR A 90 -8.24 8.95 12.20
N THR A 91 -8.75 9.90 11.43
CA THR A 91 -7.97 10.53 10.38
C THR A 91 -8.07 12.05 10.45
N GLU A 92 -7.14 12.71 9.78
CA GLU A 92 -7.12 14.16 9.76
C GLU A 92 -6.45 14.67 8.49
N VAL A 93 -6.56 15.97 8.27
CA VAL A 93 -5.97 16.60 7.09
C VAL A 93 -4.45 16.65 7.27
N SER A 94 -3.76 16.17 6.24
CA SER A 94 -2.31 16.16 6.26
C SER A 94 -1.77 17.27 5.36
N GLY A 95 -1.32 18.33 6.02
CA GLY A 95 -0.77 19.47 5.29
C GLY A 95 0.56 19.11 4.63
N PRO A 96 1.30 20.17 4.20
CA PRO A 96 2.58 19.98 3.54
C PRO A 96 3.66 19.60 4.55
N SER A 97 3.76 20.42 5.60
CA SER A 97 4.74 20.18 6.63
C SER A 97 4.18 19.22 7.68
N SER A 98 5.08 18.49 8.32
CA SER A 98 4.69 17.53 9.34
C SER A 98 5.86 17.27 10.29
N GLY A 99 5.59 17.46 11.57
CA GLY A 99 6.60 17.25 12.59
C GLY A 99 6.53 15.83 13.15
#